data_4CSQ
#
_entry.id   4CSQ
#
_cell.length_a   1.000
_cell.length_b   1.000
_cell.length_c   1.000
_cell.angle_alpha   90.00
_cell.angle_beta   90.00
_cell.angle_gamma   90.00
#
_symmetry.space_group_name_H-M   'P 1'
#
_entity_poly.entity_id   1
_entity_poly.type   'polypeptide(L)'
_entity_poly.pdbx_seq_one_letter_code
;GSHMTTQRYLLDELETADMLEIDGLHAWRFELNENLLDQADLAAEADQPFASEDWVLAVESLDGRTRREWRFSYNAVMEA
EPQADGESWRLTTGEGAYQLRCLGAVSASGEDE
;
_entity_poly.pdbx_strand_id   A
#
# COMPACT_ATOMS: atom_id res chain seq x y z
N GLY A 1 4.16 17.15 3.37
CA GLY A 1 3.08 16.90 2.41
C GLY A 1 3.31 15.64 1.61
N SER A 2 4.38 15.62 0.83
CA SER A 2 4.79 14.43 0.12
C SER A 2 6.32 14.29 0.18
N HIS A 3 6.82 13.62 1.22
CA HIS A 3 8.25 13.44 1.41
C HIS A 3 8.74 12.21 0.65
N MET A 4 7.92 11.15 0.61
CA MET A 4 8.30 9.95 -0.10
C MET A 4 8.09 10.10 -1.59
N THR A 5 9.14 10.58 -2.19
CA THR A 5 9.26 10.76 -3.61
C THR A 5 10.54 10.08 -4.09
N THR A 6 11.57 10.17 -3.26
CA THR A 6 12.85 9.53 -3.53
C THR A 6 12.95 8.21 -2.76
N GLN A 7 12.14 8.13 -1.72
CA GLN A 7 11.88 6.90 -1.00
C GLN A 7 10.58 6.35 -1.50
N ARG A 8 10.65 5.31 -2.30
CA ARG A 8 9.48 4.82 -2.96
C ARG A 8 9.14 3.49 -2.40
N TYR A 9 8.34 3.54 -1.36
CA TYR A 9 7.82 2.37 -0.73
C TYR A 9 6.47 2.04 -1.35
N LEU A 10 5.82 1.02 -0.82
CA LEU A 10 4.44 0.71 -1.20
C LEU A 10 3.50 1.86 -0.79
N LEU A 11 3.90 2.58 0.26
CA LEU A 11 3.21 3.77 0.73
C LEU A 11 3.18 4.88 -0.34
N ASP A 12 4.33 5.10 -1.00
CA ASP A 12 4.45 6.09 -2.09
C ASP A 12 3.50 5.76 -3.26
N GLU A 13 3.28 4.47 -3.48
CA GLU A 13 2.54 3.98 -4.63
C GLU A 13 1.03 3.99 -4.43
N LEU A 14 0.55 3.60 -3.24
CA LEU A 14 -0.90 3.53 -2.98
C LEU A 14 -1.57 4.92 -2.90
N GLU A 15 -0.77 5.95 -2.63
CA GLU A 15 -1.23 7.34 -2.63
C GLU A 15 -1.70 7.79 -4.01
N THR A 16 -0.95 7.42 -5.04
CA THR A 16 -1.24 7.84 -6.41
C THR A 16 -2.04 6.80 -7.19
N ALA A 17 -2.18 5.59 -6.64
CA ALA A 17 -2.80 4.47 -7.35
C ALA A 17 -4.31 4.60 -7.46
N ASP A 18 -4.86 3.96 -8.47
CA ASP A 18 -6.30 3.86 -8.68
C ASP A 18 -6.75 2.42 -8.46
N MET A 19 -6.02 1.50 -9.08
CA MET A 19 -6.31 0.07 -9.00
C MET A 19 -5.19 -0.62 -8.20
N LEU A 20 -5.51 -1.72 -7.54
CA LEU A 20 -4.52 -2.44 -6.76
C LEU A 20 -4.75 -3.94 -6.90
N GLU A 21 -3.74 -4.67 -7.35
CA GLU A 21 -3.82 -6.12 -7.48
C GLU A 21 -3.16 -6.80 -6.30
N ILE A 22 -3.61 -8.02 -6.00
CA ILE A 22 -3.02 -8.81 -4.96
C ILE A 22 -2.86 -10.28 -5.43
N ASP A 23 -1.59 -10.67 -5.68
CA ASP A 23 -1.19 -12.02 -6.17
C ASP A 23 -1.79 -12.30 -7.58
N GLY A 24 -2.08 -11.22 -8.33
CA GLY A 24 -2.67 -11.36 -9.65
C GLY A 24 -4.18 -11.13 -9.66
N LEU A 25 -4.78 -11.08 -8.47
CA LEU A 25 -6.21 -10.86 -8.33
C LEU A 25 -6.46 -9.37 -8.14
N HIS A 26 -7.11 -8.74 -9.11
CA HIS A 26 -7.36 -7.29 -9.06
C HIS A 26 -8.48 -6.95 -8.07
N ALA A 27 -8.25 -5.94 -7.25
CA ALA A 27 -9.25 -5.44 -6.32
C ALA A 27 -9.94 -4.23 -6.91
N TRP A 28 -11.24 -4.14 -6.66
CA TRP A 28 -12.05 -3.06 -7.21
C TRP A 28 -12.09 -1.87 -6.22
N ARG A 29 -11.69 -2.15 -4.97
CA ARG A 29 -11.76 -1.20 -3.89
C ARG A 29 -10.55 -1.36 -2.97
N PHE A 30 -10.04 -0.24 -2.46
CA PHE A 30 -9.10 -0.24 -1.36
C PHE A 30 -9.19 1.08 -0.60
N GLU A 31 -8.97 1.02 0.70
CA GLU A 31 -9.09 2.19 1.55
C GLU A 31 -7.83 2.38 2.36
N LEU A 32 -7.55 3.62 2.71
CA LEU A 32 -6.30 3.97 3.33
C LEU A 32 -6.53 4.65 4.68
N ASN A 33 -5.62 4.41 5.61
CA ASN A 33 -5.62 5.09 6.90
C ASN A 33 -4.90 6.43 6.75
N GLU A 34 -5.65 7.45 6.32
CA GLU A 34 -5.09 8.75 5.94
C GLU A 34 -4.67 9.56 7.16
N ASN A 35 -5.34 9.27 8.27
CA ASN A 35 -5.01 9.78 9.58
C ASN A 35 -3.59 9.37 10.00
N LEU A 36 -3.26 8.11 9.74
CA LEU A 36 -1.94 7.56 10.06
C LEU A 36 -0.90 8.02 9.03
N LEU A 37 -1.36 8.36 7.83
CA LEU A 37 -0.46 8.75 6.74
C LEU A 37 -0.06 10.21 6.81
N ASP A 38 -0.85 10.98 7.54
CA ASP A 38 -0.46 12.32 7.95
C ASP A 38 0.73 12.25 8.89
N GLN A 39 0.64 11.35 9.87
CA GLN A 39 1.68 11.17 10.89
C GLN A 39 2.93 10.49 10.34
N ALA A 40 2.73 9.65 9.33
CA ALA A 40 3.80 8.98 8.62
C ALA A 40 4.66 9.97 7.84
N ASP A 41 4.00 10.84 7.08
CA ASP A 41 4.69 11.87 6.31
C ASP A 41 5.25 12.97 7.21
N LEU A 42 4.57 13.24 8.32
CA LEU A 42 5.02 14.20 9.34
C LEU A 42 6.38 13.79 9.94
N ALA A 43 6.52 12.49 10.20
CA ALA A 43 7.77 11.91 10.67
C ALA A 43 8.81 11.92 9.57
N ALA A 44 8.39 11.61 8.33
CA ALA A 44 9.28 11.55 7.16
C ALA A 44 9.88 12.92 6.83
N GLU A 45 9.09 13.99 7.00
CA GLU A 45 9.53 15.37 6.77
C GLU A 45 10.55 15.83 7.81
N ALA A 46 10.57 15.13 8.95
CA ALA A 46 11.57 15.37 10.00
C ALA A 46 12.77 14.40 9.84
N ASP A 47 12.75 13.63 8.73
CA ASP A 47 13.78 12.64 8.36
C ASP A 47 13.81 11.44 9.34
N GLN A 48 12.68 11.19 9.98
CA GLN A 48 12.56 10.10 10.95
C GLN A 48 11.74 8.97 10.34
N PRO A 49 12.30 7.72 10.29
CA PRO A 49 11.54 6.54 9.84
C PRO A 49 10.31 6.26 10.70
N PHE A 50 9.17 6.19 10.05
CA PHE A 50 7.92 5.91 10.75
C PHE A 50 7.57 4.44 10.60
N ALA A 51 7.21 3.82 11.70
CA ALA A 51 6.79 2.43 11.71
C ALA A 51 5.68 2.23 12.75
N SER A 52 4.54 1.74 12.29
CA SER A 52 3.40 1.51 13.14
C SER A 52 2.74 0.19 12.75
N GLU A 53 2.31 -0.58 13.74
CA GLU A 53 1.64 -1.86 13.49
C GLU A 53 0.12 -1.71 13.43
N ASP A 54 -0.36 -0.48 13.30
CA ASP A 54 -1.77 -0.21 13.01
C ASP A 54 -2.01 -0.46 11.52
N TRP A 55 -3.26 -0.61 11.12
CA TRP A 55 -3.62 -0.87 9.73
C TRP A 55 -3.34 0.36 8.86
N VAL A 56 -3.11 0.14 7.58
CA VAL A 56 -2.95 1.24 6.64
C VAL A 56 -3.78 1.01 5.39
N LEU A 57 -4.04 -0.26 5.07
CA LEU A 57 -4.60 -0.62 3.80
C LEU A 57 -5.56 -1.79 3.92
N ALA A 58 -6.80 -1.55 3.57
CA ALA A 58 -7.79 -2.60 3.46
C ALA A 58 -8.14 -2.78 2.00
N VAL A 59 -7.76 -3.93 1.47
CA VAL A 59 -7.88 -4.25 0.07
C VAL A 59 -9.11 -5.14 -0.15
N GLU A 60 -10.09 -4.65 -0.88
CA GLU A 60 -11.33 -5.40 -1.09
C GLU A 60 -11.56 -5.72 -2.57
N SER A 61 -11.66 -7.00 -2.86
CA SER A 61 -12.12 -7.46 -4.15
C SER A 61 -13.41 -8.24 -3.96
N LEU A 62 -14.26 -8.26 -4.97
CA LEU A 62 -15.45 -9.10 -4.93
C LEU A 62 -15.27 -10.24 -5.93
N ASP A 63 -15.29 -11.47 -5.44
CA ASP A 63 -15.34 -12.61 -6.33
C ASP A 63 -16.75 -13.18 -6.26
N GLY A 64 -17.42 -13.16 -7.41
CA GLY A 64 -18.86 -13.32 -7.42
C GLY A 64 -19.51 -12.09 -6.82
N ARG A 65 -20.08 -12.23 -5.64
CA ARG A 65 -20.59 -11.08 -4.88
C ARG A 65 -20.19 -11.12 -3.42
N THR A 66 -19.16 -11.91 -3.09
CA THR A 66 -18.66 -11.97 -1.73
C THR A 66 -17.58 -10.90 -1.52
N ARG A 67 -17.52 -10.32 -0.32
CA ARG A 67 -16.47 -9.36 0.00
C ARG A 67 -15.24 -10.09 0.50
N ARG A 68 -14.12 -9.81 -0.14
CA ARG A 68 -12.86 -10.40 0.24
C ARG A 68 -11.90 -9.27 0.63
N GLU A 69 -11.51 -9.24 1.90
CA GLU A 69 -10.81 -8.10 2.45
C GLU A 69 -9.51 -8.51 3.12
N TRP A 70 -8.42 -7.95 2.64
CA TRP A 70 -7.10 -8.18 3.22
C TRP A 70 -6.63 -6.91 3.88
N ARG A 71 -6.30 -6.98 5.15
CA ARG A 71 -5.83 -5.81 5.85
C ARG A 71 -4.35 -5.93 6.15
N PHE A 72 -3.62 -4.89 5.78
CA PHE A 72 -2.19 -4.83 5.95
C PHE A 72 -1.84 -3.73 6.92
N SER A 73 -0.89 -4.02 7.82
CA SER A 73 -0.37 -3.02 8.72
C SER A 73 0.59 -2.09 7.99
N TYR A 74 0.81 -0.91 8.55
CA TYR A 74 1.78 0.04 8.03
C TYR A 74 3.19 -0.55 8.09
N ASN A 75 3.42 -1.39 9.09
CA ASN A 75 4.69 -2.08 9.29
C ASN A 75 4.96 -3.04 8.14
N ALA A 76 3.96 -3.83 7.75
CA ALA A 76 4.05 -4.78 6.63
C ALA A 76 4.31 -4.06 5.30
N VAL A 77 3.66 -2.90 5.11
CA VAL A 77 3.84 -2.04 3.92
C VAL A 77 5.26 -1.42 3.84
N MET A 78 5.90 -1.21 4.99
CA MET A 78 7.31 -0.77 5.04
C MET A 78 8.27 -1.92 4.77
N GLU A 79 7.86 -3.14 5.14
CA GLU A 79 8.66 -4.36 4.95
C GLU A 79 8.39 -5.01 3.61
N ALA A 80 7.53 -4.37 2.82
CA ALA A 80 7.14 -4.87 1.50
C ALA A 80 8.24 -4.63 0.49
N GLU A 81 8.66 -5.72 -0.13
CA GLU A 81 9.82 -5.73 -1.00
C GLU A 81 9.48 -5.31 -2.42
N PRO A 82 10.23 -4.36 -3.01
CA PRO A 82 10.06 -4.01 -4.43
C PRO A 82 10.49 -5.14 -5.34
N GLN A 83 9.55 -5.61 -6.15
CA GLN A 83 9.82 -6.71 -7.06
C GLN A 83 10.32 -6.19 -8.41
N ALA A 84 10.73 -7.10 -9.28
CA ALA A 84 11.34 -6.75 -10.58
C ALA A 84 10.30 -6.32 -11.63
N ASP A 85 9.02 -6.43 -11.28
CA ASP A 85 7.93 -5.92 -12.11
C ASP A 85 7.84 -4.38 -12.01
N GLY A 86 8.37 -3.84 -10.90
CA GLY A 86 8.42 -2.41 -10.67
C GLY A 86 7.16 -1.81 -10.06
N GLU A 87 6.06 -2.56 -10.10
CA GLU A 87 4.83 -2.13 -9.46
C GLU A 87 4.41 -3.11 -8.37
N SER A 88 5.03 -4.27 -8.37
CA SER A 88 4.65 -5.33 -7.44
C SER A 88 5.48 -5.27 -6.16
N TRP A 89 4.81 -5.55 -5.05
CA TRP A 89 5.44 -5.54 -3.72
C TRP A 89 5.17 -6.85 -3.00
N ARG A 90 6.18 -7.37 -2.33
CA ARG A 90 6.06 -8.65 -1.66
C ARG A 90 5.66 -8.46 -0.20
N LEU A 91 4.39 -8.70 0.09
CA LEU A 91 3.88 -8.59 1.46
C LEU A 91 3.97 -9.94 2.12
N THR A 92 5.00 -10.13 2.90
CA THR A 92 5.19 -11.36 3.60
C THR A 92 4.67 -11.25 5.02
N THR A 93 3.46 -11.74 5.20
CA THR A 93 2.78 -11.62 6.48
C THR A 93 2.77 -12.99 7.15
N GLY A 94 2.23 -13.05 8.38
CA GLY A 94 2.13 -14.31 9.09
C GLY A 94 0.94 -15.13 8.63
N GLU A 95 0.11 -14.55 7.76
CA GLU A 95 -0.99 -15.27 7.12
C GLU A 95 -0.55 -15.83 5.78
N GLY A 96 0.31 -15.08 5.06
CA GLY A 96 0.80 -15.51 3.78
C GLY A 96 1.48 -14.39 3.00
N ALA A 97 1.96 -14.70 1.82
CA ALA A 97 2.59 -13.71 0.95
C ALA A 97 1.56 -13.19 -0.06
N TYR A 98 1.49 -11.87 -0.20
CA TYR A 98 0.51 -11.21 -1.05
C TYR A 98 1.20 -10.17 -1.93
N GLN A 99 1.09 -10.34 -3.24
CA GLN A 99 1.77 -9.47 -4.19
C GLN A 99 0.92 -8.23 -4.50
N LEU A 100 1.24 -7.10 -3.90
CA LEU A 100 0.46 -5.89 -4.09
C LEU A 100 1.03 -5.05 -5.21
N ARG A 101 0.31 -4.96 -6.29
CA ARG A 101 0.75 -4.25 -7.44
C ARG A 101 -0.16 -3.06 -7.71
N CYS A 102 0.36 -1.85 -7.46
CA CYS A 102 -0.44 -0.64 -7.61
C CYS A 102 -0.42 -0.17 -9.05
N LEU A 103 -1.62 -0.02 -9.60
CA LEU A 103 -1.80 0.34 -11.00
C LEU A 103 -2.56 1.64 -11.12
N GLY A 104 -2.24 2.43 -12.13
CA GLY A 104 -2.99 3.64 -12.41
C GLY A 104 -2.53 4.84 -11.63
N ALA A 105 -3.04 5.99 -12.02
CA ALA A 105 -2.65 7.27 -11.42
C ALA A 105 -3.81 8.23 -11.39
N VAL A 106 -4.72 8.03 -10.44
CA VAL A 106 -5.86 8.93 -10.24
C VAL A 106 -5.87 9.48 -8.82
N SER A 107 -5.03 8.87 -7.98
CA SER A 107 -4.91 9.13 -6.53
C SER A 107 -6.21 8.82 -5.78
N ALA A 108 -6.28 7.63 -5.18
CA ALA A 108 -7.46 7.19 -4.44
C ALA A 108 -7.52 7.79 -3.03
N SER A 109 -6.40 8.34 -2.57
CA SER A 109 -6.33 9.04 -1.29
C SER A 109 -7.14 10.33 -1.31
N GLY A 110 -7.76 10.64 -0.18
CA GLY A 110 -8.60 11.83 -0.07
C GLY A 110 -10.05 11.49 0.14
N GLU A 111 -10.31 10.61 1.11
CA GLU A 111 -11.66 10.14 1.35
C GLU A 111 -12.21 10.72 2.64
N ASP A 112 -11.71 10.26 3.80
CA ASP A 112 -12.21 10.73 5.09
C ASP A 112 -11.22 10.42 6.23
N GLU A 113 -11.14 9.14 6.60
CA GLU A 113 -10.44 8.73 7.80
C GLU A 113 -9.01 8.31 7.50
N GLY A 1 21.05 15.51 -13.01
CA GLY A 1 22.22 14.68 -12.61
C GLY A 1 21.86 13.71 -11.50
N SER A 2 22.58 13.81 -10.40
CA SER A 2 22.41 12.91 -9.25
C SER A 2 21.43 13.53 -8.24
N HIS A 3 21.39 12.96 -7.01
CA HIS A 3 20.62 13.48 -5.85
C HIS A 3 19.09 13.24 -6.00
N MET A 4 18.71 12.40 -6.97
CA MET A 4 17.32 12.02 -7.15
C MET A 4 16.96 10.93 -6.16
N THR A 5 16.12 11.29 -5.20
CA THR A 5 15.76 10.42 -4.09
C THR A 5 14.85 9.29 -4.55
N THR A 6 13.91 9.64 -5.46
CA THR A 6 13.10 8.72 -6.27
C THR A 6 12.50 7.55 -5.47
N GLN A 7 11.87 7.90 -4.33
CA GLN A 7 11.21 6.94 -3.44
C GLN A 7 10.07 6.19 -4.13
N ARG A 8 10.35 4.93 -4.48
CA ARG A 8 9.33 4.02 -4.93
C ARG A 8 9.17 2.95 -3.88
N TYR A 9 8.48 3.32 -2.81
CA TYR A 9 8.04 2.38 -1.81
C TYR A 9 6.58 2.09 -2.06
N LEU A 10 6.05 1.05 -1.40
CA LEU A 10 4.63 0.69 -1.56
C LEU A 10 3.73 1.82 -1.08
N LEU A 11 4.20 2.58 -0.08
CA LEU A 11 3.51 3.80 0.37
C LEU A 11 3.36 4.81 -0.75
N ASP A 12 4.44 5.11 -1.47
CA ASP A 12 4.41 6.07 -2.58
C ASP A 12 3.51 5.56 -3.72
N GLU A 13 3.51 4.25 -3.90
CA GLU A 13 2.70 3.60 -4.92
C GLU A 13 1.20 3.68 -4.60
N LEU A 14 0.81 3.46 -3.33
CA LEU A 14 -0.61 3.47 -2.93
C LEU A 14 -1.19 4.88 -2.85
N GLU A 15 -0.31 5.88 -2.68
CA GLU A 15 -0.68 7.29 -2.72
C GLU A 15 -1.26 7.69 -4.07
N THR A 16 -0.72 7.13 -5.15
CA THR A 16 -1.19 7.43 -6.50
C THR A 16 -1.71 6.20 -7.21
N ALA A 17 -2.14 5.20 -6.44
CA ALA A 17 -2.73 4.01 -7.03
C ALA A 17 -4.21 4.25 -7.29
N ASP A 18 -4.63 3.94 -8.48
CA ASP A 18 -6.04 3.96 -8.84
C ASP A 18 -6.62 2.55 -8.64
N MET A 19 -5.95 1.60 -9.25
CA MET A 19 -6.34 0.21 -9.21
C MET A 19 -5.27 -0.60 -8.46
N LEU A 20 -5.67 -1.40 -7.50
CA LEU A 20 -4.71 -2.16 -6.73
C LEU A 20 -5.03 -3.65 -6.83
N GLU A 21 -4.01 -4.41 -7.19
CA GLU A 21 -4.15 -5.83 -7.44
C GLU A 21 -3.48 -6.64 -6.33
N ILE A 22 -3.95 -7.85 -6.08
CA ILE A 22 -3.29 -8.74 -5.15
C ILE A 22 -3.23 -10.19 -5.72
N ASP A 23 -1.98 -10.64 -6.02
CA ASP A 23 -1.67 -12.01 -6.50
C ASP A 23 -2.32 -12.34 -7.85
N GLY A 24 -2.59 -11.32 -8.66
CA GLY A 24 -3.28 -11.54 -9.92
C GLY A 24 -4.76 -11.19 -9.86
N LEU A 25 -5.32 -11.17 -8.65
CA LEU A 25 -6.73 -10.90 -8.41
C LEU A 25 -6.90 -9.42 -8.04
N HIS A 26 -7.52 -8.64 -8.91
CA HIS A 26 -7.60 -7.20 -8.68
C HIS A 26 -8.78 -6.82 -7.77
N ALA A 27 -8.56 -5.81 -6.95
CA ALA A 27 -9.61 -5.25 -6.12
C ALA A 27 -10.32 -4.14 -6.88
N TRP A 28 -11.56 -3.84 -6.49
CA TRP A 28 -12.30 -2.76 -7.11
C TRP A 28 -12.18 -1.48 -6.26
N ARG A 29 -11.77 -1.67 -5.00
CA ARG A 29 -11.71 -0.59 -4.03
C ARG A 29 -10.65 -0.90 -2.97
N PHE A 30 -9.92 0.12 -2.56
CA PHE A 30 -8.99 0.00 -1.46
C PHE A 30 -9.03 1.25 -0.58
N GLU A 31 -8.69 1.08 0.68
CA GLU A 31 -8.67 2.19 1.62
C GLU A 31 -7.33 2.32 2.28
N LEU A 32 -6.95 3.57 2.51
CA LEU A 32 -5.71 3.90 3.16
C LEU A 32 -6.02 4.54 4.51
N ASN A 33 -5.16 4.32 5.49
CA ASN A 33 -5.33 5.00 6.78
C ASN A 33 -4.72 6.39 6.67
N GLU A 34 -5.59 7.38 6.43
CA GLU A 34 -5.20 8.75 6.11
C GLU A 34 -4.64 9.48 7.33
N ASN A 35 -5.21 9.17 8.50
CA ASN A 35 -4.75 9.70 9.77
C ASN A 35 -3.33 9.22 10.09
N LEU A 36 -3.06 7.95 9.78
CA LEU A 36 -1.76 7.33 10.07
C LEU A 36 -0.71 7.74 9.04
N LEU A 37 -1.15 7.97 7.80
CA LEU A 37 -0.29 8.43 6.71
C LEU A 37 0.04 9.93 6.85
N ASP A 38 -0.81 10.65 7.57
CA ASP A 38 -0.52 12.04 7.93
C ASP A 38 0.66 12.11 8.89
N GLN A 39 0.70 11.17 9.84
CA GLN A 39 1.79 11.07 10.82
C GLN A 39 3.06 10.50 10.20
N ALA A 40 2.89 9.70 9.15
CA ALA A 40 3.99 9.11 8.40
C ALA A 40 4.77 10.16 7.64
N ASP A 41 4.04 11.08 7.03
CA ASP A 41 4.63 12.16 6.25
C ASP A 41 5.15 13.27 7.17
N LEU A 42 4.46 13.46 8.30
CA LEU A 42 4.88 14.39 9.37
C LEU A 42 6.25 14.01 9.90
N ALA A 43 6.42 12.71 10.18
CA ALA A 43 7.67 12.15 10.68
C ALA A 43 8.76 12.25 9.63
N ALA A 44 8.41 12.04 8.36
CA ALA A 44 9.37 12.14 7.25
C ALA A 44 9.92 13.57 7.08
N GLU A 45 9.07 14.56 7.38
CA GLU A 45 9.47 15.96 7.36
C GLU A 45 10.24 16.36 8.62
N ALA A 46 10.23 15.48 9.63
CA ALA A 46 10.96 15.69 10.86
C ALA A 46 12.23 14.81 10.93
N ASP A 47 12.56 14.15 9.79
CA ASP A 47 13.74 13.25 9.64
C ASP A 47 13.64 12.00 10.54
N GLN A 48 12.41 11.57 10.79
CA GLN A 48 12.14 10.40 11.62
C GLN A 48 11.44 9.32 10.79
N PRO A 49 11.98 8.09 10.72
CA PRO A 49 11.30 6.95 10.08
C PRO A 49 10.05 6.53 10.85
N PHE A 50 8.92 6.48 10.17
CA PHE A 50 7.66 6.14 10.81
C PHE A 50 7.36 4.66 10.65
N ALA A 51 6.90 4.06 11.74
CA ALA A 51 6.45 2.69 11.73
C ALA A 51 5.35 2.51 12.74
N SER A 52 4.32 1.78 12.34
CA SER A 52 3.20 1.47 13.22
C SER A 52 2.64 0.10 12.90
N GLU A 53 2.06 -0.56 13.90
CA GLU A 53 1.48 -1.87 13.72
C GLU A 53 -0.04 -1.77 13.57
N ASP A 54 -0.52 -0.55 13.32
CA ASP A 54 -1.93 -0.31 12.98
C ASP A 54 -2.11 -0.59 11.49
N TRP A 55 -3.35 -0.72 11.04
CA TRP A 55 -3.65 -0.99 9.64
C TRP A 55 -3.32 0.24 8.78
N VAL A 56 -2.96 0.03 7.52
CA VAL A 56 -2.81 1.12 6.57
C VAL A 56 -3.47 0.77 5.22
N LEU A 57 -3.78 -0.50 5.03
CA LEU A 57 -4.28 -0.97 3.75
C LEU A 57 -5.47 -1.90 3.97
N ALA A 58 -6.58 -1.59 3.31
CA ALA A 58 -7.73 -2.47 3.27
C ALA A 58 -8.21 -2.63 1.83
N VAL A 59 -7.94 -3.79 1.25
CA VAL A 59 -8.33 -4.04 -0.14
C VAL A 59 -9.58 -4.89 -0.17
N GLU A 60 -10.65 -4.32 -0.69
CA GLU A 60 -11.89 -5.04 -0.85
C GLU A 60 -12.09 -5.41 -2.31
N SER A 61 -12.21 -6.70 -2.54
CA SER A 61 -12.45 -7.22 -3.85
C SER A 61 -13.67 -8.13 -3.80
N LEU A 62 -14.63 -7.92 -4.69
CA LEU A 62 -15.78 -8.80 -4.75
C LEU A 62 -15.40 -10.07 -5.51
N ASP A 63 -15.20 -11.13 -4.73
CA ASP A 63 -14.75 -12.42 -5.21
C ASP A 63 -15.94 -13.37 -5.21
N GLY A 64 -16.56 -13.53 -6.39
CA GLY A 64 -17.82 -14.23 -6.48
C GLY A 64 -18.95 -13.30 -6.07
N ARG A 65 -19.45 -13.51 -4.86
CA ARG A 65 -20.43 -12.62 -4.22
C ARG A 65 -19.99 -12.34 -2.79
N THR A 66 -18.70 -12.52 -2.58
CA THR A 66 -18.06 -12.32 -1.30
C THR A 66 -17.21 -11.04 -1.30
N ARG A 67 -17.25 -10.28 -0.22
CA ARG A 67 -16.32 -9.18 -0.06
C ARG A 67 -15.04 -9.71 0.58
N ARG A 68 -14.04 -9.95 -0.26
CA ARG A 68 -12.78 -10.49 0.19
C ARG A 68 -11.89 -9.33 0.59
N GLU A 69 -11.55 -9.29 1.87
CA GLU A 69 -10.86 -8.17 2.45
C GLU A 69 -9.49 -8.59 2.96
N TRP A 70 -8.47 -7.86 2.58
CA TRP A 70 -7.14 -8.04 3.16
C TRP A 70 -6.70 -6.76 3.84
N ARG A 71 -6.35 -6.85 5.11
CA ARG A 71 -5.86 -5.69 5.84
C ARG A 71 -4.43 -5.87 6.26
N PHE A 72 -3.59 -5.00 5.76
CA PHE A 72 -2.18 -5.04 6.04
C PHE A 72 -1.82 -3.93 7.00
N SER A 73 -0.87 -4.22 7.88
CA SER A 73 -0.35 -3.21 8.78
C SER A 73 0.59 -2.28 8.04
N TYR A 74 0.86 -1.15 8.65
CA TYR A 74 1.82 -0.19 8.12
C TYR A 74 3.23 -0.80 8.10
N ASN A 75 3.52 -1.61 9.12
CA ASN A 75 4.76 -2.38 9.20
C ASN A 75 4.94 -3.32 8.00
N ALA A 76 3.88 -4.07 7.66
CA ALA A 76 3.89 -5.02 6.53
C ALA A 76 4.13 -4.30 5.19
N VAL A 77 3.46 -3.17 4.99
CA VAL A 77 3.59 -2.32 3.80
C VAL A 77 5.01 -1.70 3.67
N MET A 78 5.70 -1.52 4.80
CA MET A 78 7.09 -1.04 4.79
C MET A 78 8.08 -2.16 4.44
N GLU A 79 7.79 -3.39 4.91
CA GLU A 79 8.65 -4.57 4.65
C GLU A 79 8.43 -5.12 3.24
N ALA A 80 7.31 -4.69 2.62
CA ALA A 80 6.92 -5.09 1.26
C ALA A 80 8.05 -4.95 0.25
N GLU A 81 8.42 -6.09 -0.31
CA GLU A 81 9.61 -6.22 -1.15
C GLU A 81 9.30 -5.83 -2.59
N PRO A 82 10.08 -4.89 -3.19
CA PRO A 82 9.93 -4.55 -4.61
C PRO A 82 10.33 -5.70 -5.51
N GLN A 83 9.40 -6.13 -6.35
CA GLN A 83 9.67 -7.22 -7.28
C GLN A 83 10.40 -6.70 -8.51
N ALA A 84 10.78 -7.60 -9.41
CA ALA A 84 11.65 -7.29 -10.56
C ALA A 84 11.01 -6.32 -11.58
N ASP A 85 9.68 -6.16 -11.50
CA ASP A 85 8.95 -5.22 -12.36
C ASP A 85 8.87 -3.82 -11.73
N GLY A 86 9.04 -3.75 -10.41
CA GLY A 86 9.04 -2.48 -9.70
C GLY A 86 7.65 -2.03 -9.24
N GLU A 87 6.60 -2.68 -9.74
CA GLU A 87 5.24 -2.28 -9.43
C GLU A 87 4.55 -3.30 -8.52
N SER A 88 5.03 -4.54 -8.54
CA SER A 88 4.49 -5.58 -7.67
C SER A 88 5.28 -5.63 -6.38
N TRP A 89 4.59 -5.93 -5.30
CA TRP A 89 5.19 -5.94 -3.97
C TRP A 89 4.86 -7.24 -3.25
N ARG A 90 5.88 -7.94 -2.80
CA ARG A 90 5.66 -9.14 -2.01
C ARG A 90 5.39 -8.74 -0.56
N LEU A 91 4.14 -8.90 -0.14
CA LEU A 91 3.74 -8.57 1.22
C LEU A 91 3.92 -9.80 2.07
N THR A 92 5.01 -9.84 2.79
CA THR A 92 5.27 -10.93 3.69
C THR A 92 4.56 -10.66 5.01
N THR A 93 3.61 -11.51 5.32
CA THR A 93 2.81 -11.34 6.53
C THR A 93 3.02 -12.55 7.44
N GLY A 94 2.25 -12.60 8.54
CA GLY A 94 2.28 -13.77 9.41
C GLY A 94 1.54 -14.95 8.79
N GLU A 95 0.76 -14.69 7.75
CA GLU A 95 0.00 -15.71 7.06
C GLU A 95 0.71 -16.20 5.79
N GLY A 96 1.13 -15.27 4.94
CA GLY A 96 1.82 -15.62 3.71
C GLY A 96 2.20 -14.41 2.88
N ALA A 97 2.46 -14.61 1.61
CA ALA A 97 2.91 -13.56 0.71
C ALA A 97 1.76 -13.08 -0.17
N TYR A 98 1.63 -11.76 -0.31
CA TYR A 98 0.55 -11.15 -1.09
C TYR A 98 1.10 -10.11 -2.05
N GLN A 99 0.89 -10.34 -3.33
CA GLN A 99 1.47 -9.48 -4.35
C GLN A 99 0.59 -8.25 -4.59
N LEU A 100 0.97 -7.11 -4.04
CA LEU A 100 0.23 -5.89 -4.30
C LEU A 100 0.85 -5.17 -5.47
N ARG A 101 0.15 -5.14 -6.57
CA ARG A 101 0.62 -4.42 -7.73
C ARG A 101 -0.22 -3.18 -7.97
N CYS A 102 0.42 -2.04 -7.80
CA CYS A 102 -0.24 -0.75 -7.93
C CYS A 102 -0.31 -0.33 -9.39
N LEU A 103 -1.53 -0.09 -9.86
CA LEU A 103 -1.81 0.23 -11.25
C LEU A 103 -2.53 1.57 -11.32
N GLY A 104 -2.33 2.30 -12.40
CA GLY A 104 -3.03 3.56 -12.60
C GLY A 104 -2.36 4.74 -11.91
N ALA A 105 -2.83 5.94 -12.23
CA ALA A 105 -2.25 7.15 -11.71
C ALA A 105 -3.32 8.15 -11.33
N VAL A 106 -3.94 7.92 -10.17
CA VAL A 106 -4.90 8.82 -9.56
C VAL A 106 -4.68 8.68 -8.07
N SER A 107 -4.50 9.79 -7.40
CA SER A 107 -4.30 9.85 -5.95
C SER A 107 -5.43 9.20 -5.13
N ALA A 108 -5.17 7.92 -4.75
CA ALA A 108 -6.03 7.08 -3.91
C ALA A 108 -7.46 6.95 -4.42
N SER A 109 -7.78 5.82 -5.03
CA SER A 109 -9.13 5.55 -5.49
C SER A 109 -9.79 4.47 -4.64
N GLY A 110 -10.62 4.93 -3.70
CA GLY A 110 -11.28 4.02 -2.79
C GLY A 110 -12.54 4.58 -2.21
N GLU A 111 -12.40 5.11 -0.97
CA GLU A 111 -13.49 5.65 -0.12
C GLU A 111 -14.36 4.55 0.47
N ASP A 112 -14.41 4.56 1.82
CA ASP A 112 -15.19 3.62 2.67
C ASP A 112 -14.55 2.23 2.73
N GLU A 113 -14.18 1.82 3.94
CA GLU A 113 -13.52 0.54 4.15
C GLU A 113 -14.56 -0.56 4.35
N GLY A 1 15.40 12.83 6.19
CA GLY A 1 15.73 11.55 6.85
C GLY A 1 15.51 10.35 5.95
N SER A 2 15.76 10.54 4.66
CA SER A 2 15.71 9.47 3.67
C SER A 2 16.83 9.68 2.65
N HIS A 3 17.82 8.78 2.67
CA HIS A 3 18.97 8.84 1.76
C HIS A 3 18.56 8.60 0.32
N MET A 4 17.53 7.78 0.14
CA MET A 4 16.91 7.59 -1.15
C MET A 4 16.15 8.84 -1.55
N THR A 5 16.62 9.42 -2.65
CA THR A 5 16.12 10.69 -3.12
C THR A 5 14.84 10.49 -3.93
N THR A 6 14.78 9.39 -4.67
CA THR A 6 13.53 8.95 -5.28
C THR A 6 12.94 7.80 -4.48
N GLN A 7 12.02 8.14 -3.58
CA GLN A 7 11.36 7.15 -2.75
C GLN A 7 10.24 6.47 -3.54
N ARG A 8 10.44 5.21 -3.89
CA ARG A 8 9.40 4.41 -4.48
C ARG A 8 9.23 3.16 -3.64
N TYR A 9 8.57 3.35 -2.52
CA TYR A 9 8.16 2.23 -1.68
C TYR A 9 6.71 1.95 -1.99
N LEU A 10 6.14 0.88 -1.43
CA LEU A 10 4.71 0.59 -1.59
C LEU A 10 3.85 1.69 -0.93
N LEU A 11 4.45 2.40 0.02
CA LEU A 11 3.84 3.57 0.66
C LEU A 11 3.61 4.72 -0.33
N ASP A 12 4.59 4.94 -1.20
CA ASP A 12 4.50 5.99 -2.22
C ASP A 12 3.59 5.54 -3.37
N GLU A 13 3.53 4.21 -3.56
CA GLU A 13 2.76 3.61 -4.63
C GLU A 13 1.26 3.59 -4.36
N LEU A 14 0.86 3.45 -3.08
CA LEU A 14 -0.57 3.42 -2.72
C LEU A 14 -1.21 4.81 -2.80
N GLU A 15 -0.35 5.84 -2.68
CA GLU A 15 -0.78 7.23 -2.86
C GLU A 15 -1.09 7.54 -4.32
N THR A 16 -0.41 6.85 -5.23
CA THR A 16 -0.56 7.06 -6.66
C THR A 16 -1.18 5.86 -7.37
N ALA A 17 -1.87 5.01 -6.62
CA ALA A 17 -2.56 3.86 -7.20
C ALA A 17 -4.05 4.13 -7.29
N ASP A 18 -4.65 3.71 -8.39
CA ASP A 18 -6.10 3.74 -8.55
C ASP A 18 -6.63 2.33 -8.37
N MET A 19 -6.05 1.40 -9.11
CA MET A 19 -6.37 -0.01 -8.96
C MET A 19 -5.22 -0.67 -8.24
N LEU A 20 -5.52 -1.44 -7.22
CA LEU A 20 -4.49 -2.15 -6.50
C LEU A 20 -4.81 -3.64 -6.52
N GLU A 21 -3.90 -4.40 -7.09
CA GLU A 21 -4.08 -5.82 -7.28
C GLU A 21 -3.45 -6.57 -6.13
N ILE A 22 -4.10 -7.62 -5.65
CA ILE A 22 -3.51 -8.45 -4.63
C ILE A 22 -3.60 -9.94 -5.00
N ASP A 23 -2.42 -10.53 -5.26
CA ASP A 23 -2.24 -11.98 -5.54
C ASP A 23 -3.00 -12.42 -6.82
N GLY A 24 -3.29 -11.45 -7.70
CA GLY A 24 -4.07 -11.72 -8.91
C GLY A 24 -5.53 -11.31 -8.80
N LEU A 25 -5.90 -10.63 -7.71
CA LEU A 25 -7.26 -10.13 -7.51
C LEU A 25 -7.26 -8.60 -7.51
N HIS A 26 -7.80 -8.01 -8.58
CA HIS A 26 -7.83 -6.56 -8.72
C HIS A 26 -8.97 -5.95 -7.90
N ALA A 27 -8.60 -5.14 -6.91
CA ALA A 27 -9.56 -4.53 -6.01
C ALA A 27 -10.22 -3.32 -6.65
N TRP A 28 -11.54 -3.25 -6.47
CA TRP A 28 -12.34 -2.16 -7.04
C TRP A 28 -12.26 -0.93 -6.12
N ARG A 29 -11.91 -1.19 -4.87
CA ARG A 29 -11.79 -0.18 -3.85
C ARG A 29 -10.72 -0.60 -2.88
N PHE A 30 -9.88 0.34 -2.52
CA PHE A 30 -8.92 0.11 -1.47
C PHE A 30 -9.01 1.26 -0.48
N GLU A 31 -8.69 0.96 0.75
CA GLU A 31 -8.78 1.90 1.82
C GLU A 31 -7.40 2.24 2.32
N LEU A 32 -7.21 3.49 2.69
CA LEU A 32 -5.95 3.94 3.24
C LEU A 32 -6.19 4.52 4.61
N ASN A 33 -5.24 4.34 5.50
CA ASN A 33 -5.33 4.99 6.80
C ASN A 33 -4.68 6.36 6.67
N GLU A 34 -5.49 7.34 6.27
CA GLU A 34 -5.01 8.70 5.99
C GLU A 34 -4.70 9.48 7.27
N ASN A 35 -5.25 9.02 8.38
CA ASN A 35 -4.94 9.54 9.71
C ASN A 35 -3.51 9.14 10.11
N LEU A 36 -3.18 7.88 9.82
CA LEU A 36 -1.86 7.32 10.12
C LEU A 36 -0.82 7.79 9.09
N LEU A 37 -1.29 8.10 7.88
CA LEU A 37 -0.43 8.61 6.81
C LEU A 37 -0.21 10.11 6.94
N ASP A 38 -1.09 10.76 7.70
CA ASP A 38 -0.90 12.16 8.08
C ASP A 38 0.24 12.24 9.08
N GLN A 39 0.30 11.24 9.95
CA GLN A 39 1.35 11.11 10.96
C GLN A 39 2.64 10.55 10.36
N ALA A 40 2.51 9.81 9.25
CA ALA A 40 3.66 9.29 8.52
C ALA A 40 4.40 10.39 7.78
N ASP A 41 3.62 11.31 7.22
CA ASP A 41 4.15 12.51 6.57
C ASP A 41 4.70 13.49 7.61
N LEU A 42 4.03 13.55 8.78
CA LEU A 42 4.45 14.31 9.97
C LEU A 42 5.82 13.85 10.49
N ALA A 43 6.14 12.59 10.29
CA ALA A 43 7.40 12.03 10.75
C ALA A 43 8.48 12.23 9.69
N ALA A 44 8.10 12.04 8.43
CA ALA A 44 9.02 12.20 7.30
C ALA A 44 9.48 13.64 7.14
N GLU A 45 8.58 14.58 7.47
CA GLU A 45 8.89 16.00 7.45
C GLU A 45 9.73 16.40 8.67
N ALA A 46 9.65 15.60 9.73
CA ALA A 46 10.41 15.82 10.95
C ALA A 46 11.74 15.06 10.94
N ASP A 47 12.09 14.51 9.75
CA ASP A 47 13.40 13.86 9.49
C ASP A 47 13.49 12.48 10.22
N GLN A 48 12.33 11.96 10.64
CA GLN A 48 12.25 10.73 11.43
C GLN A 48 11.61 9.60 10.61
N PRO A 49 11.97 8.31 10.87
CA PRO A 49 11.26 7.16 10.28
C PRO A 49 9.93 6.89 10.99
N PHE A 50 8.88 6.66 10.23
CA PHE A 50 7.60 6.32 10.83
C PHE A 50 7.44 4.81 10.86
N ALA A 51 6.99 4.30 12.00
CA ALA A 51 6.76 2.88 12.16
C ALA A 51 5.50 2.66 12.99
N SER A 52 4.55 1.94 12.42
CA SER A 52 3.31 1.61 13.12
C SER A 52 2.87 0.20 12.74
N GLU A 53 2.27 -0.50 13.69
CA GLU A 53 1.72 -1.84 13.42
C GLU A 53 0.21 -1.78 13.25
N ASP A 54 -0.34 -0.57 13.17
CA ASP A 54 -1.76 -0.39 12.83
C ASP A 54 -1.91 -0.52 11.33
N TRP A 55 -3.13 -0.82 10.89
CA TRP A 55 -3.42 -1.03 9.48
C TRP A 55 -3.14 0.25 8.65
N VAL A 56 -2.79 0.08 7.39
CA VAL A 56 -2.66 1.22 6.48
C VAL A 56 -3.31 0.90 5.12
N LEU A 57 -3.57 -0.38 4.86
CA LEU A 57 -3.99 -0.82 3.54
C LEU A 57 -5.12 -1.85 3.69
N ALA A 58 -6.25 -1.59 3.05
CA ALA A 58 -7.35 -2.55 3.01
C ALA A 58 -7.94 -2.67 1.61
N VAL A 59 -7.64 -3.75 0.93
CA VAL A 59 -8.08 -3.94 -0.45
C VAL A 59 -9.30 -4.84 -0.51
N GLU A 60 -10.38 -4.37 -1.12
CA GLU A 60 -11.59 -5.17 -1.23
C GLU A 60 -11.82 -5.66 -2.65
N SER A 61 -11.81 -6.98 -2.81
CA SER A 61 -12.13 -7.60 -4.08
C SER A 61 -13.31 -8.55 -3.89
N LEU A 62 -14.24 -8.52 -4.84
CA LEU A 62 -15.39 -9.42 -4.83
C LEU A 62 -15.13 -10.67 -5.66
N ASP A 63 -14.93 -11.80 -5.01
CA ASP A 63 -14.91 -13.08 -5.70
C ASP A 63 -16.31 -13.68 -5.62
N GLY A 64 -17.08 -13.46 -6.67
CA GLY A 64 -18.50 -13.74 -6.60
C GLY A 64 -19.22 -12.56 -5.98
N ARG A 65 -19.86 -12.80 -4.85
CA ARG A 65 -20.39 -11.72 -4.02
C ARG A 65 -19.68 -11.74 -2.67
N THR A 66 -18.56 -12.46 -2.64
CA THR A 66 -17.64 -12.47 -1.52
C THR A 66 -16.81 -11.20 -1.53
N ARG A 67 -17.18 -10.25 -0.69
CA ARG A 67 -16.45 -9.00 -0.60
C ARG A 67 -15.43 -9.11 0.52
N ARG A 68 -14.20 -9.43 0.14
CA ARG A 68 -13.15 -9.67 1.13
C ARG A 68 -12.14 -8.56 1.09
N GLU A 69 -11.80 -8.05 2.27
CA GLU A 69 -10.77 -7.03 2.38
C GLU A 69 -9.55 -7.60 3.10
N TRP A 70 -8.39 -7.31 2.56
CA TRP A 70 -7.13 -7.72 3.15
C TRP A 70 -6.49 -6.50 3.81
N ARG A 71 -6.24 -6.58 5.11
CA ARG A 71 -5.79 -5.43 5.89
C ARG A 71 -4.37 -5.64 6.38
N PHE A 72 -3.47 -4.80 5.89
CA PHE A 72 -2.07 -4.90 6.20
C PHE A 72 -1.62 -3.76 7.07
N SER A 73 -0.71 -4.07 7.99
CA SER A 73 -0.11 -3.08 8.86
C SER A 73 0.84 -2.17 8.08
N TYR A 74 1.12 -1.01 8.68
CA TYR A 74 2.06 -0.05 8.11
C TYR A 74 3.47 -0.65 8.02
N ASN A 75 3.85 -1.41 9.06
CA ASN A 75 5.11 -2.16 9.10
C ASN A 75 5.23 -3.14 7.94
N ALA A 76 4.13 -3.84 7.65
CA ALA A 76 4.08 -4.84 6.59
C ALA A 76 4.19 -4.22 5.17
N VAL A 77 3.68 -3.00 5.02
CA VAL A 77 3.73 -2.26 3.75
C VAL A 77 5.11 -1.61 3.54
N MET A 78 5.84 -1.35 4.63
CA MET A 78 7.20 -0.85 4.55
C MET A 78 8.20 -1.96 4.20
N GLU A 79 7.97 -3.17 4.74
CA GLU A 79 8.83 -4.32 4.47
C GLU A 79 8.41 -5.11 3.23
N ALA A 80 7.47 -4.53 2.46
CA ALA A 80 7.05 -5.10 1.18
C ALA A 80 8.22 -5.21 0.22
N GLU A 81 8.44 -6.42 -0.26
CA GLU A 81 9.63 -6.75 -1.02
C GLU A 81 9.53 -6.26 -2.46
N PRO A 82 10.51 -5.43 -2.91
CA PRO A 82 10.54 -4.95 -4.29
C PRO A 82 10.90 -6.07 -5.26
N GLN A 83 10.02 -6.29 -6.22
CA GLN A 83 10.26 -7.32 -7.22
C GLN A 83 11.01 -6.75 -8.42
N ALA A 84 11.44 -7.66 -9.30
CA ALA A 84 12.05 -7.27 -10.59
C ALA A 84 10.99 -6.89 -11.62
N ASP A 85 9.72 -7.07 -11.22
CA ASP A 85 8.57 -6.64 -12.02
C ASP A 85 8.42 -5.11 -12.00
N GLY A 86 8.95 -4.47 -10.95
CA GLY A 86 8.97 -3.02 -10.85
C GLY A 86 7.67 -2.38 -10.34
N GLU A 87 6.58 -3.14 -10.33
CA GLU A 87 5.29 -2.65 -9.87
C GLU A 87 4.71 -3.56 -8.81
N SER A 88 4.91 -4.87 -8.98
CA SER A 88 4.48 -5.86 -8.01
C SER A 88 5.38 -5.84 -6.79
N TRP A 89 4.75 -5.85 -5.63
CA TRP A 89 5.44 -6.00 -4.36
C TRP A 89 4.99 -7.29 -3.75
N ARG A 90 5.86 -7.95 -3.02
CA ARG A 90 5.44 -9.10 -2.28
C ARG A 90 5.29 -8.77 -0.83
N LEU A 91 4.05 -8.83 -0.38
CA LEU A 91 3.70 -8.53 0.98
C LEU A 91 3.82 -9.82 1.77
N THR A 92 4.94 -9.95 2.46
CA THR A 92 5.23 -11.14 3.20
C THR A 92 4.59 -11.05 4.58
N THR A 93 3.89 -12.10 4.95
CA THR A 93 3.15 -12.14 6.20
C THR A 93 3.38 -13.46 6.92
N GLY A 94 2.69 -13.65 8.04
CA GLY A 94 2.68 -14.94 8.72
C GLY A 94 1.70 -15.90 8.06
N GLU A 95 0.85 -15.34 7.20
CA GLU A 95 -0.11 -16.10 6.42
C GLU A 95 0.59 -16.67 5.19
N GLY A 96 1.37 -15.83 4.51
CA GLY A 96 2.11 -16.24 3.35
C GLY A 96 2.71 -15.06 2.60
N ALA A 97 2.18 -14.78 1.42
CA ALA A 97 2.63 -13.68 0.57
C ALA A 97 1.50 -13.24 -0.36
N TYR A 98 1.30 -11.94 -0.42
CA TYR A 98 0.26 -11.30 -1.21
C TYR A 98 0.90 -10.38 -2.23
N GLN A 99 0.60 -10.57 -3.50
CA GLN A 99 1.23 -9.73 -4.53
C GLN A 99 0.46 -8.42 -4.69
N LEU A 100 0.96 -7.35 -4.10
CA LEU A 100 0.34 -6.05 -4.25
C LEU A 100 0.99 -5.29 -5.40
N ARG A 101 0.26 -5.16 -6.50
CA ARG A 101 0.75 -4.44 -7.65
C ARG A 101 -0.07 -3.17 -7.85
N CYS A 102 0.63 -2.05 -7.79
CA CYS A 102 0.04 -0.72 -7.91
C CYS A 102 -0.17 -0.33 -9.36
N LEU A 103 -1.43 -0.16 -9.71
CA LEU A 103 -1.85 0.11 -11.08
C LEU A 103 -2.64 1.40 -11.16
N GLY A 104 -2.78 1.93 -12.38
CA GLY A 104 -3.64 3.07 -12.60
C GLY A 104 -2.90 4.36 -12.78
N ALA A 105 -1.96 4.63 -11.85
CA ALA A 105 -1.12 5.85 -11.83
C ALA A 105 -1.96 7.13 -11.58
N VAL A 106 -3.05 6.97 -10.83
CA VAL A 106 -3.93 8.07 -10.48
C VAL A 106 -3.98 8.12 -8.98
N SER A 107 -3.59 9.26 -8.44
CA SER A 107 -3.62 9.54 -6.99
C SER A 107 -5.03 9.35 -6.40
N ALA A 108 -5.16 8.32 -5.55
CA ALA A 108 -6.44 8.00 -4.95
C ALA A 108 -6.31 7.84 -3.44
N SER A 109 -7.34 8.31 -2.74
CA SER A 109 -7.40 8.23 -1.29
C SER A 109 -8.58 7.36 -0.87
N GLY A 110 -8.36 6.52 0.13
CA GLY A 110 -9.40 5.65 0.62
C GLY A 110 -9.89 6.05 1.98
N GLU A 111 -10.97 6.84 2.01
CA GLU A 111 -11.56 7.33 3.26
C GLU A 111 -12.31 6.21 3.99
N ASP A 112 -11.73 5.72 5.10
CA ASP A 112 -12.33 4.61 5.85
C ASP A 112 -13.47 5.11 6.74
N GLU A 113 -14.60 4.44 6.65
CA GLU A 113 -15.79 4.80 7.41
C GLU A 113 -16.45 3.55 7.99
N GLY A 1 24.28 6.18 -9.01
CA GLY A 1 24.14 7.65 -9.07
C GLY A 1 22.78 8.08 -9.57
N SER A 2 21.91 8.47 -8.65
CA SER A 2 20.61 9.06 -9.00
C SER A 2 20.44 10.40 -8.27
N HIS A 3 20.10 11.45 -9.04
CA HIS A 3 19.83 12.77 -8.48
C HIS A 3 18.34 12.87 -8.12
N MET A 4 17.52 12.08 -8.79
CA MET A 4 16.09 12.00 -8.48
C MET A 4 15.90 11.39 -7.12
N THR A 5 15.06 12.04 -6.29
CA THR A 5 14.74 11.57 -4.94
C THR A 5 14.14 10.16 -4.98
N THR A 6 13.05 10.02 -5.77
CA THR A 6 12.36 8.76 -6.10
C THR A 6 12.19 7.78 -4.90
N GLN A 7 11.59 8.31 -3.82
CA GLN A 7 11.14 7.47 -2.71
C GLN A 7 9.79 6.88 -3.05
N ARG A 8 9.83 5.82 -3.83
CA ARG A 8 8.65 5.21 -4.35
C ARG A 8 8.50 3.85 -3.73
N TYR A 9 8.39 3.86 -2.42
CA TYR A 9 8.07 2.67 -1.67
C TYR A 9 6.60 2.36 -1.90
N LEU A 10 6.13 1.19 -1.45
CA LEU A 10 4.73 0.78 -1.68
C LEU A 10 3.73 1.77 -1.08
N LEU A 11 4.15 2.48 -0.04
CA LEU A 11 3.37 3.53 0.56
C LEU A 11 3.07 4.68 -0.41
N ASP A 12 4.09 5.15 -1.11
CA ASP A 12 3.94 6.19 -2.14
C ASP A 12 3.14 5.66 -3.33
N GLU A 13 3.27 4.35 -3.59
CA GLU A 13 2.64 3.68 -4.71
C GLU A 13 1.13 3.52 -4.55
N LEU A 14 0.67 3.22 -3.32
CA LEU A 14 -0.77 3.05 -3.06
C LEU A 14 -1.52 4.39 -3.01
N GLU A 15 -0.79 5.47 -2.77
CA GLU A 15 -1.36 6.81 -2.79
C GLU A 15 -1.51 7.33 -4.21
N THR A 16 -0.63 6.86 -5.10
CA THR A 16 -0.62 7.30 -6.48
C THR A 16 -1.29 6.28 -7.41
N ALA A 17 -1.93 5.27 -6.83
CA ALA A 17 -2.57 4.23 -7.61
C ALA A 17 -4.04 4.53 -7.82
N ASP A 18 -4.50 4.26 -9.03
CA ASP A 18 -5.90 4.35 -9.39
C ASP A 18 -6.55 2.98 -9.24
N MET A 19 -5.74 1.96 -9.47
CA MET A 19 -6.13 0.57 -9.40
C MET A 19 -5.06 -0.21 -8.64
N LEU A 20 -5.47 -1.12 -7.77
CA LEU A 20 -4.50 -1.87 -7.00
C LEU A 20 -4.82 -3.37 -7.05
N GLU A 21 -3.91 -4.12 -7.64
CA GLU A 21 -4.05 -5.56 -7.84
C GLU A 21 -3.29 -6.32 -6.76
N ILE A 22 -3.80 -7.47 -6.33
CA ILE A 22 -3.11 -8.25 -5.32
C ILE A 22 -3.09 -9.77 -5.66
N ASP A 23 -1.88 -10.26 -5.97
CA ASP A 23 -1.59 -11.68 -6.29
C ASP A 23 -2.29 -12.12 -7.60
N GLY A 24 -2.63 -11.14 -8.46
CA GLY A 24 -3.39 -11.39 -9.67
C GLY A 24 -4.88 -11.13 -9.49
N LEU A 25 -5.35 -11.20 -8.25
CA LEU A 25 -6.75 -10.96 -7.90
C LEU A 25 -6.97 -9.46 -7.79
N HIS A 26 -7.97 -8.97 -8.50
CA HIS A 26 -8.21 -7.54 -8.58
C HIS A 26 -9.12 -7.09 -7.46
N ALA A 27 -8.64 -6.11 -6.69
CA ALA A 27 -9.45 -5.49 -5.66
C ALA A 27 -10.43 -4.52 -6.28
N TRP A 28 -11.72 -4.65 -5.92
CA TRP A 28 -12.77 -3.80 -6.51
C TRP A 28 -12.65 -2.38 -5.94
N ARG A 29 -12.11 -2.28 -4.73
CA ARG A 29 -11.79 -1.01 -4.12
C ARG A 29 -10.64 -1.18 -3.12
N PHE A 30 -10.10 -0.07 -2.67
CA PHE A 30 -9.11 -0.08 -1.61
C PHE A 30 -9.36 1.10 -0.69
N GLU A 31 -8.84 1.04 0.51
CA GLU A 31 -9.06 2.07 1.51
C GLU A 31 -7.77 2.36 2.23
N LEU A 32 -7.50 3.63 2.49
CA LEU A 32 -6.25 4.04 3.07
C LEU A 32 -6.47 4.76 4.39
N ASN A 33 -5.58 4.53 5.34
CA ASN A 33 -5.62 5.23 6.62
C ASN A 33 -4.87 6.54 6.49
N GLU A 34 -5.61 7.59 6.11
CA GLU A 34 -5.04 8.93 5.84
C GLU A 34 -4.66 9.65 7.12
N ASN A 35 -5.33 9.29 8.20
CA ASN A 35 -4.99 9.73 9.55
C ASN A 35 -3.59 9.25 9.94
N LEU A 36 -3.29 7.98 9.67
CA LEU A 36 -2.00 7.40 9.97
C LEU A 36 -0.93 7.85 8.96
N LEU A 37 -1.37 8.22 7.75
CA LEU A 37 -0.46 8.69 6.70
C LEU A 37 -0.04 10.13 6.92
N ASP A 38 -0.86 10.89 7.62
CA ASP A 38 -0.51 12.23 8.08
C ASP A 38 0.63 12.14 9.10
N GLN A 39 0.53 11.19 10.03
CA GLN A 39 1.52 11.00 11.10
C GLN A 39 2.81 10.37 10.56
N ALA A 40 2.64 9.56 9.53
CA ALA A 40 3.75 8.91 8.85
C ALA A 40 4.60 9.91 8.08
N ASP A 41 3.91 10.82 7.40
CA ASP A 41 4.57 11.86 6.61
C ASP A 41 5.18 12.93 7.52
N LEU A 42 4.53 13.15 8.66
CA LEU A 42 4.99 14.06 9.71
C LEU A 42 6.38 13.65 10.22
N ALA A 43 6.54 12.35 10.48
CA ALA A 43 7.80 11.81 10.96
C ALA A 43 8.83 11.73 9.84
N ALA A 44 8.39 11.35 8.62
CA ALA A 44 9.29 11.18 7.47
C ALA A 44 9.88 12.52 6.97
N GLU A 45 9.13 13.61 7.17
CA GLU A 45 9.62 14.96 6.87
C GLU A 45 10.57 15.48 7.95
N ALA A 46 10.56 14.81 9.10
CA ALA A 46 11.50 15.09 10.18
C ALA A 46 12.70 14.14 10.14
N ASP A 47 12.77 13.32 9.06
CA ASP A 47 13.84 12.30 8.80
C ASP A 47 13.71 11.07 9.74
N GLN A 48 12.65 11.06 10.54
CA GLN A 48 12.43 10.02 11.54
C GLN A 48 11.65 8.87 10.91
N PRO A 49 12.15 7.62 10.98
CA PRO A 49 11.42 6.45 10.46
C PRO A 49 10.14 6.17 11.22
N PHE A 50 9.03 6.14 10.51
CA PHE A 50 7.75 5.82 11.11
C PHE A 50 7.47 4.35 10.90
N ALA A 51 7.06 3.68 11.96
CA ALA A 51 6.67 2.29 11.90
C ALA A 51 5.53 2.04 12.89
N SER A 52 4.39 1.64 12.37
CA SER A 52 3.21 1.38 13.19
C SER A 52 2.51 0.11 12.71
N GLU A 53 2.00 -0.68 13.63
CA GLU A 53 1.33 -1.92 13.27
C GLU A 53 -0.18 -1.76 13.14
N ASP A 54 -0.64 -0.51 13.09
CA ASP A 54 -2.05 -0.22 12.74
C ASP A 54 -2.19 -0.35 11.23
N TRP A 55 -3.41 -0.66 10.79
CA TRP A 55 -3.71 -0.85 9.39
C TRP A 55 -3.44 0.43 8.57
N VAL A 56 -3.09 0.27 7.31
CA VAL A 56 -2.91 1.40 6.41
C VAL A 56 -3.66 1.15 5.09
N LEU A 57 -3.89 -0.11 4.76
CA LEU A 57 -4.46 -0.47 3.49
C LEU A 57 -5.42 -1.64 3.63
N ALA A 58 -6.65 -1.42 3.21
CA ALA A 58 -7.63 -2.47 3.14
C ALA A 58 -8.07 -2.64 1.69
N VAL A 59 -7.65 -3.74 1.09
CA VAL A 59 -7.98 -4.02 -0.30
C VAL A 59 -9.13 -5.01 -0.34
N GLU A 60 -10.28 -4.51 -0.74
CA GLU A 60 -11.50 -5.29 -0.69
C GLU A 60 -11.82 -5.83 -2.07
N SER A 61 -12.05 -7.13 -2.11
CA SER A 61 -12.45 -7.82 -3.32
C SER A 61 -13.69 -8.63 -3.07
N LEU A 62 -14.68 -8.48 -3.94
CA LEU A 62 -15.85 -9.33 -3.89
C LEU A 62 -15.68 -10.48 -4.86
N ASP A 63 -15.41 -11.66 -4.33
CA ASP A 63 -15.09 -12.82 -5.15
C ASP A 63 -16.29 -13.74 -5.20
N GLY A 64 -17.06 -13.63 -6.28
CA GLY A 64 -18.33 -14.29 -6.36
C GLY A 64 -19.36 -13.58 -5.52
N ARG A 65 -19.57 -14.08 -4.31
CA ARG A 65 -20.44 -13.45 -3.33
C ARG A 65 -19.80 -13.43 -1.94
N THR A 66 -18.47 -13.56 -1.89
CA THR A 66 -17.77 -13.45 -0.63
C THR A 66 -17.07 -12.09 -0.55
N ARG A 67 -17.07 -11.51 0.63
CA ARG A 67 -16.36 -10.27 0.88
C ARG A 67 -15.03 -10.58 1.53
N ARG A 68 -13.95 -10.41 0.77
CA ARG A 68 -12.64 -10.64 1.32
C ARG A 68 -11.79 -9.39 1.15
N GLU A 69 -11.45 -8.81 2.28
CA GLU A 69 -10.56 -7.66 2.31
C GLU A 69 -9.28 -8.02 3.05
N TRP A 70 -8.16 -7.60 2.51
CA TRP A 70 -6.90 -7.80 3.17
C TRP A 70 -6.47 -6.51 3.80
N ARG A 71 -6.26 -6.55 5.09
CA ARG A 71 -5.90 -5.37 5.85
C ARG A 71 -4.44 -5.48 6.25
N PHE A 72 -3.63 -4.64 5.63
CA PHE A 72 -2.20 -4.66 5.87
C PHE A 72 -1.83 -3.49 6.74
N SER A 73 -0.93 -3.74 7.67
CA SER A 73 -0.42 -2.71 8.55
C SER A 73 0.56 -1.83 7.81
N TYR A 74 0.82 -0.67 8.41
CA TYR A 74 1.84 0.25 7.92
C TYR A 74 3.21 -0.40 7.99
N ASN A 75 3.39 -1.25 9.01
CA ASN A 75 4.61 -1.99 9.27
C ASN A 75 4.89 -3.03 8.18
N ALA A 76 3.82 -3.66 7.68
CA ALA A 76 3.90 -4.64 6.59
C ALA A 76 4.25 -3.97 5.25
N VAL A 77 3.67 -2.79 5.03
CA VAL A 77 3.90 -1.99 3.83
C VAL A 77 5.33 -1.37 3.81
N MET A 78 5.90 -1.15 5.01
CA MET A 78 7.29 -0.69 5.15
C MET A 78 8.29 -1.75 4.70
N GLU A 79 8.07 -2.99 5.13
CA GLU A 79 8.99 -4.08 4.83
C GLU A 79 8.61 -4.83 3.52
N ALA A 80 7.62 -4.30 2.79
CA ALA A 80 7.21 -4.86 1.50
C ALA A 80 8.31 -4.69 0.46
N GLU A 81 8.75 -5.82 -0.09
CA GLU A 81 9.94 -5.87 -0.93
C GLU A 81 9.67 -5.39 -2.36
N PRO A 82 10.48 -4.44 -2.88
CA PRO A 82 10.40 -3.99 -4.27
C PRO A 82 10.92 -5.05 -5.24
N GLN A 83 10.02 -5.60 -6.04
CA GLN A 83 10.42 -6.57 -7.05
C GLN A 83 11.12 -5.88 -8.21
N ALA A 84 11.90 -6.66 -8.97
CA ALA A 84 12.61 -6.16 -10.15
C ALA A 84 11.64 -5.91 -11.32
N ASP A 85 10.38 -6.25 -11.10
CA ASP A 85 9.27 -5.99 -12.01
C ASP A 85 8.89 -4.50 -12.01
N GLY A 86 9.19 -3.81 -10.89
CA GLY A 86 8.95 -2.37 -10.78
C GLY A 86 7.53 -1.98 -10.40
N GLU A 87 6.58 -2.90 -10.50
CA GLU A 87 5.20 -2.61 -10.14
C GLU A 87 4.76 -3.47 -8.97
N SER A 88 5.40 -4.62 -8.84
CA SER A 88 4.98 -5.64 -7.91
C SER A 88 5.75 -5.55 -6.59
N TRP A 89 5.05 -5.88 -5.51
CA TRP A 89 5.61 -5.80 -4.14
C TRP A 89 5.27 -7.08 -3.37
N ARG A 90 6.17 -7.49 -2.48
CA ARG A 90 5.93 -8.67 -1.66
C ARG A 90 5.39 -8.28 -0.30
N LEU A 91 4.14 -8.64 -0.05
CA LEU A 91 3.60 -8.55 1.28
C LEU A 91 3.69 -9.91 1.91
N THR A 92 4.73 -10.11 2.69
CA THR A 92 4.94 -11.38 3.34
C THR A 92 4.49 -11.27 4.78
N THR A 93 3.28 -11.73 5.00
CA THR A 93 2.62 -11.55 6.28
C THR A 93 2.33 -12.92 6.90
N GLY A 94 1.78 -12.93 8.11
CA GLY A 94 1.32 -14.16 8.74
C GLY A 94 -0.02 -14.63 8.17
N GLU A 95 -0.70 -13.70 7.49
CA GLU A 95 -1.88 -13.99 6.70
C GLU A 95 -1.47 -14.76 5.43
N GLY A 96 -0.37 -14.30 4.81
CA GLY A 96 0.20 -14.97 3.67
C GLY A 96 1.03 -14.04 2.81
N ALA A 97 1.49 -14.56 1.70
CA ALA A 97 2.26 -13.78 0.73
C ALA A 97 1.34 -13.24 -0.37
N TYR A 98 1.36 -11.92 -0.53
CA TYR A 98 0.46 -11.21 -1.44
C TYR A 98 1.23 -10.25 -2.33
N GLN A 99 0.97 -10.32 -3.62
CA GLN A 99 1.70 -9.48 -4.57
C GLN A 99 0.93 -8.20 -4.87
N LEU A 100 1.35 -7.09 -4.29
CA LEU A 100 0.64 -5.83 -4.51
C LEU A 100 1.24 -5.08 -5.68
N ARG A 101 0.41 -4.77 -6.65
CA ARG A 101 0.86 -4.13 -7.85
C ARG A 101 0.06 -2.86 -8.09
N CYS A 102 0.78 -1.75 -8.10
CA CYS A 102 0.21 -0.42 -8.27
C CYS A 102 -0.01 -0.11 -9.74
N LEU A 103 -1.26 0.23 -10.07
CA LEU A 103 -1.66 0.48 -11.45
C LEU A 103 -2.35 1.84 -11.55
N GLY A 104 -2.23 2.49 -12.70
CA GLY A 104 -2.76 3.83 -12.86
C GLY A 104 -3.54 4.02 -14.15
N ALA A 105 -4.77 3.51 -14.20
CA ALA A 105 -5.61 3.64 -15.40
C ALA A 105 -7.11 3.54 -15.09
N VAL A 106 -7.49 3.74 -13.83
CA VAL A 106 -8.89 3.58 -13.41
C VAL A 106 -9.37 4.82 -12.66
N SER A 107 -10.07 5.68 -13.39
CA SER A 107 -10.62 6.89 -12.81
C SER A 107 -12.04 7.15 -13.34
N ALA A 108 -12.63 6.11 -13.98
CA ALA A 108 -14.02 6.10 -14.48
C ALA A 108 -14.29 7.19 -15.52
N SER A 109 -13.24 7.59 -16.28
CA SER A 109 -13.27 8.75 -17.17
C SER A 109 -14.34 8.61 -18.25
N GLY A 110 -15.18 9.64 -18.31
CA GLY A 110 -16.42 9.58 -19.06
C GLY A 110 -17.54 10.04 -18.15
N GLU A 111 -17.65 9.37 -17.01
CA GLU A 111 -18.45 9.84 -15.90
C GLU A 111 -17.55 10.67 -14.96
N ASP A 112 -16.32 10.15 -14.82
CA ASP A 112 -15.16 10.81 -14.20
C ASP A 112 -15.26 10.83 -12.67
N GLU A 113 -15.74 11.92 -12.07
CA GLU A 113 -15.92 12.00 -10.62
C GLU A 113 -16.96 13.05 -10.24
N GLY A 1 21.19 7.76 5.19
CA GLY A 1 19.81 8.01 4.69
C GLY A 1 19.75 8.03 3.19
N SER A 2 18.57 7.75 2.65
CA SER A 2 18.35 7.76 1.22
C SER A 2 17.94 9.14 0.75
N HIS A 3 18.64 9.66 -0.25
CA HIS A 3 18.26 10.91 -0.89
C HIS A 3 17.34 10.63 -2.08
N MET A 4 17.12 9.35 -2.36
CA MET A 4 16.16 8.93 -3.35
C MET A 4 14.78 8.85 -2.73
N THR A 5 14.00 9.87 -3.00
CA THR A 5 12.63 9.94 -2.56
C THR A 5 11.73 9.31 -3.64
N THR A 6 12.25 9.30 -4.88
CA THR A 6 11.70 8.51 -5.96
C THR A 6 12.38 7.12 -5.96
N GLN A 7 12.57 6.58 -4.75
CA GLN A 7 13.04 5.21 -4.58
C GLN A 7 11.88 4.26 -4.88
N ARG A 8 10.66 4.82 -4.74
CA ARG A 8 9.39 4.15 -4.93
C ARG A 8 9.23 2.96 -4.03
N TYR A 9 8.57 3.24 -2.93
CA TYR A 9 8.14 2.27 -1.96
C TYR A 9 6.72 1.86 -2.31
N LEU A 10 6.09 1.02 -1.50
CA LEU A 10 4.66 0.79 -1.65
C LEU A 10 3.87 1.97 -1.02
N LEU A 11 4.58 2.81 -0.26
CA LEU A 11 3.98 3.98 0.37
C LEU A 11 3.58 5.03 -0.66
N ASP A 12 4.46 5.32 -1.61
CA ASP A 12 4.16 6.26 -2.69
C ASP A 12 3.33 5.57 -3.79
N GLU A 13 3.37 4.24 -3.85
CA GLU A 13 2.61 3.50 -4.83
C GLU A 13 1.17 3.25 -4.43
N LEU A 14 0.83 3.35 -3.14
CA LEU A 14 -0.57 3.36 -2.73
C LEU A 14 -1.18 4.74 -2.95
N GLU A 15 -0.30 5.76 -2.95
CA GLU A 15 -0.66 7.13 -3.27
C GLU A 15 -0.95 7.31 -4.75
N THR A 16 -0.15 6.66 -5.60
CA THR A 16 -0.34 6.76 -7.03
C THR A 16 -1.38 5.76 -7.55
N ALA A 17 -1.71 4.75 -6.73
CA ALA A 17 -2.60 3.66 -7.13
C ALA A 17 -4.00 4.13 -7.49
N ASP A 18 -4.39 3.88 -8.74
CA ASP A 18 -5.76 4.07 -9.19
C ASP A 18 -6.55 2.81 -8.88
N MET A 19 -5.87 1.67 -9.01
CA MET A 19 -6.40 0.38 -8.66
C MET A 19 -5.34 -0.39 -7.87
N LEU A 20 -5.75 -1.28 -6.97
CA LEU A 20 -4.81 -2.12 -6.25
C LEU A 20 -5.13 -3.58 -6.44
N GLU A 21 -4.13 -4.34 -6.86
CA GLU A 21 -4.29 -5.74 -7.19
C GLU A 21 -3.57 -6.61 -6.18
N ILE A 22 -4.08 -7.81 -5.94
CA ILE A 22 -3.40 -8.75 -5.09
C ILE A 22 -3.43 -10.18 -5.67
N ASP A 23 -2.22 -10.69 -5.95
CA ASP A 23 -1.96 -12.08 -6.43
C ASP A 23 -2.61 -12.36 -7.80
N GLY A 24 -2.79 -11.30 -8.59
CA GLY A 24 -3.42 -11.43 -9.91
C GLY A 24 -4.93 -11.25 -9.87
N LEU A 25 -5.45 -10.83 -8.71
CA LEU A 25 -6.88 -10.58 -8.53
C LEU A 25 -7.03 -9.15 -8.01
N HIS A 26 -7.57 -8.28 -8.82
CA HIS A 26 -7.66 -6.88 -8.44
C HIS A 26 -8.93 -6.52 -7.69
N ALA A 27 -8.75 -5.67 -6.68
CA ALA A 27 -9.82 -5.20 -5.83
C ALA A 27 -10.56 -4.06 -6.49
N TRP A 28 -11.86 -4.00 -6.22
CA TRP A 28 -12.71 -2.94 -6.77
C TRP A 28 -12.63 -1.68 -5.91
N ARG A 29 -12.32 -1.88 -4.62
CA ARG A 29 -12.26 -0.79 -3.66
C ARG A 29 -11.11 -1.03 -2.70
N PHE A 30 -10.38 0.04 -2.42
CA PHE A 30 -9.35 0.04 -1.39
C PHE A 30 -9.47 1.30 -0.55
N GLU A 31 -8.92 1.25 0.65
CA GLU A 31 -8.87 2.40 1.54
C GLU A 31 -7.45 2.58 2.05
N LEU A 32 -7.07 3.84 2.24
CA LEU A 32 -5.77 4.18 2.79
C LEU A 32 -5.99 4.87 4.13
N ASN A 33 -5.11 4.62 5.09
CA ASN A 33 -5.21 5.30 6.37
C ASN A 33 -4.48 6.64 6.27
N GLU A 34 -5.23 7.69 5.92
CA GLU A 34 -4.69 9.03 5.69
C GLU A 34 -4.29 9.72 6.98
N ASN A 35 -4.93 9.31 8.08
CA ASN A 35 -4.62 9.79 9.41
C ASN A 35 -3.23 9.32 9.84
N LEU A 36 -2.90 8.08 9.50
CA LEU A 36 -1.61 7.49 9.82
C LEU A 36 -0.55 7.94 8.82
N LEU A 37 -0.97 8.29 7.59
CA LEU A 37 -0.05 8.80 6.57
C LEU A 37 0.31 10.26 6.81
N ASP A 38 -0.57 10.95 7.52
CA ASP A 38 -0.32 12.30 8.02
C ASP A 38 0.81 12.29 9.03
N GLN A 39 0.79 11.27 9.90
CA GLN A 39 1.79 11.10 10.96
C GLN A 39 3.08 10.51 10.42
N ALA A 40 2.96 9.72 9.35
CA ALA A 40 4.11 9.10 8.68
C ALA A 40 4.93 10.14 7.93
N ASP A 41 4.23 11.10 7.34
CA ASP A 41 4.86 12.20 6.61
C ASP A 41 5.36 13.26 7.59
N LEU A 42 4.65 13.41 8.71
CA LEU A 42 5.05 14.28 9.83
C LEU A 42 6.39 13.81 10.39
N ALA A 43 6.52 12.49 10.53
CA ALA A 43 7.75 11.85 10.98
C ALA A 43 8.86 11.99 9.94
N ALA A 44 8.51 11.82 8.66
CA ALA A 44 9.50 11.93 7.57
C ALA A 44 10.07 13.35 7.45
N GLU A 45 9.22 14.35 7.69
CA GLU A 45 9.64 15.75 7.70
C GLU A 45 10.51 16.09 8.91
N ALA A 46 10.31 15.34 10.01
CA ALA A 46 11.09 15.51 11.23
C ALA A 46 12.30 14.57 11.27
N ASP A 47 12.53 13.84 10.16
CA ASP A 47 13.67 12.90 9.98
C ASP A 47 13.61 11.76 11.02
N GLN A 48 12.40 11.35 11.34
CA GLN A 48 12.15 10.25 12.26
C GLN A 48 11.67 9.02 11.47
N PRO A 49 12.19 7.82 11.79
CA PRO A 49 11.67 6.58 11.21
C PRO A 49 10.31 6.22 11.80
N PHE A 50 9.31 6.05 10.94
CA PHE A 50 7.94 5.83 11.39
C PHE A 50 7.55 4.38 11.22
N ALA A 51 7.31 3.71 12.34
CA ALA A 51 6.89 2.33 12.34
C ALA A 51 5.65 2.17 13.21
N SER A 52 4.55 1.73 12.60
CA SER A 52 3.30 1.52 13.32
C SER A 52 2.66 0.19 12.94
N GLU A 53 2.01 -0.43 13.92
CA GLU A 53 1.36 -1.72 13.73
C GLU A 53 -0.14 -1.57 13.47
N ASP A 54 -0.58 -0.33 13.24
CA ASP A 54 -1.96 -0.05 12.85
C ASP A 54 -2.13 -0.34 11.36
N TRP A 55 -3.38 -0.41 10.90
CA TRP A 55 -3.66 -0.68 9.50
C TRP A 55 -3.27 0.56 8.64
N VAL A 56 -2.92 0.33 7.38
CA VAL A 56 -2.74 1.42 6.43
C VAL A 56 -3.37 1.09 5.06
N LEU A 57 -3.56 -0.20 4.80
CA LEU A 57 -4.02 -0.65 3.49
C LEU A 57 -5.15 -1.65 3.68
N ALA A 58 -6.28 -1.39 3.06
CA ALA A 58 -7.38 -2.34 3.06
C ALA A 58 -7.93 -2.52 1.65
N VAL A 59 -7.67 -3.68 1.07
CA VAL A 59 -8.17 -4.01 -0.26
C VAL A 59 -9.29 -5.02 -0.12
N GLU A 60 -10.40 -4.77 -0.78
CA GLU A 60 -11.52 -5.70 -0.77
C GLU A 60 -12.03 -5.95 -2.17
N SER A 61 -12.22 -7.22 -2.48
CA SER A 61 -12.59 -7.62 -3.82
C SER A 61 -13.76 -8.59 -3.80
N LEU A 62 -14.47 -8.66 -4.91
CA LEU A 62 -15.57 -9.60 -5.08
C LEU A 62 -15.14 -10.76 -5.96
N ASP A 63 -14.98 -11.91 -5.34
CA ASP A 63 -14.63 -13.12 -6.05
C ASP A 63 -15.80 -14.10 -6.04
N GLY A 64 -16.53 -14.13 -7.16
CA GLY A 64 -17.72 -14.95 -7.26
C GLY A 64 -18.92 -14.26 -6.69
N ARG A 65 -19.24 -14.63 -5.48
CA ARG A 65 -20.28 -13.99 -4.69
C ARG A 65 -19.73 -13.61 -3.31
N THR A 66 -18.42 -13.74 -3.18
CA THR A 66 -17.71 -13.57 -1.94
C THR A 66 -17.05 -12.18 -1.88
N ARG A 67 -17.13 -11.56 -0.72
CA ARG A 67 -16.45 -10.31 -0.47
C ARG A 67 -15.27 -10.54 0.48
N ARG A 68 -14.07 -10.55 -0.08
CA ARG A 68 -12.87 -10.85 0.68
C ARG A 68 -12.02 -9.59 0.85
N GLU A 69 -11.70 -9.28 2.10
CA GLU A 69 -10.92 -8.10 2.45
C GLU A 69 -9.59 -8.49 3.10
N TRP A 70 -8.54 -7.84 2.63
CA TRP A 70 -7.21 -7.97 3.19
C TRP A 70 -6.84 -6.65 3.86
N ARG A 71 -6.50 -6.70 5.14
CA ARG A 71 -6.06 -5.51 5.87
C ARG A 71 -4.64 -5.68 6.34
N PHE A 72 -3.80 -4.75 5.92
CA PHE A 72 -2.37 -4.80 6.17
C PHE A 72 -1.94 -3.68 7.07
N SER A 73 -1.01 -4.00 7.95
CA SER A 73 -0.43 -3.02 8.85
C SER A 73 0.59 -2.15 8.12
N TYR A 74 0.96 -1.04 8.74
CA TYR A 74 1.92 -0.10 8.18
C TYR A 74 3.31 -0.72 8.09
N ASN A 75 3.64 -1.56 9.09
CA ASN A 75 4.87 -2.35 9.09
C ASN A 75 4.94 -3.30 7.89
N ALA A 76 3.80 -3.90 7.54
CA ALA A 76 3.71 -4.85 6.42
C ALA A 76 3.88 -4.15 5.06
N VAL A 77 3.43 -2.90 4.98
CA VAL A 77 3.54 -2.09 3.75
C VAL A 77 4.95 -1.46 3.62
N MET A 78 5.62 -1.28 4.76
CA MET A 78 6.99 -0.78 4.76
C MET A 78 7.96 -1.87 4.34
N GLU A 79 7.69 -3.12 4.74
CA GLU A 79 8.56 -4.23 4.42
C GLU A 79 8.24 -4.83 3.05
N ALA A 80 7.28 -4.22 2.34
CA ALA A 80 6.95 -4.60 0.97
C ALA A 80 8.14 -4.42 0.06
N GLU A 81 8.63 -5.55 -0.45
CA GLU A 81 9.85 -5.57 -1.22
C GLU A 81 9.58 -5.29 -2.68
N PRO A 82 10.38 -4.37 -3.28
CA PRO A 82 10.27 -4.07 -4.71
C PRO A 82 10.65 -5.28 -5.55
N GLN A 83 9.84 -5.55 -6.55
CA GLN A 83 10.12 -6.61 -7.48
C GLN A 83 10.69 -6.00 -8.74
N ALA A 84 11.36 -6.82 -9.55
CA ALA A 84 11.91 -6.40 -10.85
C ALA A 84 10.80 -6.24 -11.90
N ASP A 85 9.58 -6.64 -11.52
CA ASP A 85 8.37 -6.44 -12.32
C ASP A 85 7.93 -4.96 -12.30
N GLY A 86 8.33 -4.23 -11.23
CA GLY A 86 8.08 -2.80 -11.12
C GLY A 86 6.68 -2.41 -10.68
N GLU A 87 5.75 -3.36 -10.70
CA GLU A 87 4.38 -3.09 -10.30
C GLU A 87 4.01 -3.93 -9.08
N SER A 88 4.47 -5.17 -9.07
CA SER A 88 4.20 -6.10 -7.98
C SER A 88 5.13 -5.86 -6.81
N TRP A 89 4.62 -6.09 -5.60
CA TRP A 89 5.37 -5.93 -4.35
C TRP A 89 5.21 -7.17 -3.50
N ARG A 90 6.27 -7.53 -2.80
CA ARG A 90 6.22 -8.67 -1.90
C ARG A 90 5.75 -8.23 -0.53
N LEU A 91 4.45 -8.43 -0.31
CA LEU A 91 3.82 -8.07 0.94
C LEU A 91 3.90 -9.26 1.87
N THR A 92 4.85 -9.25 2.77
CA THR A 92 4.99 -10.33 3.71
C THR A 92 4.25 -10.02 4.99
N THR A 93 3.44 -10.98 5.42
CA THR A 93 2.58 -10.85 6.58
C THR A 93 2.76 -12.01 7.53
N GLY A 94 2.00 -12.00 8.62
CA GLY A 94 1.90 -13.16 9.49
C GLY A 94 0.94 -14.21 8.93
N GLU A 95 0.27 -13.85 7.83
CA GLU A 95 -0.62 -14.76 7.11
C GLU A 95 0.14 -15.47 5.99
N GLY A 96 1.34 -14.98 5.67
CA GLY A 96 2.16 -15.55 4.62
C GLY A 96 2.79 -14.45 3.77
N ALA A 97 2.34 -14.37 2.51
CA ALA A 97 2.78 -13.33 1.60
C ALA A 97 1.75 -13.15 0.50
N TYR A 98 1.63 -11.91 0.04
CA TYR A 98 0.66 -11.53 -0.98
C TYR A 98 1.38 -10.68 -2.01
N GLN A 99 0.95 -10.76 -3.25
CA GLN A 99 1.52 -9.93 -4.29
C GLN A 99 0.68 -8.67 -4.46
N LEU A 100 1.12 -7.57 -3.89
CA LEU A 100 0.36 -6.34 -4.01
C LEU A 100 0.90 -5.56 -5.19
N ARG A 101 0.11 -5.49 -6.22
CA ARG A 101 0.52 -4.86 -7.45
C ARG A 101 -0.25 -3.56 -7.64
N CYS A 102 0.47 -2.46 -7.74
CA CYS A 102 -0.13 -1.15 -7.89
C CYS A 102 -0.47 -0.90 -9.36
N LEU A 103 -1.75 -0.66 -9.60
CA LEU A 103 -2.26 -0.52 -10.96
C LEU A 103 -2.61 0.92 -11.26
N GLY A 104 -2.31 1.33 -12.48
CA GLY A 104 -2.61 2.67 -12.91
C GLY A 104 -1.46 3.62 -12.72
N ALA A 105 -1.24 4.01 -11.45
CA ALA A 105 -0.26 5.04 -11.03
C ALA A 105 -0.58 6.40 -11.68
N VAL A 106 -1.87 6.66 -11.91
CA VAL A 106 -2.33 7.87 -12.57
C VAL A 106 -2.76 8.91 -11.53
N SER A 107 -1.75 9.66 -11.13
CA SER A 107 -1.87 10.79 -10.21
C SER A 107 -0.49 11.42 -10.10
N ALA A 108 0.53 10.52 -10.07
CA ALA A 108 1.96 10.83 -10.26
C ALA A 108 2.57 11.68 -9.12
N SER A 109 1.91 11.76 -7.99
CA SER A 109 2.37 12.60 -6.89
C SER A 109 2.94 11.75 -5.75
N GLY A 110 4.21 11.42 -5.89
CA GLY A 110 4.94 10.74 -4.82
C GLY A 110 6.04 11.62 -4.26
N GLU A 111 6.88 12.15 -5.16
CA GLU A 111 7.87 13.15 -4.79
C GLU A 111 7.44 14.53 -5.34
N ASP A 112 6.13 14.76 -5.39
CA ASP A 112 5.61 16.05 -5.83
C ASP A 112 5.49 16.97 -4.62
N GLU A 113 6.48 17.83 -4.48
CA GLU A 113 6.64 18.69 -3.31
C GLU A 113 5.86 19.99 -3.49
N GLY A 1 18.21 18.10 -0.86
CA GLY A 1 18.77 17.48 0.36
C GLY A 1 18.96 15.99 0.19
N SER A 2 19.85 15.43 1.00
CA SER A 2 20.22 14.03 0.93
C SER A 2 19.23 13.13 1.65
N HIS A 3 18.60 13.68 2.69
CA HIS A 3 17.64 12.94 3.49
C HIS A 3 16.24 13.05 2.90
N MET A 4 15.98 12.14 1.98
CA MET A 4 14.71 12.05 1.30
C MET A 4 14.49 10.59 0.95
N THR A 5 13.24 10.12 1.03
CA THR A 5 12.93 8.79 0.56
C THR A 5 12.78 8.82 -0.95
N THR A 6 11.58 9.25 -1.44
CA THR A 6 11.17 9.29 -2.88
C THR A 6 11.66 8.08 -3.73
N GLN A 7 11.73 6.90 -3.09
CA GLN A 7 12.22 5.69 -3.76
C GLN A 7 11.08 4.91 -4.37
N ARG A 8 9.85 5.40 -4.13
CA ARG A 8 8.60 4.69 -4.42
C ARG A 8 8.53 3.42 -3.60
N TYR A 9 8.32 3.60 -2.30
CA TYR A 9 7.98 2.49 -1.42
C TYR A 9 6.53 2.10 -1.69
N LEU A 10 6.07 0.96 -1.16
CA LEU A 10 4.67 0.52 -1.33
C LEU A 10 3.69 1.50 -0.69
N LEU A 11 4.19 2.23 0.31
CA LEU A 11 3.47 3.35 0.91
C LEU A 11 3.22 4.46 -0.11
N ASP A 12 4.27 4.85 -0.83
CA ASP A 12 4.22 5.87 -1.87
C ASP A 12 3.31 5.43 -3.04
N GLU A 13 3.34 4.12 -3.29
CA GLU A 13 2.55 3.48 -4.35
C GLU A 13 1.04 3.57 -4.08
N LEU A 14 0.62 3.27 -2.84
CA LEU A 14 -0.82 3.20 -2.52
C LEU A 14 -1.48 4.58 -2.41
N GLU A 15 -0.64 5.60 -2.17
CA GLU A 15 -1.10 6.99 -2.07
C GLU A 15 -1.44 7.58 -3.44
N THR A 16 -0.87 7.00 -4.51
CA THR A 16 -1.12 7.48 -5.86
C THR A 16 -1.80 6.40 -6.72
N ALA A 17 -2.38 5.40 -6.05
CA ALA A 17 -3.02 4.29 -6.76
C ALA A 17 -4.49 4.56 -7.06
N ASP A 18 -4.99 3.89 -8.09
CA ASP A 18 -6.40 3.93 -8.47
C ASP A 18 -6.94 2.51 -8.48
N MET A 19 -6.19 1.62 -9.10
CA MET A 19 -6.55 0.21 -9.18
C MET A 19 -5.46 -0.65 -8.55
N LEU A 20 -5.85 -1.54 -7.68
CA LEU A 20 -4.89 -2.37 -6.99
C LEU A 20 -5.12 -3.83 -7.33
N GLU A 21 -4.07 -4.62 -7.27
CA GLU A 21 -4.17 -6.07 -7.50
C GLU A 21 -3.50 -6.84 -6.37
N ILE A 22 -4.05 -8.02 -6.11
CA ILE A 22 -3.46 -9.01 -5.22
C ILE A 22 -3.30 -10.33 -5.98
N ASP A 23 -2.08 -10.55 -6.48
CA ASP A 23 -1.67 -11.78 -7.19
C ASP A 23 -2.56 -12.03 -8.44
N GLY A 24 -2.93 -10.94 -9.11
CA GLY A 24 -3.79 -11.02 -10.29
C GLY A 24 -5.27 -10.84 -9.98
N LEU A 25 -5.67 -11.09 -8.73
CA LEU A 25 -7.04 -10.86 -8.29
C LEU A 25 -7.21 -9.36 -8.04
N HIS A 26 -8.04 -8.74 -8.85
CA HIS A 26 -8.27 -7.30 -8.80
C HIS A 26 -8.95 -6.90 -7.48
N ALA A 27 -8.29 -6.02 -6.75
CA ALA A 27 -8.90 -5.36 -5.61
C ALA A 27 -9.70 -4.17 -6.13
N TRP A 28 -11.03 -4.25 -6.01
CA TRP A 28 -11.94 -3.26 -6.63
C TRP A 28 -11.94 -1.95 -5.85
N ARG A 29 -11.54 -2.02 -4.58
CA ARG A 29 -11.51 -0.86 -3.71
C ARG A 29 -10.35 -1.01 -2.75
N PHE A 30 -9.83 0.11 -2.29
CA PHE A 30 -8.90 0.12 -1.18
C PHE A 30 -9.15 1.35 -0.31
N GLU A 31 -8.71 1.26 0.93
CA GLU A 31 -8.84 2.35 1.85
C GLU A 31 -7.52 2.52 2.59
N LEU A 32 -7.15 3.76 2.80
CA LEU A 32 -5.88 4.07 3.44
C LEU A 32 -6.13 4.66 4.81
N ASN A 33 -5.20 4.43 5.73
CA ASN A 33 -5.24 5.08 7.03
C ASN A 33 -4.60 6.46 6.87
N GLU A 34 -5.45 7.44 6.56
CA GLU A 34 -5.03 8.81 6.23
C GLU A 34 -4.54 9.55 7.46
N ASN A 35 -5.08 9.16 8.61
CA ASN A 35 -4.68 9.66 9.91
C ASN A 35 -3.23 9.27 10.22
N LEU A 36 -2.88 8.03 9.91
CA LEU A 36 -1.54 7.50 10.13
C LEU A 36 -0.56 8.00 9.06
N LEU A 37 -1.10 8.31 7.87
CA LEU A 37 -0.29 8.84 6.77
C LEU A 37 -0.04 10.33 6.90
N ASP A 38 -0.92 11.01 7.64
CA ASP A 38 -0.72 12.40 8.03
C ASP A 38 0.48 12.49 8.97
N GLN A 39 0.57 11.50 9.86
CA GLN A 39 1.66 11.37 10.81
C GLN A 39 2.94 10.91 10.13
N ALA A 40 2.82 10.17 9.03
CA ALA A 40 3.97 9.71 8.24
C ALA A 40 4.53 10.84 7.37
N ASP A 41 3.71 11.88 7.16
CA ASP A 41 4.05 12.99 6.27
C ASP A 41 4.77 14.03 7.08
N LEU A 42 4.23 14.23 8.28
CA LEU A 42 4.81 15.01 9.33
C LEU A 42 6.16 14.44 9.79
N ALA A 43 6.25 13.11 9.83
CA ALA A 43 7.47 12.41 10.22
C ALA A 43 8.55 12.56 9.17
N ALA A 44 8.17 12.53 7.89
CA ALA A 44 9.12 12.69 6.78
C ALA A 44 9.75 14.08 6.79
N GLU A 45 8.95 15.08 7.18
CA GLU A 45 9.41 16.46 7.31
C GLU A 45 10.27 16.65 8.55
N ALA A 46 10.10 15.78 9.54
CA ALA A 46 10.88 15.82 10.77
C ALA A 46 12.12 14.92 10.68
N ASP A 47 12.34 14.33 9.48
CA ASP A 47 13.49 13.44 9.15
C ASP A 47 13.40 12.08 9.89
N GLN A 48 12.20 11.72 10.30
CA GLN A 48 11.95 10.50 11.03
C GLN A 48 11.33 9.46 10.10
N PRO A 49 11.98 8.30 9.90
CA PRO A 49 11.36 7.14 9.25
C PRO A 49 10.18 6.66 10.09
N PHE A 50 9.01 6.56 9.47
CA PHE A 50 7.81 6.23 10.21
C PHE A 50 7.58 4.73 10.16
N ALA A 51 7.39 4.14 11.33
CA ALA A 51 7.09 2.72 11.45
C ALA A 51 5.95 2.53 12.46
N SER A 52 4.86 1.95 11.99
CA SER A 52 3.70 1.71 12.82
C SER A 52 3.24 0.28 12.64
N GLU A 53 2.73 -0.31 13.71
CA GLU A 53 2.19 -1.67 13.65
C GLU A 53 0.66 -1.64 13.61
N ASP A 54 0.08 -0.46 13.30
CA ASP A 54 -1.34 -0.32 13.07
C ASP A 54 -1.65 -0.69 11.61
N TRP A 55 -2.91 -0.57 11.20
CA TRP A 55 -3.28 -0.87 9.82
C TRP A 55 -2.95 0.33 8.91
N VAL A 56 -2.76 0.09 7.61
CA VAL A 56 -2.61 1.21 6.67
C VAL A 56 -3.37 0.96 5.37
N LEU A 57 -3.59 -0.30 5.02
CA LEU A 57 -4.10 -0.64 3.71
C LEU A 57 -5.14 -1.75 3.83
N ALA A 58 -6.37 -1.41 3.52
CA ALA A 58 -7.47 -2.35 3.51
C ALA A 58 -8.01 -2.48 2.10
N VAL A 59 -7.69 -3.59 1.47
CA VAL A 59 -8.06 -3.85 0.08
C VAL A 59 -9.25 -4.77 0.01
N GLU A 60 -10.31 -4.28 -0.61
CA GLU A 60 -11.53 -5.04 -0.74
C GLU A 60 -11.70 -5.49 -2.17
N SER A 61 -12.03 -6.77 -2.32
CA SER A 61 -12.29 -7.36 -3.61
C SER A 61 -13.63 -8.06 -3.58
N LEU A 62 -14.34 -8.02 -4.68
CA LEU A 62 -15.55 -8.80 -4.82
C LEU A 62 -15.25 -10.02 -5.66
N ASP A 63 -15.18 -11.14 -4.97
CA ASP A 63 -14.72 -12.39 -5.53
C ASP A 63 -15.90 -13.33 -5.77
N GLY A 64 -16.38 -13.36 -7.00
CA GLY A 64 -17.57 -14.12 -7.32
C GLY A 64 -18.81 -13.35 -6.95
N ARG A 65 -19.39 -13.69 -5.80
CA ARG A 65 -20.42 -12.89 -5.15
C ARG A 65 -20.08 -12.74 -3.66
N THR A 66 -18.80 -12.81 -3.39
CA THR A 66 -18.23 -12.78 -2.06
C THR A 66 -17.50 -11.46 -1.82
N ARG A 67 -17.72 -10.85 -0.66
CA ARG A 67 -17.03 -9.63 -0.31
C ARG A 67 -15.86 -9.96 0.62
N ARG A 68 -14.66 -9.95 0.03
CA ARG A 68 -13.45 -10.40 0.72
C ARG A 68 -12.44 -9.27 0.83
N GLU A 69 -11.95 -9.04 2.05
CA GLU A 69 -11.01 -7.95 2.27
C GLU A 69 -9.74 -8.43 2.98
N TRP A 70 -8.64 -7.76 2.69
CA TRP A 70 -7.37 -8.02 3.34
C TRP A 70 -6.86 -6.73 3.97
N ARG A 71 -6.54 -6.80 5.24
CA ARG A 71 -5.99 -5.67 5.95
C ARG A 71 -4.52 -5.89 6.22
N PHE A 72 -3.70 -5.05 5.63
CA PHE A 72 -2.27 -5.12 5.83
C PHE A 72 -1.85 -4.02 6.75
N SER A 73 -0.90 -4.33 7.62
CA SER A 73 -0.36 -3.37 8.54
C SER A 73 0.58 -2.42 7.85
N TYR A 74 0.84 -1.29 8.51
CA TYR A 74 1.81 -0.31 8.05
C TYR A 74 3.20 -0.93 7.98
N ASN A 75 3.50 -1.76 8.99
CA ASN A 75 4.75 -2.48 9.07
C ASN A 75 4.93 -3.44 7.90
N ALA A 76 3.88 -4.21 7.59
CA ALA A 76 3.89 -5.19 6.49
C ALA A 76 4.12 -4.52 5.13
N VAL A 77 3.43 -3.40 4.92
CA VAL A 77 3.54 -2.58 3.72
C VAL A 77 4.96 -1.97 3.55
N MET A 78 5.61 -1.58 4.66
CA MET A 78 6.95 -0.99 4.59
C MET A 78 8.05 -2.03 4.35
N GLU A 79 7.90 -3.23 4.92
CA GLU A 79 8.90 -4.28 4.77
C GLU A 79 8.60 -5.21 3.58
N ALA A 80 7.57 -4.83 2.80
CA ALA A 80 7.23 -5.51 1.56
C ALA A 80 8.36 -5.40 0.56
N GLU A 81 8.75 -6.55 0.03
CA GLU A 81 9.93 -6.67 -0.78
C GLU A 81 9.70 -6.16 -2.20
N PRO A 82 10.51 -5.18 -2.65
CA PRO A 82 10.43 -4.66 -4.01
C PRO A 82 10.89 -5.68 -5.03
N GLN A 83 9.98 -6.06 -5.91
CA GLN A 83 10.31 -7.01 -6.97
C GLN A 83 11.03 -6.26 -8.08
N ALA A 84 11.74 -6.99 -8.93
CA ALA A 84 12.51 -6.39 -10.04
C ALA A 84 11.61 -5.79 -11.13
N ASP A 85 10.31 -6.14 -11.06
CA ASP A 85 9.26 -5.57 -11.89
C ASP A 85 9.03 -4.08 -11.54
N GLY A 86 9.37 -3.70 -10.29
CA GLY A 86 9.31 -2.32 -9.83
C GLY A 86 7.93 -1.82 -9.43
N GLU A 87 6.90 -2.58 -9.77
CA GLU A 87 5.52 -2.20 -9.47
C GLU A 87 4.85 -3.20 -8.54
N SER A 88 5.32 -4.45 -8.60
CA SER A 88 4.79 -5.53 -7.78
C SER A 88 5.59 -5.66 -6.49
N TRP A 89 4.90 -6.04 -5.43
CA TRP A 89 5.49 -6.13 -4.09
C TRP A 89 5.14 -7.48 -3.47
N ARG A 90 6.13 -8.10 -2.84
CA ARG A 90 5.92 -9.38 -2.19
C ARG A 90 5.63 -9.15 -0.71
N LEU A 91 4.37 -9.38 -0.36
CA LEU A 91 3.90 -9.28 1.02
C LEU A 91 4.00 -10.65 1.67
N THR A 92 4.77 -10.74 2.73
CA THR A 92 4.91 -12.00 3.43
C THR A 92 4.35 -11.91 4.84
N THR A 93 3.13 -12.41 4.95
CA THR A 93 2.36 -12.24 6.17
C THR A 93 2.12 -13.59 6.84
N GLY A 94 1.40 -13.58 7.96
CA GLY A 94 1.01 -14.82 8.64
C GLY A 94 -0.17 -15.48 7.95
N GLU A 95 -0.84 -14.73 7.08
CA GLU A 95 -1.83 -15.27 6.17
C GLU A 95 -1.13 -15.95 4.99
N GLY A 96 -0.19 -15.22 4.38
CA GLY A 96 0.59 -15.78 3.31
C GLY A 96 1.23 -14.72 2.43
N ALA A 97 1.58 -15.14 1.23
CA ALA A 97 2.24 -14.28 0.25
C ALA A 97 1.22 -13.67 -0.70
N TYR A 98 1.22 -12.34 -0.74
CA TYR A 98 0.31 -11.58 -1.57
C TYR A 98 1.10 -10.64 -2.46
N GLN A 99 0.74 -10.57 -3.73
CA GLN A 99 1.40 -9.65 -4.65
C GLN A 99 0.59 -8.37 -4.78
N LEU A 100 1.05 -7.31 -4.12
CA LEU A 100 0.39 -6.01 -4.25
C LEU A 100 1.04 -5.23 -5.36
N ARG A 101 0.31 -5.01 -6.43
CA ARG A 101 0.79 -4.15 -7.48
C ARG A 101 -0.13 -2.95 -7.62
N CYS A 102 0.42 -1.79 -7.26
CA CYS A 102 -0.33 -0.55 -7.28
C CYS A 102 -0.32 0.05 -8.69
N LEU A 103 -1.48 0.04 -9.28
CA LEU A 103 -1.68 0.59 -10.60
C LEU A 103 -2.49 1.88 -10.49
N GLY A 104 -2.61 2.60 -11.58
CA GLY A 104 -3.40 3.82 -11.57
C GLY A 104 -2.69 4.98 -12.21
N ALA A 105 -3.48 5.89 -12.74
CA ALA A 105 -2.95 7.08 -13.40
C ALA A 105 -3.02 8.29 -12.48
N VAL A 106 -3.01 8.03 -11.17
CA VAL A 106 -3.05 9.09 -10.15
C VAL A 106 -1.63 9.43 -9.68
N SER A 107 -0.68 8.75 -10.29
CA SER A 107 0.74 9.00 -10.08
C SER A 107 1.20 10.22 -10.88
N ALA A 108 0.34 10.66 -11.82
CA ALA A 108 0.56 11.90 -12.53
C ALA A 108 -0.72 12.74 -12.57
N SER A 109 -1.53 12.63 -11.51
CA SER A 109 -2.79 13.36 -11.45
C SER A 109 -2.87 14.19 -10.17
N GLY A 110 -3.10 15.49 -10.32
CA GLY A 110 -3.13 16.39 -9.19
C GLY A 110 -4.36 17.28 -9.15
N GLU A 111 -5.39 16.80 -8.47
CA GLU A 111 -6.63 17.57 -8.25
C GLU A 111 -6.46 18.48 -7.04
N ASP A 112 -5.52 18.10 -6.14
CA ASP A 112 -5.25 18.74 -4.85
C ASP A 112 -6.35 18.45 -3.84
N GLU A 113 -6.12 17.41 -3.04
CA GLU A 113 -7.02 17.07 -1.95
C GLU A 113 -6.23 16.41 -0.83
N GLY A 1 18.25 17.31 -2.12
CA GLY A 1 18.91 16.65 -0.99
C GLY A 1 18.91 15.14 -1.11
N SER A 2 19.77 14.48 -0.34
CA SER A 2 19.90 13.02 -0.36
C SER A 2 18.81 12.33 0.47
N HIS A 3 17.94 13.15 1.10
CA HIS A 3 16.78 12.67 1.85
C HIS A 3 15.81 11.93 0.92
N MET A 4 15.73 12.37 -0.34
CA MET A 4 15.01 11.61 -1.35
C MET A 4 15.83 10.40 -1.75
N THR A 5 15.37 9.25 -1.30
CA THR A 5 15.98 7.99 -1.64
C THR A 5 15.45 7.51 -2.98
N THR A 6 14.22 7.99 -3.30
CA THR A 6 13.52 7.83 -4.59
C THR A 6 13.47 6.37 -5.08
N GLN A 7 13.31 5.45 -4.11
CA GLN A 7 13.28 4.02 -4.37
C GLN A 7 11.93 3.58 -4.92
N ARG A 8 10.93 4.47 -4.81
CA ARG A 8 9.53 4.17 -5.04
C ARG A 8 9.07 3.11 -4.08
N TYR A 9 8.84 3.53 -2.85
CA TYR A 9 8.32 2.65 -1.79
C TYR A 9 6.85 2.38 -2.06
N LEU A 10 6.30 1.28 -1.53
CA LEU A 10 4.87 0.99 -1.67
C LEU A 10 4.03 2.02 -0.90
N LEU A 11 4.63 2.61 0.14
CA LEU A 11 4.03 3.75 0.85
C LEU A 11 3.88 4.96 -0.08
N ASP A 12 4.90 5.18 -0.90
CA ASP A 12 4.90 6.27 -1.88
C ASP A 12 3.98 5.94 -3.07
N GLU A 13 3.86 4.64 -3.39
CA GLU A 13 3.01 4.16 -4.47
C GLU A 13 1.54 4.39 -4.18
N LEU A 14 1.07 4.00 -2.98
CA LEU A 14 -0.35 4.05 -2.63
C LEU A 14 -0.89 5.48 -2.53
N GLU A 15 0.01 6.43 -2.29
CA GLU A 15 -0.30 7.86 -2.26
C GLU A 15 -0.64 8.41 -3.65
N THR A 16 -0.25 7.68 -4.69
CA THR A 16 -0.52 8.08 -6.06
C THR A 16 -1.19 6.96 -6.88
N ALA A 17 -1.63 5.90 -6.20
CA ALA A 17 -2.28 4.78 -6.87
C ALA A 17 -3.77 4.83 -6.68
N ASP A 18 -4.50 4.60 -7.75
CA ASP A 18 -5.97 4.60 -7.71
C ASP A 18 -6.48 3.16 -7.60
N MET A 19 -5.68 2.24 -8.11
CA MET A 19 -6.08 0.86 -8.28
C MET A 19 -5.00 -0.08 -7.72
N LEU A 20 -5.42 -1.18 -7.13
CA LEU A 20 -4.50 -2.20 -6.62
C LEU A 20 -5.01 -3.57 -7.03
N GLU A 21 -4.10 -4.54 -7.11
CA GLU A 21 -4.45 -5.94 -7.31
C GLU A 21 -3.67 -6.77 -6.33
N ILE A 22 -4.20 -7.93 -5.93
CA ILE A 22 -3.49 -8.77 -4.99
C ILE A 22 -3.44 -10.24 -5.46
N ASP A 23 -2.20 -10.70 -5.71
CA ASP A 23 -1.87 -12.08 -6.18
C ASP A 23 -2.52 -12.40 -7.53
N GLY A 24 -2.85 -11.35 -8.30
CA GLY A 24 -3.53 -11.52 -9.58
C GLY A 24 -5.03 -11.35 -9.49
N LEU A 25 -5.56 -11.31 -8.27
CA LEU A 25 -6.98 -11.07 -8.03
C LEU A 25 -7.21 -9.57 -7.93
N HIS A 26 -8.07 -9.05 -8.78
CA HIS A 26 -8.26 -7.62 -8.93
C HIS A 26 -9.05 -7.00 -7.76
N ALA A 27 -8.46 -6.01 -7.11
CA ALA A 27 -9.15 -5.22 -6.12
C ALA A 27 -9.76 -3.99 -6.77
N TRP A 28 -11.05 -3.74 -6.54
CA TRP A 28 -11.70 -2.59 -7.15
C TRP A 28 -11.57 -1.36 -6.25
N ARG A 29 -11.40 -1.60 -4.96
CA ARG A 29 -11.34 -0.55 -3.98
C ARG A 29 -10.32 -0.88 -2.91
N PHE A 30 -9.55 0.11 -2.51
CA PHE A 30 -8.73 0.00 -1.33
C PHE A 30 -8.83 1.24 -0.48
N GLU A 31 -8.61 1.05 0.80
CA GLU A 31 -8.74 2.10 1.78
C GLU A 31 -7.38 2.45 2.32
N LEU A 32 -7.16 3.74 2.55
CA LEU A 32 -5.93 4.20 3.14
C LEU A 32 -6.21 4.80 4.49
N ASN A 33 -5.38 4.45 5.48
CA ASN A 33 -5.48 5.05 6.81
C ASN A 33 -4.85 6.44 6.76
N GLU A 34 -5.64 7.45 6.43
CA GLU A 34 -5.14 8.80 6.20
C GLU A 34 -4.80 9.50 7.52
N ASN A 35 -5.40 9.03 8.60
CA ASN A 35 -5.10 9.48 9.95
C ASN A 35 -3.66 9.12 10.33
N LEU A 36 -3.28 7.86 10.05
CA LEU A 36 -1.96 7.34 10.37
C LEU A 36 -0.93 7.77 9.31
N LEU A 37 -1.39 7.97 8.07
CA LEU A 37 -0.52 8.41 6.97
C LEU A 37 -0.20 9.88 7.04
N ASP A 38 -1.08 10.66 7.69
CA ASP A 38 -0.80 12.06 7.94
C ASP A 38 0.36 12.20 8.93
N GLN A 39 0.39 11.29 9.91
CA GLN A 39 1.46 11.24 10.91
C GLN A 39 2.72 10.56 10.37
N ALA A 40 2.54 9.70 9.38
CA ALA A 40 3.63 8.97 8.74
C ALA A 40 4.47 9.91 7.89
N ASP A 41 3.79 10.79 7.15
CA ASP A 41 4.47 11.78 6.32
C ASP A 41 4.95 12.96 7.18
N LEU A 42 4.24 13.23 8.27
CA LEU A 42 4.64 14.21 9.30
C LEU A 42 6.02 13.85 9.87
N ALA A 43 6.19 12.57 10.19
CA ALA A 43 7.44 12.06 10.72
C ALA A 43 8.51 12.01 9.65
N ALA A 44 8.13 11.59 8.43
CA ALA A 44 9.07 11.49 7.30
C ALA A 44 9.63 12.84 6.86
N GLU A 45 8.82 13.90 6.97
CA GLU A 45 9.25 15.27 6.68
C GLU A 45 10.20 15.81 7.75
N ALA A 46 10.21 15.18 8.92
CA ALA A 46 11.13 15.51 9.99
C ALA A 46 12.31 14.56 10.05
N ASP A 47 12.42 13.69 9.01
CA ASP A 47 13.48 12.67 8.85
C ASP A 47 13.43 11.62 9.99
N GLN A 48 12.22 11.32 10.42
CA GLN A 48 11.98 10.36 11.49
C GLN A 48 11.26 9.14 10.92
N PRO A 49 11.83 7.92 11.09
CA PRO A 49 11.20 6.70 10.57
C PRO A 49 9.92 6.36 11.33
N PHE A 50 8.82 6.24 10.59
CA PHE A 50 7.53 5.97 11.19
C PHE A 50 7.27 4.46 11.16
N ALA A 51 6.85 3.92 12.30
CA ALA A 51 6.58 2.51 12.41
C ALA A 51 5.35 2.27 13.27
N SER A 52 4.37 1.60 12.68
CA SER A 52 3.13 1.28 13.35
C SER A 52 2.68 -0.13 12.99
N GLU A 53 2.06 -0.83 13.94
CA GLU A 53 1.50 -2.15 13.67
C GLU A 53 -0.02 -2.07 13.53
N ASP A 54 -0.52 -0.84 13.38
CA ASP A 54 -1.94 -0.60 13.05
C ASP A 54 -2.11 -0.82 11.55
N TRP A 55 -3.36 -0.84 11.08
CA TRP A 55 -3.64 -1.07 9.67
C TRP A 55 -3.27 0.19 8.86
N VAL A 56 -3.01 0.01 7.57
CA VAL A 56 -2.80 1.15 6.68
C VAL A 56 -3.45 0.90 5.29
N LEU A 57 -3.66 -0.37 4.96
CA LEU A 57 -4.11 -0.76 3.65
C LEU A 57 -5.24 -1.77 3.77
N ALA A 58 -6.38 -1.50 3.14
CA ALA A 58 -7.48 -2.46 3.09
C ALA A 58 -7.97 -2.65 1.67
N VAL A 59 -7.66 -3.79 1.07
CA VAL A 59 -8.03 -4.05 -0.32
C VAL A 59 -9.26 -4.94 -0.40
N GLU A 60 -10.32 -4.42 -0.99
CA GLU A 60 -11.55 -5.19 -1.19
C GLU A 60 -11.61 -5.68 -2.62
N SER A 61 -11.65 -6.99 -2.77
CA SER A 61 -11.78 -7.63 -4.05
C SER A 61 -12.97 -8.55 -4.05
N LEU A 62 -13.70 -8.63 -5.15
CA LEU A 62 -14.81 -9.55 -5.24
C LEU A 62 -14.37 -10.84 -5.92
N ASP A 63 -14.45 -11.93 -5.18
CA ASP A 63 -14.21 -13.24 -5.72
C ASP A 63 -15.56 -13.97 -5.86
N GLY A 64 -16.08 -13.97 -7.07
CA GLY A 64 -17.43 -14.41 -7.28
C GLY A 64 -18.40 -13.30 -6.98
N ARG A 65 -19.10 -13.43 -5.86
CA ARG A 65 -19.93 -12.36 -5.31
C ARG A 65 -19.48 -12.06 -3.89
N THR A 66 -18.36 -12.66 -3.51
CA THR A 66 -17.78 -12.55 -2.19
C THR A 66 -16.88 -11.31 -2.09
N ARG A 67 -17.12 -10.47 -1.10
CA ARG A 67 -16.28 -9.31 -0.86
C ARG A 67 -15.17 -9.64 0.13
N ARG A 68 -14.00 -9.90 -0.41
CA ARG A 68 -12.84 -10.33 0.33
C ARG A 68 -11.93 -9.15 0.59
N GLU A 69 -11.70 -8.80 1.84
CA GLU A 69 -10.83 -7.68 2.15
C GLU A 69 -9.59 -8.14 2.93
N TRP A 70 -8.46 -7.54 2.59
CA TRP A 70 -7.22 -7.79 3.31
C TRP A 70 -6.78 -6.51 3.98
N ARG A 71 -6.61 -6.56 5.29
CA ARG A 71 -6.12 -5.40 6.04
C ARG A 71 -4.71 -5.64 6.50
N PHE A 72 -3.81 -4.81 6.02
CA PHE A 72 -2.40 -4.97 6.27
C PHE A 72 -1.88 -3.92 7.22
N SER A 73 -0.91 -4.32 8.03
CA SER A 73 -0.26 -3.41 8.97
C SER A 73 0.65 -2.43 8.24
N TYR A 74 0.94 -1.31 8.90
CA TYR A 74 1.80 -0.27 8.36
C TYR A 74 3.22 -0.78 8.11
N ASN A 75 3.77 -1.53 9.08
CA ASN A 75 5.10 -2.13 8.96
C ASN A 75 5.19 -3.17 7.84
N ALA A 76 4.08 -3.86 7.57
CA ALA A 76 4.00 -4.86 6.50
C ALA A 76 4.09 -4.20 5.11
N VAL A 77 3.54 -2.99 4.98
CA VAL A 77 3.63 -2.22 3.75
C VAL A 77 5.04 -1.59 3.61
N MET A 78 5.67 -1.29 4.76
CA MET A 78 7.03 -0.74 4.81
C MET A 78 8.07 -1.74 4.32
N GLU A 79 7.87 -3.03 4.65
CA GLU A 79 8.82 -4.08 4.33
C GLU A 79 8.50 -4.76 2.98
N ALA A 80 7.53 -4.21 2.24
CA ALA A 80 7.15 -4.72 0.91
C ALA A 80 8.32 -4.70 -0.07
N GLU A 81 8.60 -5.87 -0.65
CA GLU A 81 9.75 -6.05 -1.53
C GLU A 81 9.37 -5.82 -3.00
N PRO A 82 10.20 -5.07 -3.76
CA PRO A 82 9.97 -4.88 -5.20
C PRO A 82 10.24 -6.14 -6.00
N GLN A 83 9.22 -6.60 -6.70
CA GLN A 83 9.33 -7.75 -7.57
C GLN A 83 9.97 -7.33 -8.90
N ALA A 84 10.25 -8.31 -9.75
CA ALA A 84 10.93 -8.05 -11.03
C ALA A 84 9.97 -7.44 -12.06
N ASP A 85 8.68 -7.47 -11.75
CA ASP A 85 7.64 -6.78 -12.51
C ASP A 85 7.74 -5.25 -12.31
N GLY A 86 8.37 -4.83 -11.20
CA GLY A 86 8.64 -3.42 -10.92
C GLY A 86 7.46 -2.64 -10.35
N GLU A 87 6.24 -3.18 -10.48
CA GLU A 87 5.05 -2.54 -9.92
C GLU A 87 4.35 -3.49 -8.96
N SER A 88 4.84 -4.72 -8.90
CA SER A 88 4.33 -5.71 -7.97
C SER A 88 5.21 -5.76 -6.72
N TRP A 89 4.57 -6.00 -5.59
CA TRP A 89 5.24 -5.96 -4.30
C TRP A 89 4.88 -7.19 -3.49
N ARG A 90 5.83 -7.66 -2.69
CA ARG A 90 5.55 -8.71 -1.73
C ARG A 90 5.16 -8.09 -0.40
N LEU A 91 3.89 -8.21 -0.07
CA LEU A 91 3.39 -7.74 1.19
C LEU A 91 3.52 -8.88 2.17
N THR A 92 4.57 -8.81 2.96
CA THR A 92 4.96 -9.90 3.81
C THR A 92 4.40 -9.72 5.22
N THR A 93 3.51 -10.62 5.58
CA THR A 93 2.81 -10.57 6.85
C THR A 93 3.14 -11.81 7.68
N GLY A 94 2.46 -11.95 8.81
CA GLY A 94 2.55 -13.16 9.60
C GLY A 94 1.79 -14.31 8.97
N GLU A 95 0.81 -13.98 8.11
CA GLU A 95 0.05 -14.95 7.34
C GLU A 95 0.91 -15.52 6.20
N GLY A 96 1.71 -14.66 5.58
CA GLY A 96 2.60 -15.09 4.52
C GLY A 96 3.05 -13.95 3.63
N ALA A 97 2.60 -13.95 2.39
CA ALA A 97 2.97 -12.93 1.42
C ALA A 97 1.86 -12.75 0.39
N TYR A 98 1.60 -11.50 0.05
CA TYR A 98 0.51 -11.13 -0.86
C TYR A 98 1.06 -10.17 -1.92
N GLN A 99 0.79 -10.43 -3.19
CA GLN A 99 1.33 -9.58 -4.25
C GLN A 99 0.44 -8.35 -4.51
N LEU A 100 0.84 -7.19 -4.00
CA LEU A 100 0.12 -5.96 -4.30
C LEU A 100 0.75 -5.29 -5.50
N ARG A 101 -0.02 -5.03 -6.54
CA ARG A 101 0.50 -4.31 -7.68
C ARG A 101 -0.25 -3.00 -7.86
N CYS A 102 0.50 -1.91 -7.82
CA CYS A 102 -0.05 -0.56 -7.88
C CYS A 102 -0.32 -0.15 -9.31
N LEU A 103 -1.54 0.30 -9.56
CA LEU A 103 -1.98 0.72 -10.87
C LEU A 103 -2.78 2.01 -10.73
N GLY A 104 -3.09 2.65 -11.84
CA GLY A 104 -3.91 3.86 -11.80
C GLY A 104 -3.10 5.11 -11.46
N ALA A 105 -3.69 6.26 -11.75
CA ALA A 105 -3.04 7.54 -11.49
C ALA A 105 -4.06 8.59 -11.09
N VAL A 106 -5.17 8.14 -10.53
CA VAL A 106 -6.28 9.04 -10.18
C VAL A 106 -6.25 9.28 -8.67
N SER A 107 -5.45 10.29 -8.30
CA SER A 107 -5.25 10.72 -6.91
C SER A 107 -4.70 9.58 -6.03
N ALA A 108 -5.54 8.99 -5.18
CA ALA A 108 -5.17 7.83 -4.39
C ALA A 108 -6.42 7.08 -3.94
N SER A 109 -6.94 7.47 -2.78
CA SER A 109 -8.07 6.80 -2.13
C SER A 109 -8.65 7.73 -1.06
N GLY A 110 -9.29 7.13 -0.06
CA GLY A 110 -9.72 7.86 1.11
C GLY A 110 -10.01 6.88 2.21
N GLU A 111 -10.03 7.37 3.44
CA GLU A 111 -10.40 6.55 4.57
C GLU A 111 -11.92 6.53 4.67
N ASP A 112 -12.51 5.41 4.26
CA ASP A 112 -13.95 5.29 4.10
C ASP A 112 -14.62 5.06 5.45
N GLU A 113 -15.74 5.73 5.65
CA GLU A 113 -16.52 5.62 6.88
C GLU A 113 -17.97 5.89 6.57
N GLY A 1 16.15 10.44 5.80
CA GLY A 1 17.21 9.94 4.90
C GLY A 1 16.68 8.94 3.92
N SER A 2 17.24 8.94 2.71
CA SER A 2 16.79 8.09 1.62
C SER A 2 17.84 8.07 0.51
N HIS A 3 18.02 6.89 -0.11
CA HIS A 3 18.90 6.75 -1.28
C HIS A 3 18.08 6.85 -2.58
N MET A 4 16.80 7.20 -2.44
CA MET A 4 15.93 7.46 -3.57
C MET A 4 15.59 8.94 -3.62
N THR A 5 15.91 9.58 -4.73
CA THR A 5 15.53 10.98 -4.95
C THR A 5 14.02 11.07 -5.18
N THR A 6 13.52 10.26 -6.10
CA THR A 6 12.09 10.05 -6.19
C THR A 6 11.76 8.76 -5.44
N GLN A 7 11.28 8.94 -4.21
CA GLN A 7 10.90 7.83 -3.35
C GLN A 7 9.65 7.15 -3.88
N ARG A 8 9.82 5.92 -4.33
CA ARG A 8 8.71 5.14 -4.83
C ARG A 8 8.62 3.86 -4.04
N TYR A 9 8.16 4.00 -2.81
CA TYR A 9 7.82 2.89 -1.95
C TYR A 9 6.37 2.53 -2.17
N LEU A 10 5.91 1.44 -1.56
CA LEU A 10 4.49 1.03 -1.65
C LEU A 10 3.58 2.10 -1.05
N LEU A 11 4.10 2.79 -0.03
CA LEU A 11 3.45 3.94 0.59
C LEU A 11 3.12 5.03 -0.43
N ASP A 12 4.09 5.37 -1.27
CA ASP A 12 3.95 6.42 -2.26
C ASP A 12 3.12 5.94 -3.45
N GLU A 13 3.12 4.62 -3.65
CA GLU A 13 2.43 4.00 -4.77
C GLU A 13 0.93 3.96 -4.56
N LEU A 14 0.47 3.73 -3.33
CA LEU A 14 -0.96 3.63 -3.03
C LEU A 14 -1.65 4.99 -3.10
N GLU A 15 -0.87 6.04 -2.90
CA GLU A 15 -1.34 7.41 -2.99
C GLU A 15 -1.41 7.90 -4.45
N THR A 16 -0.69 7.22 -5.35
CA THR A 16 -0.65 7.63 -6.75
C THR A 16 -1.32 6.59 -7.65
N ALA A 17 -2.01 5.63 -7.05
CA ALA A 17 -2.64 4.54 -7.79
C ALA A 17 -4.12 4.78 -7.99
N ASP A 18 -4.68 4.18 -9.03
CA ASP A 18 -6.11 4.23 -9.27
C ASP A 18 -6.75 2.92 -8.85
N MET A 19 -6.00 1.83 -9.04
CA MET A 19 -6.48 0.48 -8.69
C MET A 19 -5.40 -0.23 -7.89
N LEU A 20 -5.80 -1.31 -7.23
CA LEU A 20 -4.85 -2.18 -6.54
C LEU A 20 -5.14 -3.62 -6.97
N GLU A 21 -4.11 -4.34 -7.39
CA GLU A 21 -4.26 -5.75 -7.72
C GLU A 21 -3.39 -6.56 -6.78
N ILE A 22 -3.97 -7.59 -6.16
CA ILE A 22 -3.27 -8.32 -5.13
C ILE A 22 -3.19 -9.83 -5.44
N ASP A 23 -1.94 -10.29 -5.69
CA ASP A 23 -1.61 -11.69 -6.01
C ASP A 23 -2.31 -12.18 -7.31
N GLY A 24 -2.60 -11.23 -8.20
CA GLY A 24 -3.27 -11.54 -9.46
C GLY A 24 -4.78 -11.36 -9.40
N LEU A 25 -5.27 -10.95 -8.25
CA LEU A 25 -6.70 -10.75 -8.03
C LEU A 25 -7.00 -9.27 -7.87
N HIS A 26 -7.77 -8.72 -8.81
CA HIS A 26 -8.10 -7.30 -8.81
C HIS A 26 -9.00 -6.93 -7.64
N ALA A 27 -8.49 -6.08 -6.76
CA ALA A 27 -9.30 -5.47 -5.75
C ALA A 27 -10.09 -4.34 -6.38
N TRP A 28 -11.41 -4.39 -6.22
CA TRP A 28 -12.32 -3.48 -6.91
C TRP A 28 -12.29 -2.07 -6.30
N ARG A 29 -11.84 -1.99 -5.04
CA ARG A 29 -11.54 -0.73 -4.39
C ARG A 29 -10.58 -0.99 -3.23
N PHE A 30 -10.12 0.10 -2.63
CA PHE A 30 -9.21 0.02 -1.48
C PHE A 30 -9.44 1.21 -0.53
N GLU A 31 -9.00 1.06 0.70
CA GLU A 31 -9.11 2.09 1.71
C GLU A 31 -7.75 2.36 2.32
N LEU A 32 -7.48 3.63 2.53
CA LEU A 32 -6.19 4.07 3.05
C LEU A 32 -6.40 4.77 4.39
N ASN A 33 -5.55 4.48 5.36
CA ASN A 33 -5.62 5.14 6.66
C ASN A 33 -4.85 6.46 6.61
N GLU A 34 -5.55 7.51 6.21
CA GLU A 34 -5.00 8.84 5.96
C GLU A 34 -4.51 9.53 7.22
N ASN A 35 -5.16 9.21 8.34
CA ASN A 35 -4.75 9.65 9.67
C ASN A 35 -3.32 9.20 9.99
N LEU A 36 -3.00 7.95 9.66
CA LEU A 36 -1.69 7.38 9.92
C LEU A 36 -0.68 7.80 8.85
N LEU A 37 -1.19 8.14 7.66
CA LEU A 37 -0.35 8.59 6.56
C LEU A 37 0.10 10.04 6.76
N ASP A 38 -0.71 10.80 7.50
CA ASP A 38 -0.35 12.15 7.91
C ASP A 38 0.85 12.10 8.85
N GLN A 39 0.77 11.19 9.84
CA GLN A 39 1.82 11.02 10.84
C GLN A 39 3.09 10.41 10.24
N ALA A 40 2.90 9.62 9.18
CA ALA A 40 4.00 9.02 8.43
C ALA A 40 4.83 10.06 7.71
N ASP A 41 4.16 10.97 7.00
CA ASP A 41 4.81 12.04 6.26
C ASP A 41 5.34 13.12 7.19
N LEU A 42 4.66 13.29 8.34
CA LEU A 42 5.06 14.20 9.42
C LEU A 42 6.43 13.80 9.98
N ALA A 43 6.60 12.51 10.26
CA ALA A 43 7.84 11.97 10.79
C ALA A 43 8.91 11.91 9.72
N ALA A 44 8.52 11.63 8.47
CA ALA A 44 9.45 11.59 7.33
C ALA A 44 10.08 12.96 7.06
N GLU A 45 9.30 14.02 7.30
CA GLU A 45 9.77 15.39 7.15
C GLU A 45 10.59 15.85 8.37
N ALA A 46 10.66 15.01 9.39
CA ALA A 46 11.55 15.23 10.51
C ALA A 46 12.77 14.31 10.44
N ASP A 47 12.93 13.62 9.27
CA ASP A 47 14.06 12.70 8.97
C ASP A 47 13.94 11.38 9.80
N GLN A 48 12.78 11.18 10.39
CA GLN A 48 12.52 10.05 11.29
C GLN A 48 11.73 8.97 10.56
N PRO A 49 12.25 7.72 10.50
CA PRO A 49 11.53 6.58 9.92
C PRO A 49 10.27 6.23 10.71
N PHE A 50 9.15 6.19 10.03
CA PHE A 50 7.88 5.90 10.65
C PHE A 50 7.52 4.43 10.41
N ALA A 51 7.24 3.72 11.49
CA ALA A 51 6.75 2.35 11.43
C ALA A 51 5.71 2.13 12.52
N SER A 52 4.51 1.80 12.11
CA SER A 52 3.39 1.63 13.03
C SER A 52 2.73 0.29 12.80
N GLU A 53 2.34 -0.37 13.88
CA GLU A 53 1.69 -1.68 13.78
C GLU A 53 0.15 -1.55 13.79
N ASP A 54 -0.33 -0.32 13.52
CA ASP A 54 -1.75 -0.08 13.23
C ASP A 54 -1.97 -0.34 11.75
N TRP A 55 -3.23 -0.41 11.33
CA TRP A 55 -3.59 -0.74 9.96
C TRP A 55 -3.30 0.44 9.02
N VAL A 56 -3.10 0.15 7.75
CA VAL A 56 -2.99 1.20 6.74
C VAL A 56 -3.76 0.82 5.47
N LEU A 57 -3.90 -0.48 5.19
CA LEU A 57 -4.43 -0.92 3.94
C LEU A 57 -5.59 -1.88 4.12
N ALA A 58 -6.66 -1.58 3.41
CA ALA A 58 -7.77 -2.48 3.29
C ALA A 58 -8.15 -2.62 1.83
N VAL A 59 -7.76 -3.74 1.25
CA VAL A 59 -8.12 -4.02 -0.12
C VAL A 59 -9.23 -5.05 -0.09
N GLU A 60 -10.23 -4.87 -0.91
CA GLU A 60 -11.35 -5.78 -0.94
C GLU A 60 -11.71 -6.14 -2.37
N SER A 61 -12.19 -7.35 -2.54
CA SER A 61 -12.59 -7.87 -3.83
C SER A 61 -13.79 -8.78 -3.67
N LEU A 62 -14.88 -8.45 -4.33
CA LEU A 62 -15.98 -9.40 -4.45
C LEU A 62 -15.80 -10.13 -5.77
N ASP A 63 -15.37 -11.38 -5.69
CA ASP A 63 -15.14 -12.20 -6.88
C ASP A 63 -16.36 -13.07 -7.11
N GLY A 64 -17.24 -12.60 -7.97
CA GLY A 64 -18.54 -13.22 -8.12
C GLY A 64 -19.43 -12.85 -6.95
N ARG A 65 -19.51 -13.75 -5.97
CA ARG A 65 -20.30 -13.53 -4.77
C ARG A 65 -19.48 -13.82 -3.50
N THR A 66 -18.19 -14.13 -3.66
CA THR A 66 -17.32 -14.37 -2.51
C THR A 66 -16.66 -13.06 -2.07
N ARG A 67 -16.38 -12.93 -0.77
CA ARG A 67 -15.70 -11.75 -0.26
C ARG A 67 -14.28 -12.06 0.18
N ARG A 68 -13.36 -11.24 -0.28
CA ARG A 68 -11.97 -11.32 0.12
C ARG A 68 -11.48 -9.94 0.53
N GLU A 69 -11.09 -9.80 1.78
CA GLU A 69 -10.53 -8.54 2.27
C GLU A 69 -9.21 -8.81 2.94
N TRP A 70 -8.22 -8.01 2.60
CA TRP A 70 -6.89 -8.16 3.16
C TRP A 70 -6.54 -6.89 3.94
N ARG A 71 -6.22 -7.09 5.21
CA ARG A 71 -5.90 -5.98 6.10
C ARG A 71 -4.42 -5.99 6.43
N PHE A 72 -3.73 -4.93 6.02
CA PHE A 72 -2.30 -4.85 6.21
C PHE A 72 -1.97 -3.72 7.16
N SER A 73 -0.96 -3.96 7.98
CA SER A 73 -0.43 -2.94 8.86
C SER A 73 0.54 -2.04 8.11
N TYR A 74 0.84 -0.88 8.69
CA TYR A 74 1.82 0.04 8.11
C TYR A 74 3.22 -0.57 8.17
N ASN A 75 3.45 -1.38 9.20
CA ASN A 75 4.71 -2.06 9.42
C ASN A 75 4.96 -3.10 8.35
N ALA A 76 3.88 -3.75 7.89
CA ALA A 76 3.93 -4.74 6.82
C ALA A 76 4.17 -4.10 5.44
N VAL A 77 3.68 -2.87 5.27
CA VAL A 77 3.94 -2.06 4.06
C VAL A 77 5.41 -1.57 4.02
N MET A 78 6.02 -1.46 5.20
CA MET A 78 7.46 -1.20 5.32
C MET A 78 8.29 -2.44 4.98
N GLU A 79 7.69 -3.61 5.17
CA GLU A 79 8.35 -4.89 4.92
C GLU A 79 8.04 -5.42 3.52
N ALA A 80 7.44 -4.56 2.71
CA ALA A 80 7.09 -4.90 1.33
C ALA A 80 8.32 -4.90 0.45
N GLU A 81 8.61 -6.07 -0.08
CA GLU A 81 9.80 -6.29 -0.87
C GLU A 81 9.57 -5.80 -2.31
N PRO A 82 10.48 -4.97 -2.86
CA PRO A 82 10.41 -4.56 -4.25
C PRO A 82 10.64 -5.75 -5.20
N GLN A 83 9.66 -6.01 -6.05
CA GLN A 83 9.77 -7.11 -6.99
C GLN A 83 10.47 -6.66 -8.27
N ALA A 84 10.85 -7.61 -9.11
CA ALA A 84 11.63 -7.34 -10.32
C ALA A 84 10.79 -6.65 -11.40
N ASP A 85 9.46 -6.69 -11.23
CA ASP A 85 8.52 -5.99 -12.11
C ASP A 85 8.58 -4.47 -11.89
N GLY A 86 9.05 -4.05 -10.71
CA GLY A 86 9.21 -2.64 -10.39
C GLY A 86 7.94 -1.94 -9.95
N GLU A 87 6.78 -2.56 -10.19
CA GLU A 87 5.50 -2.00 -9.80
C GLU A 87 4.79 -2.91 -8.79
N SER A 88 5.21 -4.17 -8.77
CA SER A 88 4.67 -5.14 -7.85
C SER A 88 5.49 -5.16 -6.56
N TRP A 89 4.80 -5.43 -5.44
CA TRP A 89 5.43 -5.53 -4.14
C TRP A 89 5.06 -6.84 -3.49
N ARG A 90 5.93 -7.33 -2.65
CA ARG A 90 5.72 -8.57 -1.94
C ARG A 90 5.35 -8.27 -0.51
N LEU A 91 4.06 -8.33 -0.21
CA LEU A 91 3.59 -8.07 1.13
C LEU A 91 3.54 -9.38 1.89
N THR A 92 4.56 -9.61 2.67
CA THR A 92 4.62 -10.81 3.46
C THR A 92 4.23 -10.51 4.89
N THR A 93 3.18 -11.18 5.33
CA THR A 93 2.66 -11.04 6.67
C THR A 93 2.80 -12.37 7.40
N GLY A 94 2.35 -12.43 8.64
CA GLY A 94 2.28 -13.70 9.36
C GLY A 94 1.08 -14.53 8.89
N GLU A 95 0.08 -13.84 8.35
CA GLU A 95 -1.14 -14.45 7.85
C GLU A 95 -0.85 -15.11 6.48
N GLY A 96 -0.21 -14.38 5.56
CA GLY A 96 0.07 -14.90 4.24
C GLY A 96 1.13 -14.09 3.49
N ALA A 97 1.04 -14.13 2.15
CA ALA A 97 1.98 -13.45 1.27
C ALA A 97 1.26 -13.02 0.00
N TYR A 98 1.06 -11.71 -0.13
CA TYR A 98 0.14 -11.13 -1.10
C TYR A 98 0.86 -10.08 -1.94
N GLN A 99 0.75 -10.18 -3.24
CA GLN A 99 1.49 -9.28 -4.13
C GLN A 99 0.68 -8.02 -4.43
N LEU A 100 1.06 -6.91 -3.81
CA LEU A 100 0.36 -5.65 -4.02
C LEU A 100 0.99 -4.88 -5.16
N ARG A 101 0.26 -4.76 -6.26
CA ARG A 101 0.70 -3.97 -7.38
C ARG A 101 -0.25 -2.81 -7.57
N CYS A 102 0.30 -1.62 -7.53
CA CYS A 102 -0.49 -0.41 -7.67
C CYS A 102 -0.67 -0.04 -9.14
N LEU A 103 -1.94 -0.01 -9.58
CA LEU A 103 -2.24 0.23 -10.99
C LEU A 103 -2.69 1.66 -11.20
N GLY A 104 -1.75 2.52 -11.50
CA GLY A 104 -2.09 3.88 -11.86
C GLY A 104 -2.17 4.02 -13.36
N ALA A 105 -3.30 3.59 -13.92
CA ALA A 105 -3.49 3.52 -15.37
C ALA A 105 -4.68 4.35 -15.83
N VAL A 106 -5.30 5.01 -14.87
CA VAL A 106 -6.46 5.85 -15.13
C VAL A 106 -6.01 7.29 -14.96
N SER A 107 -5.53 7.86 -16.08
CA SER A 107 -4.88 9.17 -16.13
C SER A 107 -3.58 9.10 -15.30
N ALA A 108 -3.01 10.24 -14.98
CA ALA A 108 -1.95 10.28 -14.01
C ALA A 108 -2.29 11.30 -12.95
N SER A 109 -3.36 11.00 -12.23
CA SER A 109 -3.89 11.86 -11.20
C SER A 109 -3.05 11.76 -9.93
N GLY A 110 -3.31 10.74 -9.10
CA GLY A 110 -2.58 10.53 -7.86
C GLY A 110 -2.96 11.53 -6.79
N GLU A 111 -2.30 12.68 -6.82
CA GLU A 111 -2.52 13.73 -5.85
C GLU A 111 -3.30 14.86 -6.50
N ASP A 112 -4.11 15.53 -5.71
CA ASP A 112 -4.87 16.69 -6.18
C ASP A 112 -4.03 17.96 -6.04
N GLU A 113 -3.27 18.03 -4.94
CA GLU A 113 -2.40 19.17 -4.65
C GLU A 113 -1.17 19.16 -5.57
N GLY A 1 11.73 18.37 5.51
CA GLY A 1 12.52 17.20 5.98
C GLY A 1 12.88 16.25 4.87
N SER A 2 12.24 15.10 4.87
CA SER A 2 12.47 14.09 3.86
C SER A 2 11.18 13.85 3.06
N HIS A 3 11.19 14.29 1.81
CA HIS A 3 10.07 14.10 0.90
C HIS A 3 10.54 13.35 -0.34
N MET A 4 11.48 12.42 -0.14
CA MET A 4 11.98 11.60 -1.23
C MET A 4 11.01 10.47 -1.56
N THR A 5 10.20 10.73 -2.58
CA THR A 5 9.09 9.87 -2.96
C THR A 5 9.51 8.81 -3.98
N THR A 6 10.45 9.18 -4.83
CA THR A 6 11.00 8.30 -5.88
C THR A 6 12.05 7.28 -5.32
N GLN A 7 12.03 7.10 -4.00
CA GLN A 7 12.69 5.97 -3.33
C GLN A 7 11.83 4.70 -3.49
N ARG A 8 10.64 4.89 -4.09
CA ARG A 8 9.67 3.85 -4.40
C ARG A 8 9.19 3.13 -3.16
N TYR A 9 8.30 3.79 -2.46
CA TYR A 9 7.63 3.19 -1.32
C TYR A 9 6.32 2.60 -1.79
N LEU A 10 5.87 1.53 -1.15
CA LEU A 10 4.59 0.92 -1.47
C LEU A 10 3.44 1.88 -1.15
N LEU A 11 3.63 2.73 -0.15
CA LEU A 11 2.67 3.80 0.16
C LEU A 11 2.56 4.81 -0.96
N ASP A 12 3.70 5.13 -1.60
CA ASP A 12 3.75 6.06 -2.73
C ASP A 12 3.02 5.48 -3.94
N GLU A 13 3.12 4.15 -4.09
CA GLU A 13 2.45 3.41 -5.18
C GLU A 13 0.94 3.46 -5.03
N LEU A 14 0.47 3.33 -3.79
CA LEU A 14 -0.96 3.31 -3.48
C LEU A 14 -1.60 4.66 -3.76
N GLU A 15 -0.90 5.72 -3.39
CA GLU A 15 -1.36 7.10 -3.63
C GLU A 15 -1.46 7.43 -5.12
N THR A 16 -0.63 6.78 -5.94
CA THR A 16 -0.64 7.00 -7.39
C THR A 16 -1.31 5.84 -8.14
N ALA A 17 -2.02 4.96 -7.43
CA ALA A 17 -2.73 3.85 -8.07
C ALA A 17 -4.22 4.08 -8.05
N ASP A 18 -4.83 3.96 -9.22
CA ASP A 18 -6.28 4.03 -9.36
C ASP A 18 -6.88 2.66 -9.08
N MET A 19 -6.15 1.67 -9.54
CA MET A 19 -6.50 0.27 -9.39
C MET A 19 -5.34 -0.46 -8.73
N LEU A 20 -5.65 -1.47 -7.93
CA LEU A 20 -4.62 -2.20 -7.21
C LEU A 20 -4.93 -3.69 -7.27
N GLU A 21 -3.96 -4.50 -7.64
CA GLU A 21 -4.15 -5.95 -7.65
C GLU A 21 -3.43 -6.57 -6.47
N ILE A 22 -3.93 -7.72 -6.01
CA ILE A 22 -3.27 -8.45 -4.96
C ILE A 22 -3.23 -9.96 -5.26
N ASP A 23 -2.00 -10.48 -5.42
CA ASP A 23 -1.71 -11.92 -5.60
C ASP A 23 -2.31 -12.48 -6.92
N GLY A 24 -2.61 -11.59 -7.87
CA GLY A 24 -3.27 -12.00 -9.11
C GLY A 24 -4.77 -11.73 -9.13
N LEU A 25 -5.28 -11.16 -8.04
CA LEU A 25 -6.71 -10.85 -7.91
C LEU A 25 -6.92 -9.33 -7.82
N HIS A 26 -7.62 -8.79 -8.81
CA HIS A 26 -7.85 -7.34 -8.92
C HIS A 26 -8.81 -6.80 -7.84
N ALA A 27 -8.33 -5.87 -7.04
CA ALA A 27 -9.14 -5.23 -6.00
C ALA A 27 -9.82 -3.99 -6.53
N TRP A 28 -11.10 -3.82 -6.19
CA TRP A 28 -11.92 -2.74 -6.73
C TRP A 28 -11.71 -1.44 -5.94
N ARG A 29 -11.34 -1.59 -4.66
CA ARG A 29 -11.16 -0.48 -3.76
C ARG A 29 -10.05 -0.78 -2.79
N PHE A 30 -9.36 0.25 -2.36
CA PHE A 30 -8.44 0.13 -1.26
C PHE A 30 -8.56 1.36 -0.36
N GLU A 31 -8.28 1.14 0.91
CA GLU A 31 -8.41 2.16 1.93
C GLU A 31 -7.07 2.49 2.53
N LEU A 32 -6.83 3.77 2.72
CA LEU A 32 -5.62 4.25 3.35
C LEU A 32 -5.95 4.86 4.69
N ASN A 33 -5.15 4.54 5.71
CA ASN A 33 -5.32 5.14 7.02
C ASN A 33 -4.73 6.55 6.99
N GLU A 34 -5.63 7.53 6.90
CA GLU A 34 -5.27 8.95 6.79
C GLU A 34 -4.67 9.49 8.06
N ASN A 35 -5.19 9.02 9.20
CA ASN A 35 -4.70 9.39 10.52
C ASN A 35 -3.24 8.93 10.72
N LEU A 36 -2.94 7.72 10.25
CA LEU A 36 -1.60 7.14 10.39
C LEU A 36 -0.64 7.70 9.35
N LEU A 37 -1.19 8.13 8.20
CA LEU A 37 -0.38 8.76 7.14
C LEU A 37 -0.15 10.24 7.41
N ASP A 38 -0.96 10.80 8.31
CA ASP A 38 -0.75 12.15 8.83
C ASP A 38 0.51 12.16 9.70
N GLN A 39 0.63 11.11 10.51
CA GLN A 39 1.78 10.92 11.40
C GLN A 39 3.01 10.45 10.62
N ALA A 40 2.78 9.76 9.50
CA ALA A 40 3.84 9.34 8.58
C ALA A 40 4.51 10.53 7.92
N ASP A 41 3.68 11.47 7.46
CA ASP A 41 4.13 12.70 6.81
C ASP A 41 4.78 13.63 7.82
N LEU A 42 4.23 13.63 9.04
CA LEU A 42 4.73 14.41 10.17
C LEU A 42 6.16 13.97 10.54
N ALA A 43 6.34 12.66 10.67
CA ALA A 43 7.62 12.09 11.02
C ALA A 43 8.63 12.23 9.88
N ALA A 44 8.15 12.13 8.63
CA ALA A 44 9.00 12.30 7.45
C ALA A 44 9.55 13.72 7.36
N GLU A 45 8.75 14.70 7.78
CA GLU A 45 9.17 16.09 7.87
C GLU A 45 10.15 16.33 9.00
N ALA A 46 10.07 15.50 10.04
CA ALA A 46 11.01 15.54 11.16
C ALA A 46 12.26 14.71 10.86
N ASP A 47 12.35 14.18 9.62
CA ASP A 47 13.50 13.38 9.11
C ASP A 47 13.62 12.05 9.87
N GLN A 48 12.47 11.55 10.28
CA GLN A 48 12.36 10.30 11.03
C GLN A 48 11.54 9.30 10.23
N PRO A 49 12.14 8.16 9.77
CA PRO A 49 11.39 7.04 9.18
C PRO A 49 10.29 6.53 10.12
N PHE A 50 9.08 6.50 9.60
CA PHE A 50 7.91 6.15 10.39
C PHE A 50 7.62 4.68 10.28
N ALA A 51 7.27 4.06 11.41
CA ALA A 51 6.87 2.67 11.46
C ALA A 51 5.82 2.46 12.54
N SER A 52 4.75 1.78 12.18
CA SER A 52 3.67 1.45 13.12
C SER A 52 3.09 0.09 12.79
N GLU A 53 2.51 -0.57 13.78
CA GLU A 53 1.90 -1.87 13.57
C GLU A 53 0.38 -1.78 13.39
N ASP A 54 -0.15 -0.55 13.38
CA ASP A 54 -1.57 -0.30 13.07
C ASP A 54 -1.80 -0.50 11.57
N TRP A 55 -3.07 -0.66 11.17
CA TRP A 55 -3.42 -0.89 9.77
C TRP A 55 -3.13 0.39 8.94
N VAL A 56 -2.80 0.22 7.68
CA VAL A 56 -2.66 1.37 6.80
C VAL A 56 -3.34 1.10 5.44
N LEU A 57 -3.55 -0.16 5.11
CA LEU A 57 -4.01 -0.53 3.78
C LEU A 57 -4.98 -1.70 3.87
N ALA A 58 -6.21 -1.45 3.48
CA ALA A 58 -7.24 -2.47 3.43
C ALA A 58 -7.82 -2.54 2.03
N VAL A 59 -7.53 -3.61 1.32
CA VAL A 59 -7.99 -3.76 -0.06
C VAL A 59 -9.21 -4.67 -0.11
N GLU A 60 -10.21 -4.26 -0.87
CA GLU A 60 -11.40 -5.07 -1.05
C GLU A 60 -11.45 -5.61 -2.46
N SER A 61 -11.65 -6.89 -2.58
CA SER A 61 -11.84 -7.52 -3.87
C SER A 61 -12.98 -8.50 -3.78
N LEU A 62 -13.87 -8.43 -4.75
CA LEU A 62 -14.99 -9.33 -4.79
C LEU A 62 -14.65 -10.50 -5.71
N ASP A 63 -14.41 -11.64 -5.10
CA ASP A 63 -14.10 -12.85 -5.85
C ASP A 63 -15.37 -13.65 -6.03
N GLY A 64 -15.80 -13.81 -7.27
CA GLY A 64 -17.12 -14.30 -7.55
C GLY A 64 -18.13 -13.19 -7.28
N ARG A 65 -18.94 -13.37 -6.25
CA ARG A 65 -19.88 -12.34 -5.80
C ARG A 65 -19.79 -12.13 -4.29
N THR A 66 -18.67 -12.53 -3.68
CA THR A 66 -18.50 -12.44 -2.23
C THR A 66 -17.75 -11.16 -1.84
N ARG A 67 -17.87 -10.75 -0.58
CA ARG A 67 -17.13 -9.62 -0.05
C ARG A 67 -15.94 -10.11 0.76
N ARG A 68 -14.74 -9.71 0.35
CA ARG A 68 -13.52 -10.11 1.03
C ARG A 68 -12.55 -8.95 1.06
N GLU A 69 -11.90 -8.75 2.21
CA GLU A 69 -10.92 -7.69 2.37
C GLU A 69 -9.57 -8.26 2.85
N TRP A 70 -8.49 -7.55 2.56
CA TRP A 70 -7.17 -7.91 3.05
C TRP A 70 -6.63 -6.69 3.77
N ARG A 71 -6.29 -6.86 5.02
CA ARG A 71 -5.86 -5.74 5.84
C ARG A 71 -4.41 -5.90 6.20
N PHE A 72 -3.63 -4.88 5.91
CA PHE A 72 -2.20 -4.90 6.13
C PHE A 72 -1.81 -3.79 7.05
N SER A 73 -0.90 -4.10 7.95
CA SER A 73 -0.33 -3.10 8.84
C SER A 73 0.62 -2.21 8.06
N TYR A 74 0.92 -1.06 8.67
CA TYR A 74 1.88 -0.09 8.16
C TYR A 74 3.26 -0.75 8.05
N ASN A 75 3.53 -1.63 8.99
CA ASN A 75 4.78 -2.33 9.08
C ASN A 75 4.91 -3.40 8.03
N ALA A 76 3.81 -4.10 7.72
CA ALA A 76 3.78 -5.12 6.66
C ALA A 76 3.98 -4.51 5.27
N VAL A 77 3.44 -3.30 5.09
CA VAL A 77 3.60 -2.50 3.88
C VAL A 77 5.06 -1.97 3.74
N MET A 78 5.71 -1.73 4.88
CA MET A 78 7.13 -1.33 4.90
C MET A 78 8.08 -2.50 4.63
N GLU A 79 7.64 -3.72 4.94
CA GLU A 79 8.45 -4.93 4.76
C GLU A 79 8.37 -5.47 3.33
N ALA A 80 7.50 -4.87 2.55
CA ALA A 80 7.26 -5.27 1.17
C ALA A 80 8.47 -5.07 0.29
N GLU A 81 8.91 -6.19 -0.27
CA GLU A 81 10.12 -6.23 -1.06
C GLU A 81 9.84 -5.77 -2.48
N PRO A 82 10.69 -4.89 -3.06
CA PRO A 82 10.56 -4.48 -4.46
C PRO A 82 10.78 -5.65 -5.42
N GLN A 83 9.86 -5.85 -6.33
CA GLN A 83 9.99 -6.93 -7.29
C GLN A 83 10.58 -6.42 -8.59
N ALA A 84 11.22 -7.32 -9.34
CA ALA A 84 11.83 -7.01 -10.64
C ALA A 84 10.75 -6.83 -11.74
N ASP A 85 9.51 -7.11 -11.35
CA ASP A 85 8.33 -6.85 -12.18
C ASP A 85 8.08 -5.34 -12.34
N GLY A 86 8.63 -4.54 -11.40
CA GLY A 86 8.64 -3.08 -11.56
C GLY A 86 7.41 -2.36 -11.01
N GLU A 87 6.35 -3.10 -10.75
CA GLU A 87 5.11 -2.51 -10.21
C GLU A 87 4.52 -3.37 -9.10
N SER A 88 5.07 -4.58 -8.91
CA SER A 88 4.58 -5.50 -7.91
C SER A 88 5.47 -5.49 -6.70
N TRP A 89 4.89 -5.85 -5.55
CA TRP A 89 5.57 -5.84 -4.26
C TRP A 89 5.31 -7.13 -3.51
N ARG A 90 6.32 -7.62 -2.83
CA ARG A 90 6.25 -8.86 -2.09
C ARG A 90 5.77 -8.59 -0.66
N LEU A 91 4.50 -8.79 -0.46
CA LEU A 91 3.90 -8.65 0.86
C LEU A 91 3.89 -10.02 1.54
N THR A 92 4.37 -10.07 2.77
CA THR A 92 4.25 -11.28 3.58
C THR A 92 3.77 -10.91 4.96
N THR A 93 2.77 -11.63 5.43
CA THR A 93 2.11 -11.37 6.71
C THR A 93 2.10 -12.61 7.57
N GLY A 94 1.39 -12.55 8.71
CA GLY A 94 1.15 -13.73 9.54
C GLY A 94 0.03 -14.61 8.98
N GLU A 95 -0.72 -14.07 8.02
CA GLU A 95 -1.75 -14.81 7.32
C GLU A 95 -1.15 -15.55 6.13
N GLY A 96 -0.36 -14.82 5.32
CA GLY A 96 0.29 -15.41 4.17
C GLY A 96 0.96 -14.37 3.28
N ALA A 97 1.28 -14.78 2.07
CA ALA A 97 2.05 -13.97 1.15
C ALA A 97 1.17 -13.49 0.00
N TYR A 98 1.21 -12.19 -0.25
CA TYR A 98 0.36 -11.49 -1.21
C TYR A 98 1.21 -10.61 -2.11
N GLN A 99 0.71 -10.28 -3.30
CA GLN A 99 1.48 -9.46 -4.23
C GLN A 99 0.72 -8.18 -4.58
N LEU A 100 1.18 -7.06 -4.07
CA LEU A 100 0.50 -5.79 -4.30
C LEU A 100 1.07 -5.09 -5.52
N ARG A 101 0.26 -4.98 -6.55
CA ARG A 101 0.66 -4.36 -7.79
C ARG A 101 -0.16 -3.10 -8.06
N CYS A 102 0.54 -1.99 -8.24
CA CYS A 102 -0.09 -0.71 -8.50
C CYS A 102 -0.40 -0.55 -9.99
N LEU A 103 -1.62 -0.10 -10.29
CA LEU A 103 -2.05 0.16 -11.67
C LEU A 103 -2.66 1.55 -11.76
N GLY A 104 -2.07 2.39 -12.57
CA GLY A 104 -2.56 3.75 -12.70
C GLY A 104 -2.91 4.10 -14.13
N ALA A 105 -4.14 3.77 -14.53
CA ALA A 105 -4.62 4.09 -15.88
C ALA A 105 -6.12 4.31 -15.89
N VAL A 106 -6.72 4.58 -14.72
CA VAL A 106 -8.17 4.70 -14.62
C VAL A 106 -8.53 6.10 -14.10
N SER A 107 -8.72 7.04 -15.05
CA SER A 107 -9.21 8.42 -14.80
C SER A 107 -8.10 9.36 -14.28
N ALA A 108 -7.37 8.92 -13.23
CA ALA A 108 -6.35 9.69 -12.47
C ALA A 108 -7.00 10.71 -11.53
N SER A 109 -7.86 11.56 -12.09
CA SER A 109 -8.59 12.56 -11.35
C SER A 109 -9.79 11.93 -10.66
N GLY A 110 -9.64 11.60 -9.38
CA GLY A 110 -10.70 10.98 -8.62
C GLY A 110 -10.24 10.55 -7.26
N GLU A 111 -10.35 11.45 -6.29
CA GLU A 111 -10.01 11.18 -4.91
C GLU A 111 -11.21 10.55 -4.19
N ASP A 112 -12.37 11.19 -4.33
CA ASP A 112 -13.60 10.77 -3.65
C ASP A 112 -14.78 11.00 -4.57
N GLU A 113 -14.91 12.21 -5.08
CA GLU A 113 -16.01 12.57 -5.98
C GLU A 113 -15.50 12.72 -7.41
N GLY A 1 23.17 16.58 0.02
CA GLY A 1 23.14 15.41 -0.88
C GLY A 1 21.74 15.01 -1.25
N SER A 2 21.58 13.77 -1.68
CA SER A 2 20.28 13.25 -2.08
C SER A 2 19.56 12.68 -0.89
N HIS A 3 18.84 13.54 -0.19
CA HIS A 3 18.08 13.16 0.98
C HIS A 3 16.62 12.97 0.57
N MET A 4 16.33 11.77 0.08
CA MET A 4 15.06 11.50 -0.55
C MET A 4 14.37 10.30 0.09
N THR A 5 13.15 10.54 0.55
CA THR A 5 12.28 9.49 1.08
C THR A 5 11.52 8.81 -0.04
N THR A 6 11.34 9.54 -1.12
CA THR A 6 10.85 8.97 -2.36
C THR A 6 11.89 8.00 -2.97
N GLN A 7 11.57 6.73 -2.90
CA GLN A 7 12.34 5.69 -3.58
C GLN A 7 11.40 4.77 -4.36
N ARG A 8 10.13 5.22 -4.48
CA ARG A 8 9.02 4.38 -4.96
C ARG A 8 8.86 3.15 -4.07
N TYR A 9 8.39 3.40 -2.85
CA TYR A 9 7.99 2.35 -1.94
C TYR A 9 6.55 1.99 -2.21
N LEU A 10 6.02 0.98 -1.51
CA LEU A 10 4.60 0.60 -1.68
C LEU A 10 3.68 1.71 -1.15
N LEU A 11 4.18 2.46 -0.18
CA LEU A 11 3.50 3.63 0.36
C LEU A 11 3.49 4.79 -0.64
N ASP A 12 4.53 4.86 -1.45
CA ASP A 12 4.65 5.89 -2.49
C ASP A 12 3.81 5.50 -3.72
N GLU A 13 3.60 4.18 -3.88
CA GLU A 13 2.89 3.61 -5.02
C GLU A 13 1.37 3.59 -4.85
N LEU A 14 0.87 3.58 -3.61
CA LEU A 14 -0.58 3.56 -3.38
C LEU A 14 -1.22 4.94 -3.59
N GLU A 15 -0.39 5.98 -3.47
CA GLU A 15 -0.78 7.34 -3.79
C GLU A 15 -0.85 7.56 -5.30
N THR A 16 -0.07 6.78 -6.03
CA THR A 16 -0.07 6.82 -7.47
C THR A 16 -0.85 5.64 -8.04
N ALA A 17 -1.82 5.11 -7.27
CA ALA A 17 -2.64 3.98 -7.72
C ALA A 17 -4.13 4.26 -7.57
N ASP A 18 -4.90 3.69 -8.49
CA ASP A 18 -6.37 3.73 -8.47
C ASP A 18 -6.91 2.41 -7.93
N MET A 19 -6.41 1.34 -8.52
CA MET A 19 -6.81 0.00 -8.16
C MET A 19 -5.58 -0.78 -7.77
N LEU A 20 -5.77 -1.76 -6.92
CA LEU A 20 -4.69 -2.64 -6.53
C LEU A 20 -4.94 -4.01 -7.11
N GLU A 21 -3.96 -4.87 -7.01
CA GLU A 21 -4.10 -6.24 -7.41
C GLU A 21 -3.41 -7.13 -6.39
N ILE A 22 -4.05 -8.23 -6.04
CA ILE A 22 -3.50 -9.19 -5.11
C ILE A 22 -3.37 -10.55 -5.79
N ASP A 23 -2.12 -10.87 -6.19
CA ASP A 23 -1.71 -12.18 -6.75
C ASP A 23 -2.39 -12.46 -8.11
N GLY A 24 -2.68 -11.39 -8.83
CA GLY A 24 -3.34 -11.52 -10.12
C GLY A 24 -4.82 -11.21 -10.06
N LEU A 25 -5.39 -11.33 -8.87
CA LEU A 25 -6.79 -11.00 -8.63
C LEU A 25 -6.88 -9.50 -8.37
N HIS A 26 -7.46 -8.78 -9.31
CA HIS A 26 -7.59 -7.33 -9.24
C HIS A 26 -8.55 -6.93 -8.14
N ALA A 27 -8.03 -6.15 -7.20
CA ALA A 27 -8.82 -5.61 -6.12
C ALA A 27 -9.67 -4.44 -6.62
N TRP A 28 -10.93 -4.37 -6.20
CA TRP A 28 -11.83 -3.36 -6.73
C TRP A 28 -11.64 -2.01 -6.02
N ARG A 29 -11.31 -2.05 -4.73
CA ARG A 29 -11.24 -0.86 -3.91
C ARG A 29 -10.31 -1.09 -2.74
N PHE A 30 -9.51 -0.08 -2.46
CA PHE A 30 -8.67 -0.10 -1.28
C PHE A 30 -8.93 1.16 -0.46
N GLU A 31 -8.53 1.11 0.80
CA GLU A 31 -8.71 2.22 1.71
C GLU A 31 -7.39 2.60 2.34
N LEU A 32 -7.15 3.88 2.49
CA LEU A 32 -5.92 4.36 3.06
C LEU A 32 -6.19 5.05 4.37
N ASN A 33 -5.38 4.72 5.39
CA ASN A 33 -5.47 5.38 6.69
C ASN A 33 -4.77 6.73 6.60
N GLU A 34 -5.56 7.75 6.28
CA GLU A 34 -5.08 9.11 6.06
C GLU A 34 -4.62 9.76 7.36
N ASN A 35 -5.23 9.32 8.47
CA ASN A 35 -4.85 9.71 9.81
C ASN A 35 -3.42 9.26 10.16
N LEU A 36 -3.11 7.98 9.87
CA LEU A 36 -1.78 7.42 10.14
C LEU A 36 -0.74 7.97 9.16
N LEU A 37 -1.21 8.34 7.97
CA LEU A 37 -0.34 8.90 6.93
C LEU A 37 -0.03 10.36 7.16
N ASP A 38 -0.88 11.02 7.95
CA ASP A 38 -0.62 12.39 8.40
C ASP A 38 0.54 12.40 9.38
N GLN A 39 0.57 11.37 10.23
CA GLN A 39 1.60 11.19 11.24
C GLN A 39 2.89 10.68 10.62
N ALA A 40 2.75 9.94 9.52
CA ALA A 40 3.88 9.41 8.76
C ALA A 40 4.58 10.53 8.00
N ASP A 41 3.79 11.51 7.55
CA ASP A 41 4.28 12.70 6.86
C ASP A 41 4.90 13.68 7.85
N LEU A 42 4.29 13.76 9.03
CA LEU A 42 4.74 14.58 10.16
C LEU A 42 6.13 14.12 10.61
N ALA A 43 6.29 12.81 10.76
CA ALA A 43 7.55 12.21 11.14
C ALA A 43 8.60 12.35 10.05
N ALA A 44 8.17 12.27 8.78
CA ALA A 44 9.07 12.44 7.64
C ALA A 44 9.65 13.85 7.58
N GLU A 45 8.81 14.84 7.89
CA GLU A 45 9.21 16.24 7.96
C GLU A 45 10.04 16.54 9.21
N ALA A 46 9.90 15.70 10.25
CA ALA A 46 10.70 15.78 11.46
C ALA A 46 12.02 15.00 11.34
N ASP A 47 12.21 14.39 10.15
CA ASP A 47 13.42 13.61 9.77
C ASP A 47 13.55 12.32 10.59
N GLN A 48 12.40 11.79 11.00
CA GLN A 48 12.32 10.56 11.77
C GLN A 48 11.63 9.48 10.93
N PRO A 49 12.28 8.30 10.73
CA PRO A 49 11.64 7.15 10.09
C PRO A 49 10.39 6.70 10.84
N PHE A 50 9.29 6.52 10.13
CA PHE A 50 8.04 6.16 10.76
C PHE A 50 7.79 4.66 10.65
N ALA A 51 7.52 4.03 11.77
CA ALA A 51 7.15 2.63 11.82
C ALA A 51 5.95 2.48 12.74
N SER A 52 4.90 1.84 12.23
CA SER A 52 3.68 1.59 13.00
C SER A 52 3.01 0.30 12.57
N GLU A 53 2.59 -0.50 13.53
CA GLU A 53 1.88 -1.74 13.23
C GLU A 53 0.35 -1.54 13.19
N ASP A 54 -0.10 -0.27 13.14
CA ASP A 54 -1.51 0.01 12.87
C ASP A 54 -1.77 -0.15 11.38
N TRP A 55 -3.03 -0.38 11.02
CA TRP A 55 -3.41 -0.62 9.64
C TRP A 55 -3.17 0.64 8.79
N VAL A 56 -2.87 0.45 7.52
CA VAL A 56 -2.73 1.58 6.62
C VAL A 56 -3.53 1.36 5.33
N LEU A 57 -3.86 0.10 5.07
CA LEU A 57 -4.40 -0.27 3.78
C LEU A 57 -5.37 -1.44 3.91
N ALA A 58 -6.64 -1.16 3.69
CA ALA A 58 -7.65 -2.19 3.68
C ALA A 58 -8.07 -2.46 2.24
N VAL A 59 -7.59 -3.56 1.71
CA VAL A 59 -7.77 -3.90 0.31
C VAL A 59 -8.91 -4.91 0.19
N GLU A 60 -9.90 -4.58 -0.61
CA GLU A 60 -11.05 -5.44 -0.76
C GLU A 60 -11.25 -5.86 -2.21
N SER A 61 -11.65 -7.11 -2.37
CA SER A 61 -11.98 -7.70 -3.66
C SER A 61 -13.27 -8.49 -3.54
N LEU A 62 -13.99 -8.63 -4.65
CA LEU A 62 -15.21 -9.44 -4.68
C LEU A 62 -15.13 -10.52 -5.74
N ASP A 63 -14.98 -11.77 -5.31
CA ASP A 63 -15.07 -12.87 -6.25
C ASP A 63 -16.47 -13.45 -6.18
N GLY A 64 -17.19 -13.34 -7.28
CA GLY A 64 -18.62 -13.60 -7.27
C GLY A 64 -19.36 -12.41 -6.71
N ARG A 65 -19.66 -12.47 -5.41
CA ARG A 65 -20.22 -11.35 -4.65
C ARG A 65 -19.82 -11.43 -3.16
N THR A 66 -18.67 -12.04 -2.86
CA THR A 66 -18.22 -12.13 -1.48
C THR A 66 -17.21 -11.02 -1.17
N ARG A 67 -17.23 -10.52 0.06
CA ARG A 67 -16.37 -9.41 0.44
C ARG A 67 -15.08 -9.94 1.05
N ARG A 68 -14.04 -9.96 0.25
CA ARG A 68 -12.74 -10.38 0.73
C ARG A 68 -11.88 -9.18 1.05
N GLU A 69 -11.54 -9.02 2.31
CA GLU A 69 -10.81 -7.87 2.78
C GLU A 69 -9.52 -8.30 3.46
N TRP A 70 -8.43 -7.67 3.05
CA TRP A 70 -7.14 -7.89 3.66
C TRP A 70 -6.62 -6.55 4.18
N ARG A 71 -6.34 -6.49 5.47
CA ARG A 71 -5.79 -5.28 6.04
C ARG A 71 -4.31 -5.44 6.26
N PHE A 72 -3.56 -4.60 5.61
CA PHE A 72 -2.12 -4.59 5.74
C PHE A 72 -1.72 -3.41 6.58
N SER A 73 -0.79 -3.64 7.50
CA SER A 73 -0.33 -2.60 8.38
C SER A 73 0.69 -1.73 7.67
N TYR A 74 0.99 -0.58 8.28
CA TYR A 74 2.00 0.32 7.78
C TYR A 74 3.36 -0.36 7.80
N ASN A 75 3.57 -1.18 8.83
CA ASN A 75 4.78 -1.93 9.06
C ASN A 75 4.97 -3.02 8.00
N ALA A 76 3.85 -3.63 7.57
CA ALA A 76 3.85 -4.64 6.51
C ALA A 76 4.18 -4.03 5.14
N VAL A 77 3.63 -2.84 4.90
CA VAL A 77 3.87 -2.04 3.69
C VAL A 77 5.33 -1.54 3.61
N MET A 78 5.95 -1.30 4.77
CA MET A 78 7.36 -0.92 4.84
C MET A 78 8.27 -2.06 4.40
N GLU A 79 8.09 -3.24 4.97
CA GLU A 79 8.95 -4.40 4.70
C GLU A 79 8.57 -5.11 3.41
N ALA A 80 7.52 -4.63 2.72
CA ALA A 80 7.10 -5.20 1.46
C ALA A 80 8.15 -5.00 0.39
N GLU A 81 8.52 -6.11 -0.21
CA GLU A 81 9.68 -6.21 -1.05
C GLU A 81 9.38 -5.71 -2.47
N PRO A 82 10.21 -4.81 -3.02
CA PRO A 82 10.10 -4.42 -4.43
C PRO A 82 10.52 -5.56 -5.34
N GLN A 83 9.61 -5.96 -6.22
CA GLN A 83 9.90 -7.03 -7.16
C GLN A 83 10.55 -6.46 -8.41
N ALA A 84 11.13 -7.35 -9.22
CA ALA A 84 11.81 -6.97 -10.47
C ALA A 84 10.82 -6.60 -11.59
N ASP A 85 9.52 -6.77 -11.30
CA ASP A 85 8.44 -6.31 -12.17
C ASP A 85 8.29 -4.78 -12.11
N GLY A 86 8.72 -4.19 -10.98
CA GLY A 86 8.71 -2.74 -10.83
C GLY A 86 7.39 -2.13 -10.37
N GLU A 87 6.30 -2.90 -10.46
CA GLU A 87 4.98 -2.43 -10.03
C GLU A 87 4.38 -3.40 -9.02
N SER A 88 4.88 -4.63 -9.03
CA SER A 88 4.42 -5.66 -8.10
C SER A 88 5.25 -5.64 -6.83
N TRP A 89 4.59 -5.97 -5.74
CA TRP A 89 5.17 -5.93 -4.40
C TRP A 89 4.94 -7.24 -3.70
N ARG A 90 5.75 -7.51 -2.70
CA ARG A 90 5.68 -8.79 -2.03
C ARG A 90 5.36 -8.58 -0.55
N LEU A 91 4.12 -8.84 -0.22
CA LEU A 91 3.67 -8.86 1.16
C LEU A 91 3.82 -10.26 1.70
N THR A 92 4.34 -10.37 2.89
CA THR A 92 4.39 -11.64 3.58
C THR A 92 3.73 -11.49 4.93
N THR A 93 2.82 -12.40 5.23
CA THR A 93 2.03 -12.33 6.46
C THR A 93 2.11 -13.68 7.17
N GLY A 94 1.35 -13.80 8.26
CA GLY A 94 1.25 -15.09 8.95
C GLY A 94 0.36 -16.07 8.20
N GLU A 95 -0.49 -15.54 7.33
CA GLU A 95 -1.37 -16.35 6.48
C GLU A 95 -0.58 -16.90 5.30
N GLY A 96 0.20 -16.05 4.65
CA GLY A 96 1.00 -16.48 3.52
C GLY A 96 1.72 -15.34 2.84
N ALA A 97 1.39 -15.09 1.58
CA ALA A 97 2.01 -14.03 0.79
C ALA A 97 0.96 -13.38 -0.10
N TYR A 98 1.16 -12.10 -0.43
CA TYR A 98 0.24 -11.34 -1.27
C TYR A 98 1.04 -10.47 -2.22
N GLN A 99 0.84 -10.65 -3.50
CA GLN A 99 1.53 -9.82 -4.46
C GLN A 99 0.68 -8.59 -4.78
N LEU A 100 1.11 -7.43 -4.30
CA LEU A 100 0.37 -6.20 -4.54
C LEU A 100 0.90 -5.45 -5.75
N ARG A 101 0.15 -5.43 -6.84
CA ARG A 101 0.55 -4.63 -7.98
C ARG A 101 -0.32 -3.38 -8.06
N CYS A 102 0.34 -2.24 -8.18
CA CYS A 102 -0.31 -0.96 -8.25
C CYS A 102 -0.73 -0.62 -9.68
N LEU A 103 -1.97 -0.19 -9.84
CA LEU A 103 -2.62 -0.06 -11.15
C LEU A 103 -3.40 1.24 -11.23
N GLY A 104 -3.26 1.98 -12.34
CA GLY A 104 -3.95 3.27 -12.49
C GLY A 104 -3.32 4.36 -11.64
N ALA A 105 -4.01 5.49 -11.46
CA ALA A 105 -3.51 6.58 -10.60
C ALA A 105 -4.65 7.52 -10.16
N VAL A 106 -5.51 7.03 -9.28
CA VAL A 106 -6.59 7.83 -8.70
C VAL A 106 -6.64 7.53 -7.20
N SER A 107 -6.06 8.41 -6.42
CA SER A 107 -6.04 8.25 -4.98
C SER A 107 -6.56 9.54 -4.32
N ALA A 108 -6.28 9.72 -3.03
CA ALA A 108 -6.80 10.84 -2.25
C ALA A 108 -6.21 12.18 -2.70
N SER A 109 -7.07 13.04 -3.28
CA SER A 109 -6.64 14.33 -3.85
C SER A 109 -6.27 15.34 -2.76
N GLY A 110 -6.78 15.11 -1.57
CA GLY A 110 -6.35 15.82 -0.39
C GLY A 110 -6.29 14.87 0.77
N GLU A 111 -5.35 15.12 1.66
CA GLU A 111 -5.17 14.30 2.86
C GLU A 111 -6.26 14.63 3.86
N ASP A 112 -7.16 13.64 4.06
CA ASP A 112 -8.36 13.70 4.94
C ASP A 112 -9.50 14.54 4.29
N GLU A 113 -9.27 15.01 3.06
CA GLU A 113 -10.25 15.82 2.36
C GLU A 113 -10.45 15.28 0.94
N GLY A 1 12.19 1.72 -17.36
CA GLY A 1 13.21 1.24 -16.41
C GLY A 1 13.01 1.79 -15.03
N SER A 2 13.05 0.92 -14.02
CA SER A 2 12.91 1.32 -12.63
C SER A 2 14.18 0.94 -11.85
N HIS A 3 15.29 1.57 -12.19
CA HIS A 3 16.56 1.40 -11.45
C HIS A 3 16.71 2.48 -10.41
N MET A 4 16.22 3.66 -10.73
CA MET A 4 16.09 4.75 -9.78
C MET A 4 14.96 4.42 -8.85
N THR A 5 15.29 4.32 -7.58
CA THR A 5 14.31 3.99 -6.58
C THR A 5 13.49 5.23 -6.27
N THR A 6 14.18 6.37 -6.02
CA THR A 6 13.59 7.73 -5.89
C THR A 6 12.54 7.83 -4.74
N GLN A 7 12.67 6.93 -3.74
CA GLN A 7 11.72 6.78 -2.64
C GLN A 7 10.31 6.49 -3.15
N ARG A 8 10.24 5.56 -4.10
CA ARG A 8 9.00 5.04 -4.63
C ARG A 8 8.70 3.77 -3.91
N TYR A 9 8.43 3.93 -2.62
CA TYR A 9 8.05 2.84 -1.75
C TYR A 9 6.62 2.44 -2.05
N LEU A 10 6.14 1.36 -1.45
CA LEU A 10 4.75 0.98 -1.60
C LEU A 10 3.82 2.07 -1.02
N LEU A 11 4.31 2.76 0.02
CA LEU A 11 3.65 3.91 0.60
C LEU A 11 3.49 5.07 -0.40
N ASP A 12 4.52 5.31 -1.20
CA ASP A 12 4.50 6.38 -2.19
C ASP A 12 3.73 5.96 -3.45
N GLU A 13 3.68 4.65 -3.69
CA GLU A 13 3.04 4.08 -4.86
C GLU A 13 1.53 3.97 -4.73
N LEU A 14 1.01 3.83 -3.51
CA LEU A 14 -0.45 3.73 -3.30
C LEU A 14 -1.14 5.10 -3.46
N GLU A 15 -0.35 6.17 -3.31
CA GLU A 15 -0.81 7.53 -3.54
C GLU A 15 -0.91 7.84 -5.05
N THR A 16 -0.01 7.24 -5.83
CA THR A 16 0.06 7.48 -7.27
C THR A 16 -0.66 6.41 -8.09
N ALA A 17 -1.13 5.35 -7.43
CA ALA A 17 -1.84 4.27 -8.10
C ALA A 17 -3.32 4.53 -8.08
N ASP A 18 -3.95 4.28 -9.22
CA ASP A 18 -5.39 4.38 -9.34
C ASP A 18 -6.05 3.01 -9.17
N MET A 19 -5.35 1.98 -9.64
CA MET A 19 -5.80 0.61 -9.52
C MET A 19 -4.78 -0.17 -8.68
N LEU A 20 -5.29 -1.06 -7.84
CA LEU A 20 -4.45 -1.87 -6.97
C LEU A 20 -4.90 -3.32 -7.05
N GLU A 21 -3.97 -4.21 -7.37
CA GLU A 21 -4.27 -5.61 -7.58
C GLU A 21 -3.58 -6.48 -6.51
N ILE A 22 -4.22 -7.61 -6.15
CA ILE A 22 -3.63 -8.59 -5.26
C ILE A 22 -3.57 -9.97 -5.93
N ASP A 23 -2.39 -10.25 -6.50
CA ASP A 23 -2.02 -11.54 -7.09
C ASP A 23 -3.07 -12.07 -8.11
N GLY A 24 -3.25 -11.31 -9.18
CA GLY A 24 -4.19 -11.69 -10.25
C GLY A 24 -5.66 -11.45 -9.90
N LEU A 25 -5.91 -10.90 -8.71
CA LEU A 25 -7.25 -10.60 -8.24
C LEU A 25 -7.33 -9.13 -7.94
N HIS A 26 -8.05 -8.39 -8.78
CA HIS A 26 -8.15 -6.95 -8.63
C HIS A 26 -9.00 -6.60 -7.41
N ALA A 27 -8.51 -5.69 -6.58
CA ALA A 27 -9.31 -5.15 -5.50
C ALA A 27 -10.27 -4.14 -6.09
N TRP A 28 -11.58 -4.32 -5.85
CA TRP A 28 -12.61 -3.51 -6.51
C TRP A 28 -12.65 -2.10 -5.90
N ARG A 29 -12.26 -2.01 -4.63
CA ARG A 29 -12.07 -0.75 -3.94
C ARG A 29 -10.99 -0.94 -2.89
N PHE A 30 -10.47 0.16 -2.37
CA PHE A 30 -9.46 0.10 -1.33
C PHE A 30 -9.59 1.26 -0.36
N GLU A 31 -8.91 1.17 0.76
CA GLU A 31 -8.93 2.21 1.75
C GLU A 31 -7.54 2.45 2.27
N LEU A 32 -7.14 3.70 2.24
CA LEU A 32 -5.86 4.11 2.80
C LEU A 32 -6.13 4.75 4.14
N ASN A 33 -5.36 4.38 5.17
CA ASN A 33 -5.51 4.98 6.50
C ASN A 33 -4.90 6.37 6.50
N GLU A 34 -5.75 7.37 6.24
CA GLU A 34 -5.35 8.77 6.09
C GLU A 34 -4.78 9.36 7.38
N ASN A 35 -5.35 8.93 8.50
CA ASN A 35 -4.91 9.35 9.82
C ASN A 35 -3.48 8.87 10.12
N LEU A 36 -3.18 7.61 9.77
CA LEU A 36 -1.87 7.03 10.02
C LEU A 36 -0.85 7.49 8.99
N LEU A 37 -1.34 7.85 7.80
CA LEU A 37 -0.46 8.33 6.73
C LEU A 37 -0.13 9.80 6.88
N ASP A 38 -0.92 10.50 7.67
CA ASP A 38 -0.58 11.86 8.09
C ASP A 38 0.61 11.81 9.02
N GLN A 39 0.61 10.85 9.94
CA GLN A 39 1.69 10.68 10.93
C GLN A 39 2.94 10.07 10.30
N ALA A 40 2.73 9.24 9.28
CA ALA A 40 3.83 8.62 8.52
C ALA A 40 4.60 9.65 7.72
N ASP A 41 3.86 10.58 7.12
CA ASP A 41 4.45 11.64 6.31
C ASP A 41 5.01 12.74 7.20
N LEU A 42 4.38 12.95 8.37
CA LEU A 42 4.80 13.94 9.38
C LEU A 42 6.19 13.60 9.91
N ALA A 43 6.38 12.32 10.25
CA ALA A 43 7.65 11.83 10.76
C ALA A 43 8.72 11.84 9.67
N ALA A 44 8.33 11.47 8.44
CA ALA A 44 9.25 11.46 7.30
C ALA A 44 9.75 12.85 6.92
N GLU A 45 8.88 13.86 7.09
CA GLU A 45 9.26 15.26 6.87
C GLU A 45 10.12 15.79 8.01
N ALA A 46 10.01 15.16 9.19
CA ALA A 46 10.87 15.49 10.34
C ALA A 46 12.18 14.70 10.33
N ASP A 47 12.41 13.95 9.21
CA ASP A 47 13.65 13.15 8.96
C ASP A 47 13.73 11.93 9.92
N GLN A 48 12.57 11.46 10.35
CA GLN A 48 12.46 10.33 11.27
C GLN A 48 11.76 9.17 10.57
N PRO A 49 12.26 7.92 10.75
CA PRO A 49 11.54 6.73 10.27
C PRO A 49 10.26 6.48 11.06
N PHE A 50 9.18 6.22 10.34
CA PHE A 50 7.91 5.89 10.96
C PHE A 50 7.60 4.41 10.77
N ALA A 51 7.13 3.77 11.82
CA ALA A 51 6.65 2.41 11.75
C ALA A 51 5.46 2.25 12.68
N SER A 52 4.48 1.47 12.24
CA SER A 52 3.23 1.30 12.94
C SER A 52 2.65 -0.05 12.60
N GLU A 53 2.30 -0.80 13.60
CA GLU A 53 1.73 -2.11 13.39
C GLU A 53 0.20 -2.07 13.38
N ASP A 54 -0.35 -0.86 13.21
CA ASP A 54 -1.77 -0.67 12.96
C ASP A 54 -2.02 -0.86 11.47
N TRP A 55 -3.29 -0.96 11.08
CA TRP A 55 -3.66 -1.17 9.68
C TRP A 55 -3.35 0.11 8.86
N VAL A 56 -2.99 -0.09 7.62
CA VAL A 56 -2.78 1.01 6.69
C VAL A 56 -3.63 0.82 5.43
N LEU A 57 -3.92 -0.44 5.12
CA LEU A 57 -4.66 -0.78 3.92
C LEU A 57 -5.80 -1.71 4.23
N ALA A 58 -6.97 -1.36 3.74
CA ALA A 58 -8.12 -2.25 3.75
C ALA A 58 -8.64 -2.36 2.34
N VAL A 59 -8.23 -3.42 1.70
CA VAL A 59 -8.49 -3.64 0.28
C VAL A 59 -9.62 -4.64 0.14
N GLU A 60 -10.68 -4.25 -0.52
CA GLU A 60 -11.82 -5.12 -0.66
C GLU A 60 -11.95 -5.59 -2.09
N SER A 61 -12.19 -6.88 -2.26
CA SER A 61 -12.45 -7.48 -3.56
C SER A 61 -13.66 -8.38 -3.45
N LEU A 62 -14.30 -8.67 -4.57
CA LEU A 62 -15.35 -9.66 -4.58
C LEU A 62 -14.81 -10.94 -5.24
N ASP A 63 -14.56 -11.96 -4.42
CA ASP A 63 -13.98 -13.21 -4.91
C ASP A 63 -15.09 -14.23 -5.10
N GLY A 64 -15.49 -14.41 -6.34
CA GLY A 64 -16.72 -15.09 -6.64
C GLY A 64 -17.87 -14.14 -6.41
N ARG A 65 -18.49 -14.25 -5.24
CA ARG A 65 -19.51 -13.30 -4.80
C ARG A 65 -19.29 -12.87 -3.35
N THR A 66 -18.20 -13.34 -2.73
CA THR A 66 -17.92 -13.00 -1.33
C THR A 66 -17.07 -11.73 -1.25
N ARG A 67 -17.25 -10.98 -0.17
CA ARG A 67 -16.48 -9.77 0.05
C ARG A 67 -15.26 -10.12 0.88
N ARG A 68 -14.10 -10.14 0.25
CA ARG A 68 -12.87 -10.44 0.95
C ARG A 68 -12.04 -9.19 1.06
N GLU A 69 -11.84 -8.75 2.30
CA GLU A 69 -11.00 -7.60 2.56
C GLU A 69 -9.71 -8.05 3.24
N TRP A 70 -8.62 -7.39 2.90
CA TRP A 70 -7.32 -7.67 3.51
C TRP A 70 -6.86 -6.45 4.26
N ARG A 71 -6.46 -6.63 5.49
CA ARG A 71 -5.87 -5.53 6.24
C ARG A 71 -4.38 -5.74 6.30
N PHE A 72 -3.63 -4.82 5.73
CA PHE A 72 -2.18 -4.84 5.81
C PHE A 72 -1.74 -3.80 6.80
N SER A 73 -0.75 -4.13 7.62
CA SER A 73 -0.21 -3.18 8.57
C SER A 73 0.81 -2.30 7.89
N TYR A 74 1.06 -1.13 8.49
CA TYR A 74 2.04 -0.18 7.97
C TYR A 74 3.47 -0.74 8.09
N ASN A 75 3.68 -1.60 9.09
CA ASN A 75 4.97 -2.23 9.34
C ASN A 75 5.29 -3.27 8.26
N ALA A 76 4.23 -3.90 7.72
CA ALA A 76 4.35 -4.85 6.63
C ALA A 76 4.52 -4.14 5.26
N VAL A 77 4.05 -2.89 5.19
CA VAL A 77 4.26 -2.03 4.00
C VAL A 77 5.68 -1.42 4.03
N MET A 78 6.24 -1.28 5.23
CA MET A 78 7.63 -0.84 5.41
C MET A 78 8.62 -1.90 4.94
N GLU A 79 8.34 -3.16 5.25
CA GLU A 79 9.22 -4.25 4.86
C GLU A 79 8.89 -4.83 3.48
N ALA A 80 7.85 -4.28 2.82
CA ALA A 80 7.35 -4.76 1.52
C ALA A 80 8.45 -4.76 0.48
N GLU A 81 8.71 -5.94 -0.06
CA GLU A 81 9.88 -6.18 -0.89
C GLU A 81 9.69 -5.62 -2.27
N PRO A 82 10.65 -4.78 -2.75
CA PRO A 82 10.63 -4.28 -4.11
C PRO A 82 10.98 -5.37 -5.12
N GLN A 83 10.00 -5.72 -5.93
CA GLN A 83 10.20 -6.77 -6.92
C GLN A 83 10.86 -6.20 -8.16
N ALA A 84 11.46 -7.09 -8.94
CA ALA A 84 12.16 -6.71 -10.18
C ALA A 84 11.18 -6.40 -11.32
N ASP A 85 9.88 -6.62 -11.08
CA ASP A 85 8.82 -6.15 -11.97
C ASP A 85 8.62 -4.63 -11.86
N GLY A 86 8.99 -4.06 -10.70
CA GLY A 86 8.92 -2.61 -10.48
C GLY A 86 7.54 -2.09 -10.10
N GLU A 87 6.49 -2.90 -10.31
CA GLU A 87 5.13 -2.51 -10.00
C GLU A 87 4.55 -3.40 -8.92
N SER A 88 4.95 -4.67 -8.95
CA SER A 88 4.55 -5.62 -7.95
C SER A 88 5.40 -5.49 -6.69
N TRP A 89 4.77 -5.71 -5.56
CA TRP A 89 5.43 -5.69 -4.26
C TRP A 89 5.10 -6.99 -3.54
N ARG A 90 5.99 -7.42 -2.69
CA ARG A 90 5.78 -8.64 -1.94
C ARG A 90 5.39 -8.27 -0.52
N LEU A 91 4.09 -8.34 -0.26
CA LEU A 91 3.57 -8.03 1.05
C LEU A 91 3.50 -9.31 1.87
N THR A 92 4.49 -9.50 2.72
CA THR A 92 4.50 -10.64 3.61
C THR A 92 3.67 -10.33 4.85
N THR A 93 2.84 -11.28 5.23
CA THR A 93 1.89 -11.12 6.32
C THR A 93 1.92 -12.34 7.25
N GLY A 94 1.08 -12.30 8.27
CA GLY A 94 0.87 -13.45 9.13
C GLY A 94 0.03 -14.52 8.46
N GLU A 95 -0.67 -14.14 7.39
CA GLU A 95 -1.42 -15.06 6.55
C GLU A 95 -0.51 -15.75 5.55
N GLY A 96 0.39 -14.98 4.94
CA GLY A 96 1.33 -15.53 3.98
C GLY A 96 2.03 -14.46 3.19
N ALA A 97 1.67 -14.31 1.91
CA ALA A 97 2.25 -13.29 1.05
C ALA A 97 1.26 -12.90 -0.04
N TYR A 98 1.17 -11.60 -0.29
CA TYR A 98 0.25 -11.04 -1.26
C TYR A 98 1.00 -10.17 -2.24
N GLN A 99 0.70 -10.33 -3.51
CA GLN A 99 1.29 -9.47 -4.52
C GLN A 99 0.50 -8.18 -4.59
N LEU A 100 1.03 -7.10 -4.03
CA LEU A 100 0.40 -5.81 -4.18
C LEU A 100 0.99 -5.12 -5.38
N ARG A 101 0.24 -5.06 -6.45
CA ARG A 101 0.72 -4.45 -7.66
C ARG A 101 0.01 -3.14 -7.87
N CYS A 102 0.80 -2.10 -7.90
CA CYS A 102 0.33 -0.76 -8.16
C CYS A 102 0.17 -0.57 -9.65
N LEU A 103 -1.02 -0.17 -10.04
CA LEU A 103 -1.37 -0.03 -11.45
C LEU A 103 -1.83 1.39 -11.74
N GLY A 104 -2.24 1.63 -12.97
CA GLY A 104 -2.24 2.97 -13.49
C GLY A 104 -3.03 3.09 -14.76
N ALA A 105 -3.59 4.29 -14.97
CA ALA A 105 -4.34 4.72 -16.19
C ALA A 105 -5.80 4.27 -16.14
N VAL A 106 -6.18 3.80 -14.97
CA VAL A 106 -7.57 3.49 -14.64
C VAL A 106 -8.02 4.57 -13.67
N SER A 107 -8.01 5.80 -14.18
CA SER A 107 -8.22 7.01 -13.40
C SER A 107 -9.60 7.06 -12.74
N ALA A 108 -10.58 6.38 -13.34
CA ALA A 108 -11.83 6.11 -12.66
C ALA A 108 -11.63 4.92 -11.71
N SER A 109 -11.18 5.22 -10.49
CA SER A 109 -10.92 4.22 -9.47
C SER A 109 -12.24 3.78 -8.84
N GLY A 110 -13.13 4.74 -8.68
CA GLY A 110 -14.47 4.46 -8.25
C GLY A 110 -15.46 4.84 -9.32
N GLU A 111 -16.73 4.71 -9.00
CA GLU A 111 -17.81 4.95 -9.94
C GLU A 111 -18.47 6.30 -9.70
N ASP A 112 -17.97 7.06 -8.69
CA ASP A 112 -18.37 8.44 -8.36
C ASP A 112 -19.76 8.50 -7.71
N GLU A 113 -19.79 8.84 -6.43
CA GLU A 113 -21.05 8.96 -5.69
C GLU A 113 -21.71 10.33 -5.94
N GLY A 1 15.09 16.60 4.76
CA GLY A 1 15.24 15.60 3.69
C GLY A 1 16.20 14.51 4.10
N SER A 2 15.89 13.28 3.71
CA SER A 2 16.76 12.15 3.98
C SER A 2 17.77 11.99 2.85
N HIS A 3 18.49 10.86 2.83
CA HIS A 3 19.43 10.56 1.75
C HIS A 3 18.66 10.09 0.49
N MET A 4 17.40 9.71 0.68
CA MET A 4 16.51 9.43 -0.41
C MET A 4 15.65 10.65 -0.73
N THR A 5 15.38 10.84 -2.00
CA THR A 5 14.41 11.84 -2.45
C THR A 5 13.23 11.18 -3.13
N THR A 6 13.53 10.22 -4.00
CA THR A 6 12.53 9.43 -4.67
C THR A 6 12.16 8.20 -3.85
N GLN A 7 11.07 8.33 -3.11
CA GLN A 7 10.52 7.22 -2.35
C GLN A 7 9.57 6.41 -3.21
N ARG A 8 10.01 5.25 -3.63
CA ARG A 8 9.14 4.27 -4.23
C ARG A 8 9.08 3.06 -3.33
N TYR A 9 8.37 3.24 -2.24
CA TYR A 9 7.94 2.14 -1.41
C TYR A 9 6.50 1.87 -1.79
N LEU A 10 5.96 0.75 -1.34
CA LEU A 10 4.55 0.40 -1.58
C LEU A 10 3.61 1.42 -0.92
N LEU A 11 4.12 2.07 0.14
CA LEU A 11 3.41 3.10 0.86
C LEU A 11 3.18 4.36 0.01
N ASP A 12 4.12 4.67 -0.86
CA ASP A 12 4.01 5.83 -1.75
C ASP A 12 3.16 5.47 -2.96
N GLU A 13 3.12 4.18 -3.27
CA GLU A 13 2.44 3.69 -4.45
C GLU A 13 0.94 3.56 -4.25
N LEU A 14 0.51 3.22 -3.02
CA LEU A 14 -0.92 3.09 -2.71
C LEU A 14 -1.64 4.43 -2.66
N GLU A 15 -0.86 5.50 -2.43
CA GLU A 15 -1.38 6.86 -2.43
C GLU A 15 -1.63 7.38 -3.84
N THR A 16 -0.94 6.82 -4.83
CA THR A 16 -1.13 7.18 -6.22
C THR A 16 -1.78 6.04 -7.00
N ALA A 17 -2.37 5.10 -6.27
CA ALA A 17 -3.00 3.95 -6.89
C ALA A 17 -4.47 4.21 -7.15
N ASP A 18 -4.84 4.11 -8.41
CA ASP A 18 -6.23 4.15 -8.81
C ASP A 18 -6.82 2.75 -8.64
N MET A 19 -6.13 1.79 -9.23
CA MET A 19 -6.48 0.39 -9.16
C MET A 19 -5.39 -0.33 -8.37
N LEU A 20 -5.76 -1.32 -7.57
CA LEU A 20 -4.77 -2.08 -6.84
C LEU A 20 -4.99 -3.56 -7.11
N GLU A 21 -3.91 -4.31 -7.18
CA GLU A 21 -3.98 -5.76 -7.31
C GLU A 21 -3.46 -6.41 -6.06
N ILE A 22 -3.94 -7.61 -5.80
CA ILE A 22 -3.38 -8.44 -4.75
C ILE A 22 -3.47 -9.93 -5.14
N ASP A 23 -2.34 -10.44 -5.64
CA ASP A 23 -2.13 -11.86 -6.00
C ASP A 23 -3.14 -12.31 -7.11
N GLY A 24 -3.30 -11.44 -8.10
CA GLY A 24 -4.17 -11.72 -9.23
C GLY A 24 -5.55 -11.11 -9.08
N LEU A 25 -5.95 -10.86 -7.84
CA LEU A 25 -7.27 -10.32 -7.55
C LEU A 25 -7.26 -8.79 -7.60
N HIS A 26 -8.15 -8.22 -8.39
CA HIS A 26 -8.19 -6.77 -8.56
C HIS A 26 -9.08 -6.12 -7.51
N ALA A 27 -8.46 -5.38 -6.60
CA ALA A 27 -9.18 -4.62 -5.59
C ALA A 27 -9.85 -3.42 -6.24
N TRP A 28 -11.18 -3.41 -6.18
CA TRP A 28 -11.98 -2.42 -6.89
C TRP A 28 -12.11 -1.14 -6.03
N ARG A 29 -11.98 -1.31 -4.73
CA ARG A 29 -12.03 -0.22 -3.78
C ARG A 29 -11.16 -0.59 -2.60
N PHE A 30 -10.36 0.37 -2.15
CA PHE A 30 -9.52 0.17 -0.99
C PHE A 30 -9.53 1.40 -0.09
N GLU A 31 -9.25 1.17 1.17
CA GLU A 31 -9.18 2.24 2.16
C GLU A 31 -7.74 2.45 2.56
N LEU A 32 -7.44 3.69 2.86
CA LEU A 32 -6.13 4.09 3.32
C LEU A 32 -6.27 4.77 4.66
N ASN A 33 -5.37 4.47 5.59
CA ASN A 33 -5.39 5.13 6.88
C ASN A 33 -4.69 6.48 6.73
N GLU A 34 -5.49 7.50 6.43
CA GLU A 34 -5.00 8.85 6.10
C GLU A 34 -4.51 9.57 7.33
N ASN A 35 -5.05 9.18 8.48
CA ASN A 35 -4.57 9.68 9.78
C ASN A 35 -3.17 9.21 10.06
N LEU A 36 -2.91 7.91 9.81
CA LEU A 36 -1.61 7.31 10.04
C LEU A 36 -0.60 7.75 8.98
N LEU A 37 -1.10 8.13 7.80
CA LEU A 37 -0.27 8.65 6.72
C LEU A 37 0.01 10.13 6.89
N ASP A 38 -0.84 10.81 7.66
CA ASP A 38 -0.59 12.19 8.05
C ASP A 38 0.54 12.23 9.05
N GLN A 39 0.56 11.23 9.94
CA GLN A 39 1.62 11.06 10.94
C GLN A 39 2.90 10.52 10.30
N ALA A 40 2.75 9.76 9.22
CA ALA A 40 3.89 9.21 8.48
C ALA A 40 4.64 10.30 7.74
N ASP A 41 3.87 11.24 7.16
CA ASP A 41 4.43 12.38 6.44
C ASP A 41 4.92 13.45 7.42
N LEU A 42 4.28 13.52 8.60
CA LEU A 42 4.69 14.39 9.71
C LEU A 42 6.09 14.02 10.18
N ALA A 43 6.31 12.70 10.34
CA ALA A 43 7.60 12.17 10.73
C ALA A 43 8.61 12.32 9.62
N ALA A 44 8.17 12.18 8.37
CA ALA A 44 9.06 12.31 7.22
C ALA A 44 9.50 13.76 6.99
N GLU A 45 8.70 14.71 7.49
CA GLU A 45 9.07 16.12 7.50
C GLU A 45 10.12 16.41 8.57
N ALA A 46 10.11 15.60 9.63
CA ALA A 46 11.06 15.71 10.72
C ALA A 46 12.30 14.84 10.50
N ASP A 47 12.36 14.19 9.31
CA ASP A 47 13.48 13.31 8.88
C ASP A 47 13.54 12.03 9.75
N GLN A 48 12.39 11.64 10.26
CA GLN A 48 12.27 10.50 11.14
C GLN A 48 11.55 9.37 10.42
N PRO A 49 12.16 8.17 10.33
CA PRO A 49 11.48 6.97 9.80
C PRO A 49 10.28 6.59 10.66
N PHE A 50 9.13 6.49 10.01
CA PHE A 50 7.89 6.20 10.69
C PHE A 50 7.63 4.71 10.71
N ALA A 51 7.32 4.19 11.88
CA ALA A 51 6.96 2.80 12.03
C ALA A 51 5.71 2.67 12.88
N SER A 52 4.74 1.92 12.38
CA SER A 52 3.51 1.65 13.10
C SER A 52 3.05 0.26 12.75
N GLU A 53 2.41 -0.42 13.68
CA GLU A 53 1.87 -1.75 13.43
C GLU A 53 0.35 -1.73 13.32
N ASP A 54 -0.22 -0.53 13.21
CA ASP A 54 -1.64 -0.35 12.97
C ASP A 54 -1.93 -0.53 11.49
N TRP A 55 -3.20 -0.64 11.11
CA TRP A 55 -3.58 -0.88 9.73
C TRP A 55 -3.28 0.35 8.86
N VAL A 56 -3.04 0.13 7.57
CA VAL A 56 -2.81 1.22 6.63
C VAL A 56 -3.59 1.01 5.31
N LEU A 57 -3.91 -0.25 5.00
CA LEU A 57 -4.50 -0.59 3.72
C LEU A 57 -5.54 -1.69 3.88
N ALA A 58 -6.75 -1.39 3.43
CA ALA A 58 -7.82 -2.36 3.39
C ALA A 58 -8.30 -2.54 1.95
N VAL A 59 -7.85 -3.61 1.31
CA VAL A 59 -8.13 -3.83 -0.12
C VAL A 59 -9.26 -4.82 -0.29
N GLU A 60 -10.39 -4.35 -0.83
CA GLU A 60 -11.52 -5.22 -1.07
C GLU A 60 -11.57 -5.60 -2.56
N SER A 61 -11.45 -6.89 -2.79
CA SER A 61 -11.52 -7.46 -4.10
C SER A 61 -12.68 -8.43 -4.17
N LEU A 62 -13.33 -8.50 -5.31
CA LEU A 62 -14.50 -9.34 -5.45
C LEU A 62 -14.16 -10.61 -6.22
N ASP A 63 -14.28 -11.75 -5.54
CA ASP A 63 -14.10 -13.04 -6.17
C ASP A 63 -15.41 -13.82 -6.16
N GLY A 64 -16.11 -13.75 -7.28
CA GLY A 64 -17.46 -14.28 -7.34
C GLY A 64 -18.46 -13.25 -6.87
N ARG A 65 -19.15 -13.58 -5.78
CA ARG A 65 -19.97 -12.60 -5.08
C ARG A 65 -19.40 -12.36 -3.68
N THR A 66 -18.15 -12.79 -3.53
CA THR A 66 -17.42 -12.69 -2.28
C THR A 66 -16.72 -11.34 -2.17
N ARG A 67 -16.96 -10.68 -1.05
CA ARG A 67 -16.25 -9.47 -0.70
C ARG A 67 -15.07 -9.83 0.18
N ARG A 68 -13.90 -9.88 -0.42
CA ARG A 68 -12.72 -10.31 0.30
C ARG A 68 -11.81 -9.11 0.53
N GLU A 69 -11.60 -8.77 1.78
CA GLU A 69 -10.78 -7.62 2.12
C GLU A 69 -9.58 -8.03 2.94
N TRP A 70 -8.42 -7.52 2.57
CA TRP A 70 -7.20 -7.75 3.30
C TRP A 70 -6.78 -6.47 4.00
N ARG A 71 -6.59 -6.56 5.30
CA ARG A 71 -6.11 -5.41 6.04
C ARG A 71 -4.69 -5.65 6.47
N PHE A 72 -3.82 -4.78 6.01
CA PHE A 72 -2.40 -4.90 6.28
C PHE A 72 -1.95 -3.85 7.25
N SER A 73 -0.95 -4.21 8.04
CA SER A 73 -0.30 -3.27 8.93
C SER A 73 0.61 -2.35 8.13
N TYR A 74 0.89 -1.18 8.69
CA TYR A 74 1.83 -0.22 8.14
C TYR A 74 3.22 -0.83 8.04
N ASN A 75 3.55 -1.64 9.05
CA ASN A 75 4.85 -2.31 9.16
C ASN A 75 5.02 -3.39 8.08
N ALA A 76 3.90 -3.94 7.60
CA ALA A 76 3.89 -4.96 6.55
C ALA A 76 4.11 -4.33 5.17
N VAL A 77 3.56 -3.14 5.00
CA VAL A 77 3.68 -2.38 3.75
C VAL A 77 5.09 -1.74 3.62
N MET A 78 5.74 -1.51 4.76
CA MET A 78 7.11 -1.00 4.79
C MET A 78 8.13 -2.08 4.43
N GLU A 79 7.90 -3.31 4.88
CA GLU A 79 8.82 -4.41 4.63
C GLU A 79 8.61 -5.05 3.25
N ALA A 80 7.59 -4.57 2.52
CA ALA A 80 7.28 -5.08 1.19
C ALA A 80 8.40 -4.83 0.21
N GLU A 81 8.94 -5.93 -0.29
CA GLU A 81 10.11 -5.90 -1.12
C GLU A 81 9.74 -5.64 -2.58
N PRO A 82 10.43 -4.67 -3.26
CA PRO A 82 10.21 -4.44 -4.68
C PRO A 82 10.63 -5.64 -5.52
N GLN A 83 9.76 -6.03 -6.42
CA GLN A 83 10.00 -7.20 -7.25
C GLN A 83 10.76 -6.85 -8.52
N ALA A 84 11.15 -7.90 -9.27
CA ALA A 84 11.84 -7.75 -10.54
C ALA A 84 10.89 -7.36 -11.67
N ASP A 85 9.59 -7.41 -11.33
CA ASP A 85 8.51 -6.92 -12.18
C ASP A 85 8.47 -5.39 -12.18
N GLY A 86 9.03 -4.79 -11.12
CA GLY A 86 9.15 -3.33 -11.02
C GLY A 86 7.90 -2.62 -10.53
N GLU A 87 6.78 -3.33 -10.52
CA GLU A 87 5.49 -2.73 -10.13
C GLU A 87 4.88 -3.51 -8.97
N SER A 88 5.16 -4.80 -8.91
CA SER A 88 4.60 -5.67 -7.88
C SER A 88 5.46 -5.64 -6.61
N TRP A 89 4.81 -5.88 -5.48
CA TRP A 89 5.49 -5.87 -4.17
C TRP A 89 5.22 -7.15 -3.42
N ARG A 90 6.20 -7.59 -2.65
CA ARG A 90 6.08 -8.82 -1.88
C ARG A 90 5.64 -8.51 -0.45
N LEU A 91 4.35 -8.70 -0.22
CA LEU A 91 3.76 -8.49 1.08
C LEU A 91 3.77 -9.82 1.84
N THR A 92 4.64 -9.96 2.81
CA THR A 92 4.73 -11.19 3.55
C THR A 92 4.24 -11.05 4.98
N THR A 93 3.10 -11.66 5.25
CA THR A 93 2.47 -11.63 6.56
C THR A 93 2.72 -12.94 7.29
N GLY A 94 2.11 -13.12 8.46
CA GLY A 94 2.15 -14.40 9.16
C GLY A 94 1.26 -15.45 8.50
N GLU A 95 0.43 -15.00 7.57
CA GLU A 95 -0.44 -15.85 6.81
C GLU A 95 0.29 -16.41 5.59
N GLY A 96 1.02 -15.55 4.89
CA GLY A 96 1.78 -16.00 3.75
C GLY A 96 2.33 -14.86 2.91
N ALA A 97 1.84 -14.74 1.68
CA ALA A 97 2.39 -13.81 0.68
C ALA A 97 1.28 -13.28 -0.22
N TYR A 98 1.37 -11.99 -0.54
CA TYR A 98 0.38 -11.30 -1.37
C TYR A 98 1.11 -10.40 -2.35
N GLN A 99 0.63 -10.34 -3.59
CA GLN A 99 1.27 -9.54 -4.61
C GLN A 99 0.52 -8.24 -4.82
N LEU A 100 1.00 -7.18 -4.21
CA LEU A 100 0.35 -5.89 -4.31
C LEU A 100 0.98 -5.09 -5.43
N ARG A 101 0.23 -4.87 -6.50
CA ARG A 101 0.71 -4.06 -7.60
C ARG A 101 -0.21 -2.86 -7.79
N CYS A 102 0.36 -1.68 -7.57
CA CYS A 102 -0.40 -0.44 -7.67
C CYS A 102 -0.47 0.04 -9.10
N LEU A 103 -1.69 0.20 -9.56
CA LEU A 103 -1.95 0.53 -10.95
C LEU A 103 -2.66 1.87 -11.08
N GLY A 104 -2.57 2.46 -12.27
CA GLY A 104 -3.13 3.78 -12.50
C GLY A 104 -2.25 4.89 -11.95
N ALA A 105 -2.72 6.11 -12.07
CA ALA A 105 -1.99 7.28 -11.60
C ALA A 105 -2.95 8.32 -11.05
N VAL A 106 -3.80 7.89 -10.11
CA VAL A 106 -4.81 8.74 -9.53
C VAL A 106 -4.70 8.63 -8.04
N SER A 107 -4.57 9.79 -7.41
CA SER A 107 -4.53 9.96 -5.97
C SER A 107 -5.69 9.23 -5.28
N ALA A 108 -5.36 8.47 -4.26
CA ALA A 108 -6.31 7.64 -3.56
C ALA A 108 -6.53 8.16 -2.15
N SER A 109 -7.79 8.21 -1.75
CA SER A 109 -8.17 8.70 -0.44
C SER A 109 -9.41 7.96 0.06
N GLY A 110 -9.60 7.93 1.36
CA GLY A 110 -10.75 7.26 1.92
C GLY A 110 -10.42 6.45 3.15
N GLU A 111 -11.01 6.86 4.26
CA GLU A 111 -10.82 6.18 5.55
C GLU A 111 -12.10 6.26 6.35
N ASP A 112 -12.74 7.41 6.27
CA ASP A 112 -13.99 7.68 6.95
C ASP A 112 -15.16 7.29 6.05
N GLU A 113 -16.00 6.40 6.54
CA GLU A 113 -17.16 5.93 5.80
C GLU A 113 -18.38 6.84 6.04
N GLY A 1 25.98 14.15 -6.55
CA GLY A 1 25.20 12.95 -6.12
C GLY A 1 23.79 12.98 -6.63
N SER A 2 23.03 11.94 -6.29
CA SER A 2 21.63 11.85 -6.65
C SER A 2 20.77 12.38 -5.50
N HIS A 3 20.40 13.66 -5.57
CA HIS A 3 19.52 14.25 -4.57
C HIS A 3 18.06 14.15 -4.99
N MET A 4 17.59 12.92 -4.93
CA MET A 4 16.19 12.60 -5.07
C MET A 4 15.76 11.91 -3.78
N THR A 5 14.57 12.25 -3.30
CA THR A 5 14.02 11.63 -2.10
C THR A 5 13.71 10.16 -2.36
N THR A 6 13.15 9.93 -3.56
CA THR A 6 12.93 8.62 -4.19
C THR A 6 12.32 7.56 -3.27
N GLN A 7 11.27 7.97 -2.55
CA GLN A 7 10.42 7.03 -1.84
C GLN A 7 9.52 6.35 -2.85
N ARG A 8 10.01 5.26 -3.44
CA ARG A 8 9.19 4.44 -4.30
C ARG A 8 8.75 3.20 -3.55
N TYR A 9 8.60 3.35 -2.22
CA TYR A 9 8.00 2.31 -1.39
C TYR A 9 6.53 2.19 -1.72
N LEU A 10 5.94 1.07 -1.30
CA LEU A 10 4.50 0.81 -1.51
C LEU A 10 3.61 1.89 -0.88
N LEU A 11 4.13 2.55 0.16
CA LEU A 11 3.48 3.70 0.81
C LEU A 11 3.23 4.86 -0.17
N ASP A 12 4.17 5.11 -1.06
CA ASP A 12 4.02 6.16 -2.06
C ASP A 12 3.21 5.66 -3.25
N GLU A 13 3.34 4.36 -3.53
CA GLU A 13 2.70 3.72 -4.68
C GLU A 13 1.19 3.64 -4.52
N LEU A 14 0.69 3.53 -3.27
CA LEU A 14 -0.75 3.46 -3.00
C LEU A 14 -1.42 4.84 -3.15
N GLU A 15 -0.62 5.91 -3.02
CA GLU A 15 -1.10 7.28 -3.19
C GLU A 15 -1.34 7.62 -4.66
N THR A 16 -0.52 7.03 -5.53
CA THR A 16 -0.60 7.29 -6.97
C THR A 16 -1.39 6.19 -7.69
N ALA A 17 -1.81 5.15 -6.96
CA ALA A 17 -2.51 4.00 -7.54
C ALA A 17 -3.95 4.33 -7.88
N ASP A 18 -4.33 4.04 -9.11
CA ASP A 18 -5.73 4.10 -9.51
C ASP A 18 -6.42 2.83 -9.01
N MET A 19 -5.89 1.70 -9.44
CA MET A 19 -6.35 0.38 -9.01
C MET A 19 -5.29 -0.26 -8.15
N LEU A 20 -5.71 -1.15 -7.28
CA LEU A 20 -4.76 -1.89 -6.46
C LEU A 20 -5.12 -3.37 -6.51
N GLU A 21 -4.18 -4.15 -7.00
CA GLU A 21 -4.36 -5.56 -7.23
C GLU A 21 -3.65 -6.36 -6.16
N ILE A 22 -4.15 -7.56 -5.88
CA ILE A 22 -3.46 -8.44 -4.98
C ILE A 22 -3.36 -9.88 -5.57
N ASP A 23 -2.13 -10.24 -5.99
CA ASP A 23 -1.76 -11.57 -6.55
C ASP A 23 -2.66 -11.95 -7.76
N GLY A 24 -2.66 -11.08 -8.77
CA GLY A 24 -3.41 -11.34 -9.99
C GLY A 24 -4.93 -11.21 -9.83
N LEU A 25 -5.37 -10.61 -8.72
CA LEU A 25 -6.79 -10.48 -8.40
C LEU A 25 -7.03 -9.02 -7.99
N HIS A 26 -7.67 -8.25 -8.88
CA HIS A 26 -7.77 -6.79 -8.67
C HIS A 26 -8.91 -6.43 -7.74
N ALA A 27 -8.63 -5.55 -6.78
CA ALA A 27 -9.65 -5.10 -5.84
C ALA A 27 -10.40 -3.91 -6.40
N TRP A 28 -11.69 -3.83 -6.09
CA TRP A 28 -12.53 -2.74 -6.59
C TRP A 28 -12.52 -1.57 -5.60
N ARG A 29 -12.26 -1.88 -4.34
CA ARG A 29 -12.26 -0.90 -3.26
C ARG A 29 -11.04 -1.11 -2.38
N PHE A 30 -10.40 -0.01 -2.05
CA PHE A 30 -9.32 0.00 -1.10
C PHE A 30 -9.37 1.27 -0.27
N GLU A 31 -8.98 1.16 0.98
CA GLU A 31 -8.97 2.28 1.89
C GLU A 31 -7.60 2.41 2.50
N LEU A 32 -7.21 3.63 2.77
CA LEU A 32 -5.92 3.92 3.35
C LEU A 32 -6.12 4.58 4.70
N ASN A 33 -5.23 4.28 5.66
CA ASN A 33 -5.28 4.93 6.97
C ASN A 33 -4.64 6.31 6.84
N GLU A 34 -5.47 7.26 6.47
CA GLU A 34 -5.02 8.61 6.13
C GLU A 34 -4.62 9.41 7.36
N ASN A 35 -5.24 9.10 8.50
CA ASN A 35 -4.88 9.66 9.80
C ASN A 35 -3.41 9.36 10.16
N LEU A 36 -3.03 8.10 9.92
CA LEU A 36 -1.69 7.62 10.21
C LEU A 36 -0.70 8.05 9.13
N LEU A 37 -1.21 8.34 7.93
CA LEU A 37 -0.37 8.76 6.80
C LEU A 37 0.03 10.21 6.91
N ASP A 38 -0.81 11.03 7.55
CA ASP A 38 -0.46 12.42 7.87
C ASP A 38 0.72 12.44 8.82
N GLN A 39 0.69 11.53 9.79
CA GLN A 39 1.73 11.35 10.79
C GLN A 39 2.99 10.72 10.20
N ALA A 40 2.81 9.88 9.19
CA ALA A 40 3.91 9.21 8.51
C ALA A 40 4.77 10.19 7.75
N ASP A 41 4.11 11.11 7.06
CA ASP A 41 4.77 12.15 6.28
C ASP A 41 5.29 13.27 7.19
N LEU A 42 4.56 13.54 8.28
CA LEU A 42 4.96 14.49 9.34
C LEU A 42 6.34 14.13 9.92
N ALA A 43 6.52 12.83 10.17
CA ALA A 43 7.77 12.32 10.70
C ALA A 43 8.84 12.23 9.61
N ALA A 44 8.45 11.82 8.40
CA ALA A 44 9.39 11.64 7.29
C ALA A 44 9.97 12.97 6.80
N GLU A 45 9.20 14.04 6.92
CA GLU A 45 9.68 15.38 6.57
C GLU A 45 10.58 15.94 7.67
N ALA A 46 10.44 15.42 8.89
CA ALA A 46 11.33 15.76 9.99
C ALA A 46 12.56 14.84 10.04
N ASP A 47 12.74 14.01 8.97
CA ASP A 47 13.88 13.06 8.79
C ASP A 47 13.85 11.92 9.84
N GLN A 48 12.66 11.68 10.36
CA GLN A 48 12.44 10.67 11.39
C GLN A 48 11.75 9.44 10.80
N PRO A 49 12.28 8.22 11.03
CA PRO A 49 11.63 6.98 10.59
C PRO A 49 10.27 6.75 11.27
N PHE A 50 9.26 6.42 10.48
CA PHE A 50 7.93 6.18 11.00
C PHE A 50 7.56 4.71 10.80
N ALA A 51 7.29 4.02 11.90
CA ALA A 51 6.79 2.66 11.85
C ALA A 51 5.64 2.50 12.83
N SER A 52 4.56 1.90 12.35
CA SER A 52 3.36 1.72 13.15
C SER A 52 2.76 0.36 12.85
N GLU A 53 2.25 -0.30 13.87
CA GLU A 53 1.62 -1.61 13.71
C GLU A 53 0.10 -1.51 13.54
N ASP A 54 -0.40 -0.30 13.32
CA ASP A 54 -1.80 -0.11 12.98
C ASP A 54 -1.99 -0.39 11.49
N TRP A 55 -3.24 -0.57 11.07
CA TRP A 55 -3.55 -0.87 9.68
C TRP A 55 -3.19 0.32 8.76
N VAL A 56 -2.91 0.05 7.50
CA VAL A 56 -2.77 1.12 6.51
C VAL A 56 -3.52 0.77 5.21
N LEU A 57 -3.75 -0.52 5.00
CA LEU A 57 -4.33 -1.01 3.78
C LEU A 57 -5.48 -1.95 4.09
N ALA A 58 -6.61 -1.70 3.45
CA ALA A 58 -7.70 -2.65 3.41
C ALA A 58 -8.20 -2.76 1.98
N VAL A 59 -7.92 -3.89 1.34
CA VAL A 59 -8.38 -4.15 -0.01
C VAL A 59 -9.54 -5.13 -0.02
N GLU A 60 -10.70 -4.69 -0.49
CA GLU A 60 -11.82 -5.58 -0.67
C GLU A 60 -12.04 -5.84 -2.14
N SER A 61 -12.06 -7.11 -2.49
CA SER A 61 -12.20 -7.52 -3.86
C SER A 61 -13.36 -8.49 -4.01
N LEU A 62 -13.96 -8.50 -5.20
CA LEU A 62 -15.05 -9.42 -5.48
C LEU A 62 -14.58 -10.61 -6.29
N ASP A 63 -14.47 -11.73 -5.63
CA ASP A 63 -14.16 -13.00 -6.27
C ASP A 63 -15.46 -13.78 -6.42
N GLY A 64 -16.11 -13.63 -7.57
CA GLY A 64 -17.42 -14.17 -7.76
C GLY A 64 -18.47 -13.29 -7.10
N ARG A 65 -18.93 -13.73 -5.95
CA ARG A 65 -19.81 -12.94 -5.09
C ARG A 65 -19.11 -12.60 -3.80
N THR A 66 -17.99 -13.28 -3.58
CA THR A 66 -17.17 -13.21 -2.39
C THR A 66 -16.51 -11.84 -2.22
N ARG A 67 -16.90 -11.12 -1.18
CA ARG A 67 -16.22 -9.90 -0.81
C ARG A 67 -15.09 -10.24 0.17
N ARG A 68 -13.88 -10.33 -0.35
CA ARG A 68 -12.75 -10.76 0.45
C ARG A 68 -11.84 -9.58 0.76
N GLU A 69 -11.59 -9.36 2.05
CA GLU A 69 -10.81 -8.21 2.49
C GLU A 69 -9.48 -8.66 3.09
N TRP A 70 -8.41 -8.05 2.58
CA TRP A 70 -7.07 -8.25 3.12
C TRP A 70 -6.61 -6.98 3.81
N ARG A 71 -6.20 -7.09 5.07
CA ARG A 71 -5.69 -5.94 5.80
C ARG A 71 -4.19 -6.06 5.99
N PHE A 72 -3.51 -4.97 5.72
CA PHE A 72 -2.07 -4.89 5.91
C PHE A 72 -1.76 -3.76 6.84
N SER A 73 -0.83 -4.02 7.76
CA SER A 73 -0.35 -3.01 8.67
C SER A 73 0.64 -2.10 7.97
N TYR A 74 0.86 -0.93 8.55
CA TYR A 74 1.82 0.05 8.04
C TYR A 74 3.24 -0.53 8.06
N ASN A 75 3.51 -1.33 9.10
CA ASN A 75 4.80 -1.97 9.30
C ASN A 75 5.09 -3.04 8.24
N ALA A 76 4.03 -3.72 7.79
CA ALA A 76 4.13 -4.74 6.73
C ALA A 76 4.39 -4.10 5.35
N VAL A 77 3.79 -2.93 5.13
CA VAL A 77 3.98 -2.12 3.91
C VAL A 77 5.40 -1.50 3.86
N MET A 78 6.01 -1.27 5.04
CA MET A 78 7.40 -0.80 5.11
C MET A 78 8.38 -1.90 4.67
N GLU A 79 8.12 -3.14 5.10
CA GLU A 79 8.98 -4.26 4.75
C GLU A 79 8.55 -5.00 3.48
N ALA A 80 7.57 -4.43 2.75
CA ALA A 80 7.10 -5.02 1.50
C ALA A 80 8.20 -4.98 0.45
N GLU A 81 8.48 -6.15 -0.08
CA GLU A 81 9.66 -6.39 -0.90
C GLU A 81 9.44 -5.89 -2.33
N PRO A 82 10.37 -5.07 -2.88
CA PRO A 82 10.28 -4.62 -4.27
C PRO A 82 10.66 -5.72 -5.24
N GLN A 83 9.69 -6.21 -6.00
CA GLN A 83 9.94 -7.24 -7.00
C GLN A 83 10.56 -6.59 -8.23
N ALA A 84 11.12 -7.39 -9.14
CA ALA A 84 11.86 -6.87 -10.32
C ALA A 84 10.94 -6.21 -11.36
N ASP A 85 9.63 -6.42 -11.21
CA ASP A 85 8.60 -5.80 -12.04
C ASP A 85 8.42 -4.32 -11.65
N GLY A 86 8.78 -3.99 -10.40
CA GLY A 86 8.77 -2.62 -9.89
C GLY A 86 7.41 -2.11 -9.47
N GLU A 87 6.35 -2.79 -9.89
CA GLU A 87 4.99 -2.40 -9.56
C GLU A 87 4.38 -3.45 -8.65
N SER A 88 4.94 -4.66 -8.73
CA SER A 88 4.54 -5.76 -7.87
C SER A 88 5.31 -5.71 -6.56
N TRP A 89 4.60 -5.88 -5.46
CA TRP A 89 5.20 -5.90 -4.13
C TRP A 89 4.92 -7.21 -3.45
N ARG A 90 5.76 -7.57 -2.50
CA ARG A 90 5.57 -8.80 -1.76
C ARG A 90 5.21 -8.47 -0.32
N LEU A 91 3.96 -8.71 0.03
CA LEU A 91 3.50 -8.56 1.40
C LEU A 91 3.53 -9.92 2.07
N THR A 92 4.58 -10.20 2.79
CA THR A 92 4.76 -11.49 3.39
C THR A 92 4.30 -11.42 4.84
N THR A 93 3.13 -11.96 5.08
CA THR A 93 2.46 -11.87 6.37
C THR A 93 2.53 -13.21 7.10
N GLY A 94 1.85 -13.30 8.26
CA GLY A 94 1.73 -14.56 8.97
C GLY A 94 0.78 -15.54 8.30
N GLU A 95 -0.09 -15.01 7.45
CA GLU A 95 -1.00 -15.83 6.65
C GLU A 95 -0.30 -16.32 5.39
N GLY A 96 0.39 -15.41 4.68
CA GLY A 96 1.09 -15.75 3.46
C GLY A 96 1.56 -14.52 2.70
N ALA A 97 2.04 -14.73 1.50
CA ALA A 97 2.61 -13.65 0.68
C ALA A 97 1.61 -13.18 -0.38
N TYR A 98 1.29 -11.90 -0.32
CA TYR A 98 0.27 -11.27 -1.17
C TYR A 98 0.92 -10.21 -2.05
N GLN A 99 0.66 -10.24 -3.35
CA GLN A 99 1.31 -9.32 -4.26
C GLN A 99 0.47 -8.05 -4.46
N LEU A 100 0.88 -6.96 -3.86
CA LEU A 100 0.16 -5.70 -4.06
C LEU A 100 0.77 -4.97 -5.23
N ARG A 101 0.01 -4.89 -6.31
CA ARG A 101 0.47 -4.29 -7.52
C ARG A 101 -0.40 -3.08 -7.85
N CYS A 102 0.23 -1.92 -7.95
CA CYS A 102 -0.50 -0.69 -8.23
C CYS A 102 -0.66 -0.48 -9.74
N LEU A 103 -1.93 -0.44 -10.17
CA LEU A 103 -2.25 -0.36 -11.60
C LEU A 103 -2.83 1.01 -11.89
N GLY A 104 -2.40 1.63 -12.96
CA GLY A 104 -2.85 2.97 -13.28
C GLY A 104 -2.13 4.04 -12.49
N ALA A 105 -2.46 5.28 -12.76
CA ALA A 105 -1.82 6.41 -12.11
C ALA A 105 -2.76 7.60 -12.08
N VAL A 106 -3.20 7.98 -10.88
CA VAL A 106 -3.91 9.23 -10.68
C VAL A 106 -3.07 10.12 -9.78
N SER A 107 -2.20 10.86 -10.42
CA SER A 107 -1.36 11.87 -9.80
C SER A 107 -0.78 12.70 -10.92
N ALA A 108 -0.98 14.00 -10.86
CA ALA A 108 -0.45 14.89 -11.87
C ALA A 108 1.07 15.02 -11.66
N SER A 109 1.43 15.60 -10.52
CA SER A 109 2.80 15.62 -10.03
C SER A 109 2.76 15.52 -8.49
N GLY A 110 1.57 15.28 -7.97
CA GLY A 110 1.30 15.30 -6.54
C GLY A 110 -0.18 15.52 -6.29
N GLU A 111 -0.50 16.38 -5.32
CA GLU A 111 -1.90 16.73 -5.05
C GLU A 111 -2.09 18.25 -5.02
N ASP A 112 -1.41 18.92 -4.10
CA ASP A 112 -1.56 20.37 -3.92
C ASP A 112 -0.22 21.02 -3.65
N GLU A 113 0.41 20.64 -2.54
CA GLU A 113 1.65 21.27 -2.12
C GLU A 113 2.75 20.22 -1.98
N GLY A 1 19.37 6.49 0.92
CA GLY A 1 20.27 5.42 0.47
C GLY A 1 20.46 5.43 -1.02
N SER A 2 21.71 5.17 -1.46
CA SER A 2 22.11 5.05 -2.88
C SER A 2 21.83 6.37 -3.66
N HIS A 3 21.67 6.26 -4.98
CA HIS A 3 21.41 7.41 -5.84
C HIS A 3 19.92 7.45 -6.25
N MET A 4 19.04 7.07 -5.32
CA MET A 4 17.61 7.18 -5.55
C MET A 4 16.96 8.09 -4.51
N THR A 5 16.53 9.26 -4.97
CA THR A 5 15.86 10.25 -4.12
C THR A 5 14.45 9.79 -3.78
N THR A 6 13.65 9.56 -4.80
CA THR A 6 12.37 8.92 -4.63
C THR A 6 12.58 7.42 -4.62
N GLN A 7 12.57 6.84 -3.43
CA GLN A 7 12.66 5.40 -3.25
C GLN A 7 11.45 4.68 -3.83
N ARG A 8 10.28 5.34 -3.71
CA ARG A 8 8.97 4.78 -4.03
C ARG A 8 8.69 3.58 -3.16
N TYR A 9 8.35 3.87 -1.91
CA TYR A 9 7.88 2.85 -0.98
C TYR A 9 6.48 2.43 -1.38
N LEU A 10 5.94 1.39 -0.76
CA LEU A 10 4.58 0.92 -1.09
C LEU A 10 3.52 1.98 -0.72
N LEU A 11 3.85 2.86 0.22
CA LEU A 11 3.01 4.02 0.55
C LEU A 11 2.98 5.04 -0.57
N ASP A 12 4.13 5.28 -1.18
CA ASP A 12 4.25 6.21 -2.30
C ASP A 12 3.56 5.63 -3.54
N GLU A 13 3.55 4.30 -3.62
CA GLU A 13 2.88 3.56 -4.69
C GLU A 13 1.37 3.73 -4.64
N LEU A 14 0.76 3.45 -3.48
CA LEU A 14 -0.70 3.54 -3.32
C LEU A 14 -1.19 5.00 -3.36
N GLU A 15 -0.29 5.95 -3.07
CA GLU A 15 -0.56 7.38 -3.22
C GLU A 15 -0.55 7.83 -4.68
N THR A 16 0.25 7.21 -5.51
CA THR A 16 0.29 7.56 -6.92
C THR A 16 -0.52 6.59 -7.77
N ALA A 17 -1.36 5.78 -7.12
CA ALA A 17 -2.12 4.77 -7.83
C ALA A 17 -3.59 4.80 -7.45
N ASP A 18 -4.42 4.46 -8.43
CA ASP A 18 -5.86 4.40 -8.23
C ASP A 18 -6.32 2.94 -8.21
N MET A 19 -5.67 2.12 -9.01
CA MET A 19 -5.92 0.70 -9.06
C MET A 19 -4.91 -0.03 -8.20
N LEU A 20 -5.34 -1.16 -7.65
CA LEU A 20 -4.45 -1.97 -6.84
C LEU A 20 -4.88 -3.42 -6.92
N GLU A 21 -3.98 -4.27 -7.37
CA GLU A 21 -4.26 -5.69 -7.48
C GLU A 21 -3.48 -6.43 -6.42
N ILE A 22 -3.98 -7.58 -6.02
CA ILE A 22 -3.38 -8.36 -4.96
C ILE A 22 -3.45 -9.87 -5.25
N ASP A 23 -2.27 -10.44 -5.59
CA ASP A 23 -2.10 -11.89 -5.87
C ASP A 23 -2.98 -12.34 -7.07
N GLY A 24 -3.25 -11.41 -8.00
CA GLY A 24 -4.06 -11.71 -9.17
C GLY A 24 -5.52 -11.27 -9.03
N LEU A 25 -5.92 -10.86 -7.83
CA LEU A 25 -7.28 -10.40 -7.56
C LEU A 25 -7.30 -8.89 -7.48
N HIS A 26 -8.05 -8.22 -8.37
CA HIS A 26 -8.03 -6.76 -8.38
C HIS A 26 -8.97 -6.21 -7.30
N ALA A 27 -8.43 -5.36 -6.44
CA ALA A 27 -9.22 -4.68 -5.43
C ALA A 27 -10.12 -3.65 -6.11
N TRP A 28 -11.42 -3.81 -5.94
CA TRP A 28 -12.39 -2.94 -6.59
C TRP A 28 -12.54 -1.65 -5.78
N ARG A 29 -12.22 -1.76 -4.49
CA ARG A 29 -12.17 -0.64 -3.59
C ARG A 29 -11.13 -0.93 -2.51
N PHE A 30 -10.32 0.07 -2.23
CA PHE A 30 -9.39 0.01 -1.13
C PHE A 30 -9.54 1.27 -0.29
N GLU A 31 -9.12 1.20 0.95
CA GLU A 31 -9.18 2.34 1.83
C GLU A 31 -7.82 2.54 2.47
N LEU A 32 -7.47 3.78 2.70
CA LEU A 32 -6.20 4.14 3.29
C LEU A 32 -6.41 4.87 4.60
N ASN A 33 -5.49 4.64 5.52
CA ASN A 33 -5.49 5.33 6.80
C ASN A 33 -4.79 6.69 6.62
N GLU A 34 -5.58 7.72 6.33
CA GLU A 34 -5.06 9.05 5.99
C GLU A 34 -4.54 9.81 7.21
N ASN A 35 -5.01 9.40 8.38
CA ASN A 35 -4.50 9.89 9.64
C ASN A 35 -3.06 9.43 9.85
N LEU A 36 -2.85 8.12 9.69
CA LEU A 36 -1.57 7.50 9.95
C LEU A 36 -0.58 7.79 8.83
N LEU A 37 -1.10 8.09 7.63
CA LEU A 37 -0.27 8.49 6.48
C LEU A 37 0.08 9.97 6.52
N ASP A 38 -0.70 10.74 7.27
CA ASP A 38 -0.38 12.13 7.55
C ASP A 38 0.81 12.19 8.49
N GLN A 39 0.75 11.37 9.56
CA GLN A 39 1.81 11.30 10.56
C GLN A 39 3.05 10.58 10.02
N ALA A 40 2.83 9.70 9.03
CA ALA A 40 3.92 9.01 8.33
C ALA A 40 4.75 9.97 7.51
N ASP A 41 4.05 10.87 6.83
CA ASP A 41 4.67 11.91 6.03
C ASP A 41 5.33 12.97 6.92
N LEU A 42 4.64 13.31 8.00
CA LEU A 42 5.10 14.25 9.03
C LEU A 42 6.46 13.83 9.60
N ALA A 43 6.56 12.56 9.99
CA ALA A 43 7.77 12.00 10.54
C ALA A 43 8.86 11.86 9.47
N ALA A 44 8.48 11.46 8.24
CA ALA A 44 9.41 11.29 7.13
C ALA A 44 10.09 12.60 6.75
N GLU A 45 9.32 13.70 6.78
CA GLU A 45 9.84 15.06 6.55
C GLU A 45 10.80 15.47 7.67
N ALA A 46 10.55 14.97 8.88
CA ALA A 46 11.40 15.23 10.04
C ALA A 46 12.57 14.23 10.13
N ASP A 47 12.80 13.47 9.04
CA ASP A 47 13.93 12.53 8.85
C ASP A 47 13.80 11.27 9.74
N GLN A 48 12.64 11.08 10.31
CA GLN A 48 12.37 9.96 11.19
C GLN A 48 11.56 8.91 10.45
N PRO A 49 12.04 7.65 10.40
CA PRO A 49 11.23 6.53 9.92
C PRO A 49 10.02 6.32 10.80
N PHE A 50 8.84 6.33 10.19
CA PHE A 50 7.62 6.13 10.92
C PHE A 50 7.34 4.65 11.01
N ALA A 51 7.04 4.20 12.23
CA ALA A 51 6.75 2.81 12.48
C ALA A 51 5.48 2.69 13.29
N SER A 52 4.49 2.03 12.73
CA SER A 52 3.23 1.76 13.38
C SER A 52 2.76 0.37 12.99
N GLU A 53 2.15 -0.33 13.93
CA GLU A 53 1.56 -1.63 13.65
C GLU A 53 0.05 -1.54 13.53
N ASP A 54 -0.47 -0.31 13.37
CA ASP A 54 -1.89 -0.08 13.08
C ASP A 54 -2.15 -0.40 11.61
N TRP A 55 -3.41 -0.43 11.21
CA TRP A 55 -3.77 -0.74 9.82
C TRP A 55 -3.42 0.47 8.93
N VAL A 56 -3.16 0.23 7.66
CA VAL A 56 -2.95 1.34 6.73
C VAL A 56 -3.71 1.12 5.41
N LEU A 57 -3.97 -0.13 5.08
CA LEU A 57 -4.54 -0.47 3.79
C LEU A 57 -5.54 -1.60 3.92
N ALA A 58 -6.77 -1.33 3.51
CA ALA A 58 -7.81 -2.32 3.47
C ALA A 58 -8.25 -2.54 2.03
N VAL A 59 -7.80 -3.62 1.42
CA VAL A 59 -8.11 -3.92 0.03
C VAL A 59 -9.20 -4.97 -0.05
N GLU A 60 -10.29 -4.62 -0.70
CA GLU A 60 -11.36 -5.57 -0.89
C GLU A 60 -11.48 -5.91 -2.37
N SER A 61 -11.40 -7.19 -2.66
CA SER A 61 -11.59 -7.73 -3.99
C SER A 61 -12.73 -8.73 -3.95
N LEU A 62 -13.55 -8.77 -4.98
CA LEU A 62 -14.57 -9.80 -5.05
C LEU A 62 -13.94 -11.10 -5.53
N ASP A 63 -14.21 -12.18 -4.81
CA ASP A 63 -13.60 -13.47 -5.09
C ASP A 63 -14.71 -14.48 -5.33
N GLY A 64 -14.97 -14.76 -6.59
CA GLY A 64 -16.12 -15.56 -6.97
C GLY A 64 -17.38 -14.73 -7.02
N ARG A 65 -18.03 -14.62 -5.87
CA ARG A 65 -19.20 -13.77 -5.70
C ARG A 65 -19.21 -13.10 -4.32
N THR A 66 -18.20 -13.38 -3.51
CA THR A 66 -18.11 -12.84 -2.16
C THR A 66 -17.09 -11.70 -2.11
N ARG A 67 -17.00 -11.02 -0.98
CA ARG A 67 -16.01 -9.97 -0.79
C ARG A 67 -14.91 -10.45 0.13
N ARG A 68 -13.70 -10.37 -0.37
CA ARG A 68 -12.51 -10.83 0.31
C ARG A 68 -11.63 -9.61 0.63
N GLU A 69 -11.43 -9.35 1.91
CA GLU A 69 -10.76 -8.11 2.33
C GLU A 69 -9.49 -8.42 3.13
N TRP A 70 -8.38 -7.87 2.66
CA TRP A 70 -7.08 -8.02 3.29
C TRP A 70 -6.68 -6.71 3.92
N ARG A 71 -6.31 -6.76 5.18
CA ARG A 71 -5.84 -5.55 5.86
C ARG A 71 -4.38 -5.70 6.16
N PHE A 72 -3.62 -4.76 5.66
CA PHE A 72 -2.20 -4.73 5.87
C PHE A 72 -1.87 -3.70 6.90
N SER A 73 -1.08 -4.13 7.88
CA SER A 73 -0.54 -3.23 8.87
C SER A 73 0.47 -2.31 8.20
N TYR A 74 0.63 -1.13 8.78
CA TYR A 74 1.58 -0.13 8.31
C TYR A 74 3.00 -0.71 8.29
N ASN A 75 3.31 -1.51 9.30
CA ASN A 75 4.61 -2.14 9.49
C ASN A 75 4.91 -3.15 8.38
N ALA A 76 3.88 -3.89 7.94
CA ALA A 76 4.00 -4.90 6.87
C ALA A 76 4.22 -4.24 5.51
N VAL A 77 3.56 -3.10 5.31
CA VAL A 77 3.69 -2.28 4.11
C VAL A 77 5.10 -1.64 3.99
N MET A 78 5.73 -1.36 5.14
CA MET A 78 7.10 -0.84 5.18
C MET A 78 8.13 -1.90 4.77
N GLU A 79 7.93 -3.13 5.25
CA GLU A 79 8.86 -4.23 4.99
C GLU A 79 8.54 -5.00 3.71
N ALA A 80 7.56 -4.52 2.94
CA ALA A 80 7.17 -5.12 1.69
C ALA A 80 8.30 -5.07 0.67
N GLU A 81 8.53 -6.22 0.06
CA GLU A 81 9.66 -6.44 -0.79
C GLU A 81 9.43 -5.82 -2.16
N PRO A 82 10.33 -4.95 -2.63
CA PRO A 82 10.27 -4.42 -3.99
C PRO A 82 10.62 -5.50 -4.99
N GLN A 83 9.80 -5.63 -6.02
CA GLN A 83 10.02 -6.63 -7.03
C GLN A 83 10.70 -6.01 -8.24
N ALA A 84 11.15 -6.86 -9.18
CA ALA A 84 11.83 -6.41 -10.41
C ALA A 84 10.83 -5.84 -11.43
N ASP A 85 9.55 -6.04 -11.15
CA ASP A 85 8.46 -5.48 -11.96
C ASP A 85 8.25 -4.00 -11.62
N GLY A 86 8.66 -3.60 -10.40
CA GLY A 86 8.62 -2.20 -9.95
C GLY A 86 7.24 -1.68 -9.55
N GLU A 87 6.17 -2.35 -9.97
CA GLU A 87 4.82 -1.96 -9.57
C GLU A 87 4.23 -2.99 -8.63
N SER A 88 4.71 -4.23 -8.78
CA SER A 88 4.31 -5.34 -7.94
C SER A 88 5.17 -5.38 -6.67
N TRP A 89 4.53 -5.76 -5.57
CA TRP A 89 5.17 -5.84 -4.24
C TRP A 89 4.86 -7.16 -3.58
N ARG A 90 5.77 -7.64 -2.76
CA ARG A 90 5.59 -8.93 -2.13
C ARG A 90 5.29 -8.75 -0.64
N LEU A 91 4.01 -8.84 -0.30
CA LEU A 91 3.56 -8.71 1.08
C LEU A 91 3.49 -10.07 1.73
N THR A 92 4.49 -10.37 2.51
CA THR A 92 4.56 -11.65 3.17
C THR A 92 4.13 -11.49 4.62
N THR A 93 2.96 -12.04 4.89
CA THR A 93 2.27 -11.91 6.15
C THR A 93 2.28 -13.25 6.91
N GLY A 94 1.53 -13.31 8.02
CA GLY A 94 1.31 -14.57 8.72
C GLY A 94 0.23 -15.42 8.07
N GLU A 95 -0.42 -14.87 7.04
CA GLU A 95 -1.41 -15.59 6.24
C GLU A 95 -0.74 -16.24 5.03
N GLY A 96 0.11 -15.46 4.35
CA GLY A 96 0.80 -15.96 3.18
C GLY A 96 1.60 -14.88 2.46
N ALA A 97 1.38 -14.76 1.16
CA ALA A 97 2.12 -13.82 0.31
C ALA A 97 1.16 -13.19 -0.71
N TYR A 98 1.04 -11.88 -0.66
CA TYR A 98 0.08 -11.14 -1.46
C TYR A 98 0.79 -10.12 -2.33
N GLN A 99 0.60 -10.20 -3.64
CA GLN A 99 1.34 -9.33 -4.53
C GLN A 99 0.55 -8.07 -4.88
N LEU A 100 0.98 -6.94 -4.34
CA LEU A 100 0.30 -5.68 -4.57
C LEU A 100 0.88 -4.94 -5.76
N ARG A 101 0.12 -4.87 -6.83
CA ARG A 101 0.55 -4.17 -8.02
C ARG A 101 -0.32 -2.95 -8.24
N CYS A 102 0.34 -1.80 -8.15
CA CYS A 102 -0.31 -0.50 -8.20
C CYS A 102 -0.39 0.01 -9.64
N LEU A 103 -1.59 0.35 -10.09
CA LEU A 103 -1.77 0.93 -11.44
C LEU A 103 -2.52 2.25 -11.31
N GLY A 104 -2.46 3.10 -12.33
CA GLY A 104 -3.17 4.37 -12.30
C GLY A 104 -2.31 5.49 -11.73
N ALA A 105 -2.92 6.66 -11.52
CA ALA A 105 -2.18 7.85 -11.09
C ALA A 105 -3.05 8.83 -10.27
N VAL A 106 -3.97 8.32 -9.45
CA VAL A 106 -4.81 9.19 -8.61
C VAL A 106 -4.97 8.61 -7.21
N SER A 107 -4.39 9.30 -6.23
CA SER A 107 -4.70 9.14 -4.81
C SER A 107 -4.15 10.32 -4.01
N ALA A 108 -4.84 10.67 -2.93
CA ALA A 108 -4.39 11.74 -2.04
C ALA A 108 -4.80 11.43 -0.59
N SER A 109 -3.82 11.15 0.25
CA SER A 109 -4.04 10.93 1.68
C SER A 109 -3.24 11.91 2.51
N GLY A 110 -3.82 12.38 3.61
CA GLY A 110 -3.12 13.27 4.51
C GLY A 110 -3.93 14.49 4.86
N GLU A 111 -5.01 14.29 5.61
CA GLU A 111 -5.94 15.37 5.92
C GLU A 111 -6.42 15.32 7.37
N ASP A 112 -5.68 14.64 8.24
CA ASP A 112 -6.13 14.41 9.61
C ASP A 112 -4.94 14.12 10.54
N GLU A 113 -4.87 14.87 11.66
CA GLU A 113 -3.75 14.76 12.62
C GLU A 113 -4.10 13.81 13.76
N GLY A 1 21.62 5.34 1.85
CA GLY A 1 22.11 6.08 0.67
C GLY A 1 21.03 6.32 -0.35
N SER A 2 20.57 7.57 -0.44
CA SER A 2 19.51 7.94 -1.35
C SER A 2 20.05 8.35 -2.72
N HIS A 3 20.71 7.40 -3.39
CA HIS A 3 21.27 7.63 -4.73
C HIS A 3 20.15 7.56 -5.76
N MET A 4 19.14 6.75 -5.47
CA MET A 4 17.89 6.80 -6.22
C MET A 4 17.03 7.90 -5.63
N THR A 5 16.92 8.99 -6.36
CA THR A 5 16.23 10.18 -5.89
C THR A 5 14.71 10.03 -6.01
N THR A 6 14.29 9.09 -6.83
CA THR A 6 12.90 8.69 -6.89
C THR A 6 12.64 7.61 -5.85
N GLN A 7 12.05 8.02 -4.73
CA GLN A 7 11.70 7.10 -3.64
C GLN A 7 10.43 6.32 -4.00
N ARG A 8 10.61 5.12 -4.52
CA ARG A 8 9.50 4.31 -4.96
C ARG A 8 9.20 3.27 -3.92
N TYR A 9 8.45 3.70 -2.94
CA TYR A 9 7.96 2.85 -1.88
C TYR A 9 6.53 2.48 -2.19
N LEU A 10 6.01 1.48 -1.48
CA LEU A 10 4.60 1.10 -1.61
C LEU A 10 3.74 2.20 -1.02
N LEU A 11 4.28 2.88 0.00
CA LEU A 11 3.66 4.05 0.62
C LEU A 11 3.50 5.21 -0.39
N ASP A 12 4.47 5.34 -1.30
CA ASP A 12 4.44 6.36 -2.36
C ASP A 12 3.38 6.03 -3.41
N GLU A 13 3.29 4.75 -3.74
CA GLU A 13 2.49 4.29 -4.86
C GLU A 13 1.01 4.16 -4.54
N LEU A 14 0.67 3.84 -3.29
CA LEU A 14 -0.75 3.71 -2.88
C LEU A 14 -1.47 5.05 -2.85
N GLU A 15 -0.71 6.13 -2.74
CA GLU A 15 -1.24 7.48 -2.75
C GLU A 15 -1.76 7.87 -4.13
N THR A 16 -1.09 7.43 -5.18
CA THR A 16 -1.41 7.86 -6.54
C THR A 16 -2.11 6.80 -7.37
N ALA A 17 -2.15 5.56 -6.89
CA ALA A 17 -2.74 4.45 -7.66
C ALA A 17 -4.27 4.49 -7.63
N ASP A 18 -4.87 3.75 -8.56
CA ASP A 18 -6.32 3.61 -8.64
C ASP A 18 -6.71 2.15 -8.46
N MET A 19 -5.96 1.28 -9.11
CA MET A 19 -6.19 -0.15 -9.03
C MET A 19 -5.04 -0.81 -8.30
N LEU A 20 -5.34 -1.65 -7.33
CA LEU A 20 -4.32 -2.33 -6.58
C LEU A 20 -4.66 -3.80 -6.50
N GLU A 21 -3.80 -4.63 -7.07
CA GLU A 21 -4.05 -6.07 -7.17
C GLU A 21 -3.32 -6.80 -6.06
N ILE A 22 -3.82 -7.97 -5.70
CA ILE A 22 -3.18 -8.80 -4.71
C ILE A 22 -3.12 -10.27 -5.19
N ASP A 23 -1.88 -10.70 -5.54
CA ASP A 23 -1.56 -12.05 -6.09
C ASP A 23 -2.29 -12.29 -7.44
N GLY A 24 -2.55 -11.20 -8.16
CA GLY A 24 -3.24 -11.29 -9.45
C GLY A 24 -4.73 -11.03 -9.35
N LEU A 25 -5.23 -10.96 -8.13
CA LEU A 25 -6.65 -10.71 -7.87
C LEU A 25 -6.84 -9.21 -7.63
N HIS A 26 -7.45 -8.51 -8.58
CA HIS A 26 -7.58 -7.06 -8.50
C HIS A 26 -8.65 -6.65 -7.49
N ALA A 27 -8.43 -5.55 -6.77
CA ALA A 27 -9.42 -5.03 -5.85
C ALA A 27 -10.15 -3.87 -6.49
N TRP A 28 -11.47 -3.80 -6.27
CA TRP A 28 -12.30 -2.75 -6.86
C TRP A 28 -12.17 -1.46 -6.06
N ARG A 29 -11.86 -1.63 -4.78
CA ARG A 29 -11.69 -0.53 -3.85
C ARG A 29 -10.53 -0.86 -2.95
N PHE A 30 -9.68 0.14 -2.74
CA PHE A 30 -8.65 0.03 -1.75
C PHE A 30 -8.70 1.28 -0.89
N GLU A 31 -8.55 1.08 0.40
CA GLU A 31 -8.71 2.15 1.34
C GLU A 31 -7.42 2.40 2.06
N LEU A 32 -7.19 3.65 2.37
CA LEU A 32 -5.99 4.05 3.06
C LEU A 32 -6.37 4.61 4.41
N ASN A 33 -5.48 4.44 5.39
CA ASN A 33 -5.67 5.03 6.70
C ASN A 33 -5.15 6.46 6.65
N GLU A 34 -6.10 7.39 6.59
CA GLU A 34 -5.84 8.81 6.27
C GLU A 34 -5.08 9.51 7.38
N ASN A 35 -5.49 9.24 8.63
CA ASN A 35 -4.89 9.86 9.80
C ASN A 35 -3.48 9.31 10.07
N LEU A 36 -3.30 8.00 9.84
CA LEU A 36 -2.03 7.34 10.10
C LEU A 36 -0.99 7.68 9.02
N LEU A 37 -1.48 8.03 7.82
CA LEU A 37 -0.60 8.43 6.73
C LEU A 37 -0.20 9.89 6.81
N ASP A 38 -0.98 10.67 7.55
CA ASP A 38 -0.61 12.04 7.90
C ASP A 38 0.59 12.01 8.83
N GLN A 39 0.56 11.07 9.77
CA GLN A 39 1.63 10.88 10.75
C GLN A 39 2.85 10.22 10.09
N ALA A 40 2.59 9.40 9.07
CA ALA A 40 3.64 8.70 8.31
C ALA A 40 4.52 9.67 7.55
N ASP A 41 3.88 10.65 6.92
CA ASP A 41 4.59 11.67 6.14
C ASP A 41 5.19 12.73 7.07
N LEU A 42 4.53 12.96 8.22
CA LEU A 42 5.01 13.89 9.27
C LEU A 42 6.38 13.44 9.80
N ALA A 43 6.48 12.15 10.13
CA ALA A 43 7.70 11.57 10.66
C ALA A 43 8.78 11.47 9.59
N ALA A 44 8.39 11.15 8.35
CA ALA A 44 9.33 11.02 7.23
C ALA A 44 10.00 12.36 6.89
N GLU A 45 9.23 13.44 7.01
CA GLU A 45 9.72 14.80 6.80
C GLU A 45 10.56 15.30 7.98
N ALA A 46 10.49 14.60 9.11
CA ALA A 46 11.35 14.88 10.26
C ALA A 46 12.53 13.91 10.31
N ASP A 47 12.79 13.22 9.15
CA ASP A 47 13.93 12.29 8.92
C ASP A 47 13.72 10.91 9.58
N GLN A 48 12.63 10.76 10.32
CA GLN A 48 12.35 9.54 11.07
C GLN A 48 11.61 8.52 10.22
N PRO A 49 11.95 7.22 10.34
CA PRO A 49 11.10 6.15 9.83
C PRO A 49 9.86 6.00 10.71
N PHE A 50 8.68 6.06 10.11
CA PHE A 50 7.44 5.91 10.86
C PHE A 50 7.18 4.43 11.10
N ALA A 51 6.79 4.10 12.32
CA ALA A 51 6.46 2.75 12.67
C ALA A 51 5.07 2.67 13.25
N SER A 52 4.23 1.84 12.66
CA SER A 52 2.91 1.56 13.20
C SER A 52 2.50 0.14 12.90
N GLU A 53 1.85 -0.50 13.87
CA GLU A 53 1.37 -1.86 13.71
C GLU A 53 -0.15 -1.88 13.51
N ASP A 54 -0.75 -0.69 13.34
CA ASP A 54 -2.17 -0.57 13.02
C ASP A 54 -2.33 -0.68 11.51
N TRP A 55 -3.57 -0.87 11.04
CA TRP A 55 -3.83 -1.09 9.62
C TRP A 55 -3.51 0.18 8.79
N VAL A 56 -3.17 0.00 7.53
CA VAL A 56 -2.97 1.11 6.61
C VAL A 56 -3.62 0.83 5.23
N LEU A 57 -3.80 -0.45 4.91
CA LEU A 57 -4.19 -0.85 3.57
C LEU A 57 -5.38 -1.81 3.65
N ALA A 58 -6.45 -1.49 2.95
CA ALA A 58 -7.60 -2.39 2.85
C ALA A 58 -7.97 -2.62 1.41
N VAL A 59 -7.67 -3.80 0.90
CA VAL A 59 -8.06 -4.14 -0.46
C VAL A 59 -9.28 -5.06 -0.43
N GLU A 60 -10.43 -4.49 -0.80
CA GLU A 60 -11.65 -5.26 -0.88
C GLU A 60 -11.94 -5.59 -2.34
N SER A 61 -12.25 -6.85 -2.57
CA SER A 61 -12.63 -7.34 -3.87
C SER A 61 -13.80 -8.28 -3.75
N LEU A 62 -14.79 -8.12 -4.61
CA LEU A 62 -15.86 -9.10 -4.71
C LEU A 62 -15.39 -10.30 -5.53
N ASP A 63 -15.24 -11.43 -4.86
CA ASP A 63 -14.82 -12.64 -5.52
C ASP A 63 -16.04 -13.54 -5.68
N GLY A 64 -16.62 -13.49 -6.87
CA GLY A 64 -17.91 -14.09 -7.09
C GLY A 64 -19.00 -13.17 -6.62
N ARG A 65 -19.38 -13.32 -5.35
CA ARG A 65 -20.37 -12.45 -4.71
C ARG A 65 -19.90 -11.98 -3.32
N THR A 66 -18.76 -12.51 -2.84
CA THR A 66 -18.32 -12.22 -1.47
C THR A 66 -17.31 -11.07 -1.44
N ARG A 67 -17.37 -10.27 -0.39
CA ARG A 67 -16.43 -9.17 -0.20
C ARG A 67 -15.22 -9.66 0.57
N ARG A 68 -14.16 -9.91 -0.16
CA ARG A 68 -12.93 -10.40 0.42
C ARG A 68 -11.98 -9.22 0.62
N GLU A 69 -11.68 -8.95 1.89
CA GLU A 69 -10.85 -7.82 2.27
C GLU A 69 -9.58 -8.29 2.96
N TRP A 70 -8.45 -7.74 2.52
CA TRP A 70 -7.19 -7.96 3.20
C TRP A 70 -6.75 -6.64 3.81
N ARG A 71 -6.51 -6.63 5.12
CA ARG A 71 -6.01 -5.43 5.77
C ARG A 71 -4.64 -5.67 6.35
N PHE A 72 -3.72 -4.83 5.94
CA PHE A 72 -2.32 -4.94 6.31
C PHE A 72 -1.94 -3.83 7.25
N SER A 73 -0.98 -4.12 8.11
CA SER A 73 -0.44 -3.13 9.02
C SER A 73 0.55 -2.23 8.29
N TYR A 74 0.86 -1.10 8.91
CA TYR A 74 1.70 -0.09 8.31
C TYR A 74 3.12 -0.58 8.09
N ASN A 75 3.67 -1.34 9.06
CA ASN A 75 5.03 -1.83 8.95
C ASN A 75 5.16 -3.00 8.00
N ALA A 76 4.04 -3.65 7.69
CA ALA A 76 4.00 -4.66 6.64
C ALA A 76 4.17 -4.02 5.25
N VAL A 77 3.66 -2.78 5.12
CA VAL A 77 3.85 -1.94 3.93
C VAL A 77 5.28 -1.34 3.91
N MET A 78 5.88 -1.14 5.09
CA MET A 78 7.27 -0.68 5.21
C MET A 78 8.25 -1.73 4.71
N GLU A 79 8.01 -2.99 5.06
CA GLU A 79 8.89 -4.09 4.72
C GLU A 79 8.52 -4.75 3.38
N ALA A 80 7.57 -4.14 2.66
CA ALA A 80 7.18 -4.59 1.34
C ALA A 80 8.35 -4.52 0.37
N GLU A 81 8.63 -5.67 -0.26
CA GLU A 81 9.82 -5.84 -1.08
C GLU A 81 9.50 -5.52 -2.54
N PRO A 82 10.22 -4.55 -3.16
CA PRO A 82 10.01 -4.19 -4.57
C PRO A 82 10.48 -5.28 -5.51
N GLN A 83 9.54 -5.87 -6.23
CA GLN A 83 9.84 -6.95 -7.15
C GLN A 83 10.50 -6.40 -8.41
N ALA A 84 10.95 -7.32 -9.27
CA ALA A 84 11.65 -6.96 -10.52
C ALA A 84 10.68 -6.45 -11.60
N ASP A 85 9.38 -6.49 -11.30
CA ASP A 85 8.35 -5.89 -12.16
C ASP A 85 8.32 -4.36 -12.01
N GLY A 86 8.79 -3.87 -10.87
CA GLY A 86 8.90 -2.44 -10.62
C GLY A 86 7.62 -1.78 -10.13
N GLU A 87 6.47 -2.46 -10.25
CA GLU A 87 5.19 -1.95 -9.74
C GLU A 87 4.62 -2.93 -8.71
N SER A 88 5.24 -4.12 -8.65
CA SER A 88 4.76 -5.21 -7.84
C SER A 88 5.54 -5.28 -6.53
N TRP A 89 4.85 -5.72 -5.47
CA TRP A 89 5.42 -5.76 -4.12
C TRP A 89 5.14 -7.11 -3.49
N ARG A 90 6.09 -7.61 -2.73
CA ARG A 90 5.88 -8.79 -1.93
C ARG A 90 5.55 -8.36 -0.51
N LEU A 91 4.28 -8.52 -0.17
CA LEU A 91 3.82 -8.18 1.16
C LEU A 91 3.93 -9.41 2.04
N THR A 92 4.98 -9.45 2.84
CA THR A 92 5.21 -10.56 3.73
C THR A 92 4.56 -10.28 5.07
N THR A 93 3.79 -11.25 5.50
CA THR A 93 3.06 -11.19 6.76
C THR A 93 3.34 -12.46 7.55
N GLY A 94 2.76 -12.57 8.75
CA GLY A 94 2.78 -13.84 9.48
C GLY A 94 1.75 -14.81 8.93
N GLU A 95 0.87 -14.29 8.09
CA GLU A 95 -0.11 -15.08 7.37
C GLU A 95 0.54 -15.76 6.18
N GLY A 96 1.34 -15.00 5.42
CA GLY A 96 2.08 -15.55 4.31
C GLY A 96 2.68 -14.46 3.43
N ALA A 97 2.19 -14.37 2.21
CA ALA A 97 2.73 -13.49 1.17
C ALA A 97 1.62 -13.08 0.21
N TYR A 98 1.62 -11.79 -0.14
CA TYR A 98 0.57 -11.20 -0.97
C TYR A 98 1.20 -10.22 -1.97
N GLN A 99 0.98 -10.42 -3.25
CA GLN A 99 1.57 -9.55 -4.26
C GLN A 99 0.73 -8.29 -4.46
N LEU A 100 1.16 -7.16 -3.93
CA LEU A 100 0.44 -5.92 -4.15
C LEU A 100 1.03 -5.21 -5.36
N ARG A 101 0.27 -5.15 -6.43
CA ARG A 101 0.74 -4.53 -7.64
C ARG A 101 -0.09 -3.29 -7.95
N CYS A 102 0.60 -2.15 -7.92
CA CYS A 102 -0.04 -0.85 -8.10
C CYS A 102 -0.19 -0.55 -9.57
N LEU A 103 -1.39 -0.14 -9.95
CA LEU A 103 -1.74 0.17 -11.34
C LEU A 103 -2.60 1.44 -11.38
N GLY A 104 -2.43 2.24 -12.43
CA GLY A 104 -3.32 3.39 -12.64
C GLY A 104 -2.93 4.63 -11.83
N ALA A 105 -3.53 5.76 -12.19
CA ALA A 105 -3.23 7.03 -11.55
C ALA A 105 -4.47 7.91 -11.48
N VAL A 106 -5.26 7.72 -10.44
CA VAL A 106 -6.42 8.58 -10.16
C VAL A 106 -6.28 9.24 -8.77
N SER A 107 -5.38 8.64 -7.98
CA SER A 107 -5.14 8.99 -6.57
C SER A 107 -6.37 8.72 -5.68
N ALA A 108 -6.38 7.56 -5.04
CA ALA A 108 -7.55 7.12 -4.30
C ALA A 108 -7.27 7.07 -2.81
N SER A 109 -8.29 7.43 -2.03
CA SER A 109 -8.22 7.41 -0.56
C SER A 109 -9.25 6.41 0.01
N GLY A 110 -9.39 6.37 1.34
CA GLY A 110 -10.33 5.45 1.94
C GLY A 110 -10.83 5.87 3.30
N GLU A 111 -10.87 4.90 4.21
CA GLU A 111 -11.44 5.01 5.57
C GLU A 111 -12.96 5.22 5.56
N ASP A 112 -13.65 4.51 4.67
CA ASP A 112 -15.09 4.35 4.76
C ASP A 112 -15.37 3.15 5.64
N GLU A 113 -15.50 3.45 6.93
CA GLU A 113 -15.46 2.44 7.98
C GLU A 113 -16.88 2.07 8.40
N GLY A 1 18.15 -8.62 -6.26
CA GLY A 1 17.17 -9.06 -5.24
C GLY A 1 16.19 -7.97 -4.88
N SER A 2 15.49 -8.15 -3.78
CA SER A 2 14.43 -7.22 -3.38
C SER A 2 14.85 -6.35 -2.19
N HIS A 3 16.14 -6.06 -2.10
CA HIS A 3 16.65 -5.12 -1.11
C HIS A 3 17.19 -3.86 -1.82
N MET A 4 17.03 -3.83 -3.15
CA MET A 4 17.32 -2.62 -3.91
C MET A 4 16.21 -1.61 -3.66
N THR A 5 16.61 -0.44 -3.17
CA THR A 5 15.66 0.56 -2.73
C THR A 5 14.90 1.14 -3.91
N THR A 6 15.66 1.79 -4.85
CA THR A 6 15.12 2.36 -6.11
C THR A 6 14.11 3.49 -5.80
N GLN A 7 14.29 4.11 -4.62
CA GLN A 7 13.29 4.98 -3.97
C GLN A 7 11.96 4.22 -3.89
N ARG A 8 10.88 4.74 -4.55
CA ARG A 8 9.63 4.04 -4.88
C ARG A 8 9.15 3.12 -3.78
N TYR A 9 8.75 3.74 -2.70
CA TYR A 9 8.21 3.02 -1.57
C TYR A 9 6.80 2.63 -1.91
N LEU A 10 6.32 1.53 -1.35
CA LEU A 10 4.93 1.11 -1.56
C LEU A 10 3.95 2.16 -1.02
N LEU A 11 4.40 2.91 0.01
CA LEU A 11 3.66 4.05 0.54
C LEU A 11 3.54 5.19 -0.50
N ASP A 12 4.60 5.38 -1.29
CA ASP A 12 4.61 6.38 -2.37
C ASP A 12 3.77 5.89 -3.56
N GLU A 13 3.75 4.57 -3.78
CA GLU A 13 3.01 3.94 -4.89
C GLU A 13 1.49 4.07 -4.71
N LEU A 14 1.01 3.90 -3.47
CA LEU A 14 -0.44 3.90 -3.18
C LEU A 14 -1.02 5.33 -3.22
N GLU A 15 -0.14 6.32 -3.04
CA GLU A 15 -0.50 7.73 -3.14
C GLU A 15 -0.78 8.15 -4.57
N THR A 16 -0.23 7.40 -5.50
CA THR A 16 -0.39 7.67 -6.90
C THR A 16 -0.98 6.47 -7.63
N ALA A 17 -1.77 5.66 -6.93
CA ALA A 17 -2.39 4.47 -7.53
C ALA A 17 -3.90 4.65 -7.69
N ASP A 18 -4.42 4.12 -8.79
CA ASP A 18 -5.85 4.08 -9.05
C ASP A 18 -6.43 2.70 -8.71
N MET A 19 -5.74 1.67 -9.15
CA MET A 19 -6.17 0.29 -8.93
C MET A 19 -5.04 -0.47 -8.25
N LEU A 20 -5.36 -1.15 -7.16
CA LEU A 20 -4.36 -1.94 -6.48
C LEU A 20 -4.72 -3.41 -6.58
N GLU A 21 -3.78 -4.18 -7.10
CA GLU A 21 -4.00 -5.57 -7.41
C GLU A 21 -3.41 -6.49 -6.34
N ILE A 22 -4.00 -7.69 -6.16
CA ILE A 22 -3.45 -8.75 -5.34
C ILE A 22 -3.31 -10.04 -6.18
N ASP A 23 -2.09 -10.25 -6.71
CA ASP A 23 -1.67 -11.45 -7.46
C ASP A 23 -2.65 -11.83 -8.58
N GLY A 24 -2.76 -10.94 -9.56
CA GLY A 24 -3.64 -11.16 -10.71
C GLY A 24 -5.11 -10.80 -10.47
N LEU A 25 -5.52 -10.80 -9.22
CA LEU A 25 -6.88 -10.53 -8.81
C LEU A 25 -6.94 -9.13 -8.23
N HIS A 26 -7.52 -8.18 -8.95
CA HIS A 26 -7.56 -6.82 -8.45
C HIS A 26 -8.65 -6.65 -7.41
N ALA A 27 -8.35 -5.84 -6.40
CA ALA A 27 -9.35 -5.48 -5.42
C ALA A 27 -10.18 -4.33 -5.98
N TRP A 28 -11.51 -4.41 -5.87
CA TRP A 28 -12.39 -3.41 -6.48
C TRP A 28 -12.33 -2.08 -5.70
N ARG A 29 -12.01 -2.17 -4.42
CA ARG A 29 -11.95 -1.02 -3.55
C ARG A 29 -10.75 -1.14 -2.64
N PHE A 30 -10.08 -0.02 -2.40
CA PHE A 30 -8.99 0.03 -1.45
C PHE A 30 -9.05 1.33 -0.68
N GLU A 31 -8.68 1.28 0.58
CA GLU A 31 -8.72 2.44 1.44
C GLU A 31 -7.37 2.63 2.11
N LEU A 32 -6.98 3.88 2.18
CA LEU A 32 -5.73 4.25 2.84
C LEU A 32 -6.06 4.81 4.21
N ASN A 33 -5.27 4.46 5.22
CA ASN A 33 -5.42 5.07 6.54
C ASN A 33 -4.74 6.43 6.51
N GLU A 34 -5.51 7.45 6.15
CA GLU A 34 -4.98 8.80 5.88
C GLU A 34 -4.64 9.53 7.16
N ASN A 35 -5.24 9.11 8.25
CA ASN A 35 -4.94 9.63 9.57
C ASN A 35 -3.55 9.17 10.01
N LEU A 36 -3.23 7.90 9.72
CA LEU A 36 -1.92 7.33 10.02
C LEU A 36 -0.86 7.82 9.01
N LEU A 37 -1.30 8.17 7.80
CA LEU A 37 -0.40 8.65 6.74
C LEU A 37 -0.13 10.14 6.88
N ASP A 38 -0.97 10.80 7.65
CA ASP A 38 -0.75 12.18 8.04
C ASP A 38 0.40 12.26 9.03
N GLN A 39 0.49 11.21 9.86
CA GLN A 39 1.55 11.06 10.85
C GLN A 39 2.80 10.44 10.22
N ALA A 40 2.62 9.64 9.18
CA ALA A 40 3.73 9.04 8.44
C ALA A 40 4.52 10.10 7.69
N ASP A 41 3.77 11.07 7.17
CA ASP A 41 4.35 12.21 6.47
C ASP A 41 4.95 13.19 7.47
N LEU A 42 4.30 13.34 8.64
CA LEU A 42 4.76 14.19 9.76
C LEU A 42 6.14 13.75 10.24
N ALA A 43 6.30 12.43 10.40
CA ALA A 43 7.55 11.83 10.83
C ALA A 43 8.63 12.03 9.78
N ALA A 44 8.28 11.85 8.51
CA ALA A 44 9.23 11.98 7.40
C ALA A 44 9.71 13.44 7.21
N GLU A 45 8.84 14.40 7.55
CA GLU A 45 9.19 15.82 7.58
C GLU A 45 10.14 16.13 8.74
N ALA A 46 9.98 15.38 9.84
CA ALA A 46 10.83 15.53 11.02
C ALA A 46 12.06 14.62 10.97
N ASP A 47 12.30 13.98 9.79
CA ASP A 47 13.50 13.15 9.52
C ASP A 47 13.49 11.84 10.37
N GLN A 48 12.30 11.42 10.76
CA GLN A 48 12.10 10.26 11.61
C GLN A 48 11.52 9.10 10.80
N PRO A 49 11.99 7.85 11.00
CA PRO A 49 11.39 6.68 10.35
C PRO A 49 10.07 6.28 11.02
N PHE A 50 9.01 6.20 10.26
CA PHE A 50 7.71 5.87 10.81
C PHE A 50 7.46 4.38 10.67
N ALA A 51 6.96 3.79 11.75
CA ALA A 51 6.61 2.38 11.77
C ALA A 51 5.40 2.18 12.66
N SER A 52 4.39 1.46 12.17
CA SER A 52 3.17 1.23 12.92
C SER A 52 2.59 -0.14 12.64
N GLU A 53 2.23 -0.85 13.69
CA GLU A 53 1.56 -2.15 13.58
C GLU A 53 0.05 -2.00 13.34
N ASP A 54 -0.43 -0.75 13.30
CA ASP A 54 -1.81 -0.44 12.92
C ASP A 54 -1.97 -0.61 11.40
N TRP A 55 -3.21 -0.70 10.94
CA TRP A 55 -3.52 -0.94 9.55
C TRP A 55 -3.21 0.30 8.69
N VAL A 56 -2.89 0.09 7.42
CA VAL A 56 -2.73 1.18 6.48
C VAL A 56 -3.51 0.90 5.18
N LEU A 57 -3.72 -0.38 4.88
CA LEU A 57 -4.36 -0.77 3.65
C LEU A 57 -5.52 -1.70 3.92
N ALA A 58 -6.66 -1.38 3.34
CA ALA A 58 -7.80 -2.27 3.36
C ALA A 58 -8.35 -2.43 1.95
N VAL A 59 -7.98 -3.55 1.36
CA VAL A 59 -8.37 -3.90 0.01
C VAL A 59 -9.46 -4.93 0.08
N GLU A 60 -10.57 -4.69 -0.59
CA GLU A 60 -11.65 -5.66 -0.62
C GLU A 60 -11.98 -6.07 -2.04
N SER A 61 -12.34 -7.33 -2.20
CA SER A 61 -12.69 -7.90 -3.48
C SER A 61 -13.87 -8.86 -3.30
N LEU A 62 -14.98 -8.58 -3.95
CA LEU A 62 -16.08 -9.51 -3.93
C LEU A 62 -15.94 -10.50 -5.07
N ASP A 63 -15.57 -11.73 -4.72
CA ASP A 63 -15.37 -12.79 -5.69
C ASP A 63 -16.55 -13.74 -5.60
N GLY A 64 -17.40 -13.69 -6.61
CA GLY A 64 -18.67 -14.38 -6.55
C GLY A 64 -19.65 -13.58 -5.70
N ARG A 65 -19.71 -13.93 -4.43
CA ARG A 65 -20.48 -13.18 -3.45
C ARG A 65 -19.65 -12.87 -2.21
N THR A 66 -18.52 -13.57 -2.05
CA THR A 66 -17.73 -13.46 -0.84
C THR A 66 -16.91 -12.17 -0.84
N ARG A 67 -16.90 -11.49 0.28
CA ARG A 67 -16.13 -10.27 0.42
C ARG A 67 -14.79 -10.60 1.06
N ARG A 68 -13.76 -10.58 0.25
CA ARG A 68 -12.43 -10.84 0.73
C ARG A 68 -11.77 -9.51 1.09
N GLU A 69 -11.52 -9.28 2.35
CA GLU A 69 -10.84 -8.08 2.77
C GLU A 69 -9.48 -8.44 3.34
N TRP A 70 -8.46 -7.81 2.80
CA TRP A 70 -7.15 -7.92 3.33
C TRP A 70 -6.77 -6.61 3.99
N ARG A 71 -6.42 -6.67 5.26
CA ARG A 71 -5.94 -5.50 5.96
C ARG A 71 -4.47 -5.68 6.26
N PHE A 72 -3.67 -4.80 5.70
CA PHE A 72 -2.24 -4.87 5.83
C PHE A 72 -1.77 -3.81 6.81
N SER A 73 -0.82 -4.17 7.67
CA SER A 73 -0.22 -3.24 8.61
C SER A 73 0.71 -2.27 7.87
N TYR A 74 0.94 -1.11 8.48
CA TYR A 74 1.88 -0.13 7.96
C TYR A 74 3.32 -0.68 7.97
N ASN A 75 3.60 -1.46 9.02
CA ASN A 75 4.89 -2.11 9.22
C ASN A 75 5.14 -3.18 8.14
N ALA A 76 4.05 -3.78 7.66
CA ALA A 76 4.09 -4.79 6.59
C ALA A 76 4.31 -4.13 5.20
N VAL A 77 3.92 -2.86 5.08
CA VAL A 77 4.11 -2.06 3.87
C VAL A 77 5.55 -1.48 3.83
N MET A 78 6.14 -1.31 4.99
CA MET A 78 7.53 -0.86 5.11
C MET A 78 8.52 -1.96 4.70
N GLU A 79 8.15 -3.22 4.98
CA GLU A 79 8.98 -4.36 4.62
C GLU A 79 8.62 -4.94 3.23
N ALA A 80 7.69 -4.29 2.52
CA ALA A 80 7.24 -4.75 1.20
C ALA A 80 8.37 -4.76 0.19
N GLU A 81 8.70 -5.96 -0.26
CA GLU A 81 9.91 -6.19 -1.05
C GLU A 81 9.67 -5.92 -2.54
N PRO A 82 10.48 -5.02 -3.16
CA PRO A 82 10.41 -4.74 -4.61
C PRO A 82 10.75 -5.94 -5.48
N GLN A 83 9.78 -6.39 -6.26
CA GLN A 83 9.99 -7.50 -7.18
C GLN A 83 10.78 -7.01 -8.40
N ALA A 84 11.23 -7.95 -9.21
CA ALA A 84 11.94 -7.64 -10.46
C ALA A 84 10.98 -7.13 -11.56
N ASP A 85 9.69 -7.22 -11.25
CA ASP A 85 8.63 -6.64 -12.07
C ASP A 85 8.58 -5.11 -11.90
N GLY A 86 9.06 -4.64 -10.74
CA GLY A 86 9.16 -3.22 -10.43
C GLY A 86 7.86 -2.54 -10.01
N GLU A 87 6.71 -3.14 -10.31
CA GLU A 87 5.40 -2.60 -9.92
C GLU A 87 4.74 -3.49 -8.91
N SER A 88 5.24 -4.72 -8.81
CA SER A 88 4.72 -5.69 -7.87
C SER A 88 5.54 -5.69 -6.60
N TRP A 89 4.85 -5.88 -5.48
CA TRP A 89 5.44 -5.80 -4.16
C TRP A 89 5.06 -7.03 -3.36
N ARG A 90 6.04 -7.67 -2.76
CA ARG A 90 5.77 -8.83 -1.93
C ARG A 90 5.39 -8.36 -0.55
N LEU A 91 4.10 -8.45 -0.26
CA LEU A 91 3.59 -8.07 1.03
C LEU A 91 3.55 -9.31 1.90
N THR A 92 4.55 -9.45 2.74
CA THR A 92 4.60 -10.54 3.67
C THR A 92 3.79 -10.23 4.90
N THR A 93 2.99 -11.20 5.29
CA THR A 93 2.08 -11.07 6.40
C THR A 93 2.21 -12.28 7.31
N GLY A 94 1.41 -12.32 8.36
CA GLY A 94 1.32 -13.50 9.21
C GLY A 94 0.51 -14.60 8.53
N GLU A 95 -0.21 -14.24 7.47
CA GLU A 95 -0.96 -15.19 6.67
C GLU A 95 -0.07 -15.83 5.59
N GLY A 96 0.77 -15.02 4.96
CA GLY A 96 1.66 -15.53 3.93
C GLY A 96 2.39 -14.42 3.18
N ALA A 97 2.10 -14.32 1.87
CA ALA A 97 2.77 -13.36 0.99
C ALA A 97 1.89 -13.04 -0.22
N TYR A 98 1.58 -11.76 -0.37
CA TYR A 98 0.69 -11.27 -1.42
C TYR A 98 1.47 -10.50 -2.47
N GLN A 99 0.86 -10.28 -3.61
CA GLN A 99 1.45 -9.44 -4.63
C GLN A 99 0.64 -8.17 -4.78
N LEU A 100 1.14 -7.07 -4.25
CA LEU A 100 0.49 -5.78 -4.42
C LEU A 100 1.06 -5.08 -5.62
N ARG A 101 0.25 -4.85 -6.62
CA ARG A 101 0.72 -4.19 -7.81
C ARG A 101 -0.06 -2.90 -8.06
N CYS A 102 0.69 -1.81 -8.10
CA CYS A 102 0.16 -0.46 -8.24
C CYS A 102 -0.10 -0.13 -9.71
N LEU A 103 -1.38 0.08 -10.03
CA LEU A 103 -1.81 0.33 -11.40
C LEU A 103 -2.49 1.69 -11.49
N GLY A 104 -2.11 2.48 -12.49
CA GLY A 104 -2.76 3.76 -12.72
C GLY A 104 -2.18 4.90 -11.90
N ALA A 105 -2.85 6.06 -11.95
CA ALA A 105 -2.42 7.25 -11.23
C ALA A 105 -3.61 8.12 -10.83
N VAL A 106 -3.86 8.23 -9.51
CA VAL A 106 -4.88 9.07 -8.95
C VAL A 106 -4.71 8.99 -7.42
N SER A 107 -5.55 9.74 -6.70
CA SER A 107 -5.72 9.66 -5.24
C SER A 107 -4.61 10.38 -4.48
N ALA A 108 -4.82 10.51 -3.17
CA ALA A 108 -3.83 10.97 -2.22
C ALA A 108 -4.39 10.78 -0.81
N SER A 109 -3.55 10.89 0.22
CA SER A 109 -4.03 10.84 1.59
C SER A 109 -3.79 12.16 2.32
N GLY A 110 -4.73 12.50 3.18
CA GLY A 110 -4.59 13.67 4.02
C GLY A 110 -5.84 13.92 4.82
N GLU A 111 -5.71 13.90 6.15
CA GLU A 111 -6.85 14.06 7.03
C GLU A 111 -6.67 15.22 8.00
N ASP A 112 -5.47 15.31 8.61
CA ASP A 112 -5.13 16.27 9.69
C ASP A 112 -6.00 16.03 10.92
N GLU A 113 -5.42 15.35 11.91
CA GLU A 113 -6.12 15.02 13.15
C GLU A 113 -6.42 16.27 13.98
N GLY A 1 19.46 5.00 -1.61
CA GLY A 1 20.15 4.06 -2.51
C GLY A 1 21.04 4.77 -3.51
N SER A 2 21.40 4.06 -4.56
CA SER A 2 22.32 4.58 -5.56
C SER A 2 21.59 5.48 -6.56
N HIS A 3 21.83 6.81 -6.41
CA HIS A 3 21.25 7.87 -7.26
C HIS A 3 19.73 8.04 -7.04
N MET A 4 19.25 7.56 -5.90
CA MET A 4 17.83 7.57 -5.57
C MET A 4 17.63 7.80 -4.07
N THR A 5 16.90 8.85 -3.74
CA THR A 5 16.52 9.13 -2.36
C THR A 5 15.17 8.52 -2.05
N THR A 6 14.24 8.73 -2.96
CA THR A 6 12.97 8.04 -2.93
C THR A 6 13.20 6.63 -3.45
N GLN A 7 13.23 5.68 -2.52
CA GLN A 7 13.41 4.28 -2.85
C GLN A 7 12.20 3.68 -3.53
N ARG A 8 11.03 4.27 -3.24
CA ARG A 8 9.71 3.75 -3.58
C ARG A 8 9.47 2.49 -2.79
N TYR A 9 8.71 2.67 -1.76
CA TYR A 9 8.17 1.56 -1.01
C TYR A 9 6.76 1.33 -1.49
N LEU A 10 6.06 0.38 -0.92
CA LEU A 10 4.66 0.19 -1.24
C LEU A 10 3.84 1.40 -0.76
N LEU A 11 4.34 2.08 0.28
CA LEU A 11 3.78 3.34 0.76
C LEU A 11 3.72 4.40 -0.34
N ASP A 12 4.83 4.57 -1.06
CA ASP A 12 4.93 5.56 -2.14
C ASP A 12 4.02 5.23 -3.31
N GLU A 13 3.77 3.93 -3.50
CA GLU A 13 3.02 3.44 -4.65
C GLU A 13 1.51 3.39 -4.38
N LEU A 14 1.09 3.20 -3.12
CA LEU A 14 -0.33 3.25 -2.77
C LEU A 14 -0.82 4.69 -2.68
N GLU A 15 0.12 5.62 -2.51
CA GLU A 15 -0.14 7.07 -2.57
C GLU A 15 -0.57 7.54 -3.96
N THR A 16 -0.23 6.76 -4.99
CA THR A 16 -0.60 7.09 -6.35
C THR A 16 -1.37 5.96 -7.04
N ALA A 17 -1.69 4.89 -6.32
CA ALA A 17 -2.39 3.73 -6.92
C ALA A 17 -3.83 4.07 -7.28
N ASP A 18 -4.09 4.27 -8.56
CA ASP A 18 -5.45 4.51 -9.05
C ASP A 18 -6.23 3.20 -9.00
N MET A 19 -5.57 2.15 -9.46
CA MET A 19 -6.04 0.78 -9.34
C MET A 19 -5.00 -0.01 -8.56
N LEU A 20 -5.45 -0.90 -7.70
CA LEU A 20 -4.56 -1.77 -6.96
C LEU A 20 -4.97 -3.21 -7.20
N GLU A 21 -3.97 -4.06 -7.36
CA GLU A 21 -4.19 -5.46 -7.66
C GLU A 21 -3.54 -6.30 -6.57
N ILE A 22 -4.12 -7.46 -6.27
CA ILE A 22 -3.55 -8.34 -5.27
C ILE A 22 -3.56 -9.80 -5.76
N ASP A 23 -2.34 -10.32 -6.04
CA ASP A 23 -2.07 -11.71 -6.43
C ASP A 23 -2.80 -12.09 -7.75
N GLY A 24 -2.81 -11.13 -8.70
CA GLY A 24 -3.45 -11.36 -10.00
C GLY A 24 -4.94 -11.07 -10.00
N LEU A 25 -5.47 -10.59 -8.88
CA LEU A 25 -6.89 -10.34 -8.70
C LEU A 25 -7.06 -8.87 -8.34
N HIS A 26 -7.71 -8.09 -9.21
CA HIS A 26 -7.86 -6.65 -8.97
C HIS A 26 -8.82 -6.36 -7.81
N ALA A 27 -8.55 -5.31 -7.06
CA ALA A 27 -9.44 -4.85 -6.00
C ALA A 27 -10.61 -4.09 -6.61
N TRP A 28 -11.74 -4.06 -5.90
CA TRP A 28 -12.86 -3.24 -6.34
C TRP A 28 -12.82 -1.91 -5.57
N ARG A 29 -12.29 -1.95 -4.34
CA ARG A 29 -11.98 -0.75 -3.58
C ARG A 29 -10.79 -1.03 -2.65
N PHE A 30 -10.11 0.01 -2.23
CA PHE A 30 -9.11 -0.10 -1.18
C PHE A 30 -9.08 1.19 -0.37
N GLU A 31 -8.75 1.07 0.89
CA GLU A 31 -8.76 2.19 1.82
C GLU A 31 -7.42 2.36 2.47
N LEU A 32 -6.99 3.59 2.64
CA LEU A 32 -5.78 3.86 3.36
C LEU A 32 -6.12 4.44 4.72
N ASN A 33 -5.24 4.24 5.70
CA ASN A 33 -5.35 4.91 6.98
C ASN A 33 -4.85 6.32 6.80
N GLU A 34 -5.80 7.21 6.52
CA GLU A 34 -5.53 8.56 6.07
C GLU A 34 -4.87 9.37 7.16
N ASN A 35 -5.38 9.22 8.39
CA ASN A 35 -4.86 9.85 9.58
C ASN A 35 -3.40 9.42 9.88
N LEU A 36 -3.10 8.14 9.66
CA LEU A 36 -1.77 7.60 9.93
C LEU A 36 -0.76 8.07 8.88
N LEU A 37 -1.25 8.42 7.70
CA LEU A 37 -0.42 8.91 6.61
C LEU A 37 -0.14 10.39 6.74
N ASP A 38 -1.00 11.10 7.49
CA ASP A 38 -0.70 12.47 7.90
C ASP A 38 0.43 12.46 8.92
N GLN A 39 0.45 11.44 9.78
CA GLN A 39 1.47 11.28 10.83
C GLN A 39 2.79 10.75 10.25
N ALA A 40 2.68 9.98 9.16
CA ALA A 40 3.83 9.45 8.45
C ALA A 40 4.59 10.53 7.70
N ASP A 41 3.81 11.44 7.11
CA ASP A 41 4.36 12.59 6.40
C ASP A 41 4.89 13.64 7.38
N LEU A 42 4.22 13.75 8.54
CA LEU A 42 4.62 14.64 9.64
C LEU A 42 5.97 14.23 10.22
N ALA A 43 6.15 12.91 10.39
CA ALA A 43 7.39 12.33 10.87
C ALA A 43 8.50 12.51 9.85
N ALA A 44 8.17 12.35 8.57
CA ALA A 44 9.14 12.51 7.48
C ALA A 44 9.63 13.96 7.35
N GLU A 45 8.76 14.92 7.65
CA GLU A 45 9.11 16.34 7.71
C GLU A 45 9.99 16.67 8.92
N ALA A 46 9.90 15.84 9.96
CA ALA A 46 10.70 16.01 11.18
C ALA A 46 11.98 15.16 11.14
N ASP A 47 12.28 14.58 9.95
CA ASP A 47 13.48 13.75 9.69
C ASP A 47 13.46 12.46 10.53
N GLN A 48 12.27 11.92 10.69
CA GLN A 48 12.07 10.70 11.44
C GLN A 48 11.52 9.63 10.50
N PRO A 49 12.04 8.39 10.55
CA PRO A 49 11.40 7.27 9.87
C PRO A 49 10.16 6.82 10.64
N PHE A 50 9.02 6.80 9.97
CA PHE A 50 7.78 6.45 10.63
C PHE A 50 7.60 4.94 10.57
N ALA A 51 7.31 4.36 11.72
CA ALA A 51 7.00 2.95 11.81
C ALA A 51 5.79 2.74 12.71
N SER A 52 4.76 2.12 12.16
CA SER A 52 3.56 1.84 12.92
C SER A 52 3.07 0.43 12.63
N GLU A 53 2.59 -0.27 13.66
CA GLU A 53 2.02 -1.60 13.47
C GLU A 53 0.49 -1.52 13.32
N ASP A 54 -0.03 -0.29 13.18
CA ASP A 54 -1.44 -0.07 12.91
C ASP A 54 -1.72 -0.34 11.44
N TRP A 55 -3.00 -0.55 11.09
CA TRP A 55 -3.39 -0.81 9.71
C TRP A 55 -3.10 0.42 8.83
N VAL A 56 -2.84 0.20 7.56
CA VAL A 56 -2.65 1.30 6.63
C VAL A 56 -3.40 1.07 5.33
N LEU A 57 -3.78 -0.18 5.06
CA LEU A 57 -4.36 -0.52 3.78
C LEU A 57 -5.32 -1.69 3.90
N ALA A 58 -6.58 -1.39 3.65
CA ALA A 58 -7.63 -2.38 3.57
C ALA A 58 -7.98 -2.61 2.12
N VAL A 59 -7.55 -3.74 1.59
CA VAL A 59 -7.70 -4.06 0.16
C VAL A 59 -8.90 -4.96 0.00
N GLU A 60 -9.96 -4.46 -0.56
CA GLU A 60 -11.18 -5.23 -0.68
C GLU A 60 -11.47 -5.60 -2.12
N SER A 61 -11.66 -6.88 -2.33
CA SER A 61 -11.97 -7.44 -3.62
C SER A 61 -13.18 -8.36 -3.49
N LEU A 62 -13.84 -8.61 -4.60
CA LEU A 62 -14.92 -9.59 -4.61
C LEU A 62 -14.50 -10.79 -5.45
N ASP A 63 -14.19 -11.90 -4.79
CA ASP A 63 -13.82 -13.11 -5.49
C ASP A 63 -15.04 -14.02 -5.64
N GLY A 64 -15.70 -13.88 -6.80
CA GLY A 64 -16.90 -14.63 -7.06
C GLY A 64 -18.07 -13.81 -6.62
N ARG A 65 -18.51 -14.11 -5.41
CA ARG A 65 -19.43 -13.27 -4.69
C ARG A 65 -19.01 -13.26 -3.21
N THR A 66 -17.74 -13.52 -3.01
CA THR A 66 -17.12 -13.50 -1.71
C THR A 66 -16.46 -12.15 -1.49
N ARG A 67 -16.78 -11.52 -0.37
CA ARG A 67 -16.20 -10.24 -0.03
C ARG A 67 -14.94 -10.47 0.80
N ARG A 68 -13.80 -10.21 0.19
CA ARG A 68 -12.51 -10.52 0.76
C ARG A 68 -11.70 -9.25 0.96
N GLU A 69 -11.33 -8.98 2.20
CA GLU A 69 -10.55 -7.80 2.49
C GLU A 69 -9.28 -8.20 3.24
N TRP A 70 -8.17 -7.72 2.75
CA TRP A 70 -6.89 -7.93 3.38
C TRP A 70 -6.43 -6.63 4.03
N ARG A 71 -6.19 -6.65 5.32
CA ARG A 71 -5.66 -5.48 5.99
C ARG A 71 -4.18 -5.65 6.25
N PHE A 72 -3.43 -4.73 5.69
CA PHE A 72 -2.00 -4.70 5.85
C PHE A 72 -1.61 -3.56 6.75
N SER A 73 -0.60 -3.78 7.57
CA SER A 73 -0.14 -2.79 8.51
C SER A 73 0.85 -1.87 7.82
N TYR A 74 1.16 -0.75 8.47
CA TYR A 74 2.13 0.20 7.97
C TYR A 74 3.52 -0.44 7.93
N ASN A 75 3.82 -1.28 8.91
CA ASN A 75 5.09 -2.01 8.95
C ASN A 75 5.21 -3.01 7.82
N ALA A 76 4.10 -3.64 7.43
CA ALA A 76 4.09 -4.63 6.35
C ALA A 76 4.31 -4.00 4.98
N VAL A 77 3.80 -2.78 4.76
CA VAL A 77 4.00 -2.08 3.49
C VAL A 77 5.39 -1.43 3.38
N MET A 78 6.05 -1.26 4.55
CA MET A 78 7.43 -0.77 4.59
C MET A 78 8.42 -1.89 4.23
N GLU A 79 8.12 -3.12 4.65
CA GLU A 79 8.99 -4.26 4.41
C GLU A 79 8.50 -5.12 3.24
N ALA A 80 7.39 -4.71 2.59
CA ALA A 80 6.83 -5.40 1.43
C ALA A 80 7.86 -5.49 0.32
N GLU A 81 8.07 -6.72 -0.13
CA GLU A 81 9.26 -7.08 -0.89
C GLU A 81 9.16 -6.56 -2.32
N PRO A 82 10.12 -5.70 -2.75
CA PRO A 82 10.15 -5.20 -4.12
C PRO A 82 10.34 -6.31 -5.13
N GLN A 83 9.36 -6.48 -5.99
CA GLN A 83 9.43 -7.49 -7.03
C GLN A 83 10.09 -6.90 -8.27
N ALA A 84 10.55 -7.77 -9.16
CA ALA A 84 11.29 -7.37 -10.37
C ALA A 84 10.39 -6.75 -11.44
N ASP A 85 9.06 -6.79 -11.18
CA ASP A 85 8.06 -6.15 -12.04
C ASP A 85 8.12 -4.62 -11.90
N GLY A 86 8.63 -4.14 -10.75
CA GLY A 86 8.79 -2.72 -10.51
C GLY A 86 7.54 -2.02 -10.02
N GLU A 87 6.40 -2.67 -10.16
CA GLU A 87 5.11 -2.15 -9.73
C GLU A 87 4.49 -3.10 -8.70
N SER A 88 5.03 -4.31 -8.63
CA SER A 88 4.52 -5.35 -7.73
C SER A 88 5.33 -5.43 -6.44
N TRP A 89 4.64 -5.80 -5.38
CA TRP A 89 5.22 -5.94 -4.03
C TRP A 89 4.70 -7.23 -3.43
N ARG A 90 5.49 -7.89 -2.63
CA ARG A 90 5.05 -9.12 -2.02
C ARG A 90 4.82 -8.93 -0.53
N LEU A 91 3.56 -9.02 -0.15
CA LEU A 91 3.18 -8.93 1.24
C LEU A 91 3.16 -10.31 1.81
N THR A 92 4.22 -10.68 2.48
CA THR A 92 4.30 -12.00 3.04
C THR A 92 3.94 -11.90 4.50
N THR A 93 2.78 -12.45 4.79
CA THR A 93 2.18 -12.36 6.09
C THR A 93 2.15 -13.75 6.72
N GLY A 94 1.47 -13.89 7.85
CA GLY A 94 1.27 -15.20 8.46
C GLY A 94 0.19 -16.01 7.75
N GLU A 95 -0.59 -15.33 6.90
CA GLU A 95 -1.67 -15.97 6.15
C GLU A 95 -1.25 -16.29 4.71
N GLY A 96 -0.03 -15.92 4.34
CA GLY A 96 0.50 -16.32 3.04
C GLY A 96 1.36 -15.25 2.40
N ALA A 97 1.09 -14.97 1.13
CA ALA A 97 1.87 -14.03 0.32
C ALA A 97 0.97 -13.40 -0.76
N TYR A 98 0.76 -12.10 -0.64
CA TYR A 98 -0.19 -11.37 -1.48
C TYR A 98 0.53 -10.30 -2.29
N GLN A 99 0.48 -10.42 -3.61
CA GLN A 99 1.23 -9.50 -4.47
C GLN A 99 0.43 -8.22 -4.77
N LEU A 100 0.82 -7.13 -4.13
CA LEU A 100 0.16 -5.86 -4.35
C LEU A 100 0.86 -5.09 -5.45
N ARG A 101 0.16 -4.96 -6.55
CA ARG A 101 0.67 -4.26 -7.70
C ARG A 101 -0.13 -2.99 -7.93
N CYS A 102 0.58 -1.87 -7.93
CA CYS A 102 -0.03 -0.58 -8.19
C CYS A 102 -0.15 -0.37 -9.70
N LEU A 103 -1.33 0.05 -10.10
CA LEU A 103 -1.65 0.26 -11.51
C LEU A 103 -2.26 1.64 -11.70
N GLY A 104 -1.44 2.57 -12.16
CA GLY A 104 -1.90 3.93 -12.33
C GLY A 104 -1.22 4.89 -11.38
N ALA A 105 -1.41 6.17 -11.61
CA ALA A 105 -0.71 7.22 -10.88
C ALA A 105 -1.66 8.37 -10.51
N VAL A 106 -2.94 8.05 -10.28
CA VAL A 106 -3.93 9.08 -9.97
C VAL A 106 -4.54 8.81 -8.60
N SER A 107 -4.00 9.44 -7.58
CA SER A 107 -4.64 9.45 -6.27
C SER A 107 -4.45 10.80 -5.60
N ALA A 108 -5.50 11.27 -4.96
CA ALA A 108 -5.48 12.55 -4.28
C ALA A 108 -5.91 12.41 -2.81
N SER A 109 -5.76 11.19 -2.28
CA SER A 109 -6.11 10.90 -0.90
C SER A 109 -5.03 11.39 0.08
N GLY A 110 -5.31 11.29 1.38
CA GLY A 110 -4.43 11.88 2.37
C GLY A 110 -4.57 13.38 2.42
N GLU A 111 -5.81 13.81 2.68
CA GLU A 111 -6.18 15.22 2.65
C GLU A 111 -5.75 15.90 3.96
N ASP A 112 -6.54 15.71 5.01
CA ASP A 112 -6.28 16.27 6.33
C ASP A 112 -7.10 15.47 7.34
N GLU A 113 -8.41 15.77 7.44
CA GLU A 113 -9.36 14.97 8.22
C GLU A 113 -10.77 15.45 7.90
N GLY A 1 22.53 16.54 -3.62
CA GLY A 1 22.73 15.32 -2.80
C GLY A 1 21.51 14.44 -2.76
N SER A 2 21.54 13.41 -1.92
CA SER A 2 20.44 12.45 -1.85
C SER A 2 19.51 12.73 -0.66
N HIS A 3 19.17 14.01 -0.46
CA HIS A 3 18.24 14.41 0.59
C HIS A 3 16.81 13.94 0.24
N MET A 4 16.45 14.09 -1.04
CA MET A 4 15.25 13.46 -1.58
C MET A 4 15.51 11.96 -1.67
N THR A 5 14.68 11.17 -0.99
CA THR A 5 14.85 9.73 -0.95
C THR A 5 14.54 9.10 -2.30
N THR A 6 13.31 9.38 -2.82
CA THR A 6 12.77 8.88 -4.11
C THR A 6 13.09 7.39 -4.34
N GLN A 7 12.93 6.63 -3.27
CA GLN A 7 13.26 5.21 -3.26
C GLN A 7 12.07 4.40 -3.76
N ARG A 8 10.86 4.98 -3.57
CA ARG A 8 9.59 4.36 -3.93
C ARG A 8 9.29 3.20 -3.02
N TYR A 9 8.48 3.48 -2.03
CA TYR A 9 7.96 2.48 -1.13
C TYR A 9 6.58 2.09 -1.59
N LEU A 10 6.01 1.02 -1.04
CA LEU A 10 4.61 0.72 -1.27
C LEU A 10 3.74 1.76 -0.56
N LEU A 11 4.27 2.30 0.54
CA LEU A 11 3.67 3.43 1.24
C LEU A 11 3.51 4.64 0.32
N ASP A 12 4.56 4.93 -0.46
CA ASP A 12 4.55 6.01 -1.43
C ASP A 12 3.58 5.73 -2.59
N GLU A 13 3.48 4.46 -2.97
CA GLU A 13 2.67 4.04 -4.10
C GLU A 13 1.17 4.06 -3.82
N LEU A 14 0.75 3.59 -2.63
CA LEU A 14 -0.68 3.46 -2.29
C LEU A 14 -1.37 4.82 -2.14
N GLU A 15 -0.57 5.87 -1.89
CA GLU A 15 -1.04 7.25 -1.78
C GLU A 15 -1.71 7.73 -3.05
N THR A 16 -1.11 7.41 -4.18
CA THR A 16 -1.58 7.90 -5.46
C THR A 16 -2.27 6.83 -6.29
N ALA A 17 -2.00 5.54 -5.98
CA ALA A 17 -2.53 4.39 -6.74
C ALA A 17 -4.04 4.39 -6.82
N ASP A 18 -4.55 4.17 -8.01
CA ASP A 18 -5.99 4.12 -8.25
C ASP A 18 -6.49 2.69 -8.11
N MET A 19 -5.87 1.80 -8.86
CA MET A 19 -6.21 0.39 -8.89
C MET A 19 -5.11 -0.41 -8.20
N LEU A 20 -5.50 -1.37 -7.39
CA LEU A 20 -4.54 -2.26 -6.77
C LEU A 20 -4.86 -3.69 -7.13
N GLU A 21 -3.83 -4.49 -7.33
CA GLU A 21 -3.99 -5.92 -7.51
C GLU A 21 -3.46 -6.63 -6.30
N ILE A 22 -3.96 -7.83 -6.04
CA ILE A 22 -3.40 -8.61 -4.96
C ILE A 22 -3.39 -10.13 -5.29
N ASP A 23 -2.23 -10.58 -5.79
CA ASP A 23 -1.95 -11.99 -6.16
C ASP A 23 -3.04 -12.57 -7.09
N GLY A 24 -3.19 -11.92 -8.24
CA GLY A 24 -4.16 -12.34 -9.23
C GLY A 24 -5.55 -11.72 -9.05
N LEU A 25 -5.89 -11.33 -7.82
CA LEU A 25 -7.16 -10.67 -7.52
C LEU A 25 -7.08 -9.18 -7.87
N HIS A 26 -8.23 -8.58 -8.13
CA HIS A 26 -8.27 -7.17 -8.50
C HIS A 26 -9.09 -6.38 -7.49
N ALA A 27 -8.42 -5.51 -6.76
CA ALA A 27 -9.11 -4.60 -5.84
C ALA A 27 -9.67 -3.43 -6.63
N TRP A 28 -11.00 -3.34 -6.63
CA TRP A 28 -11.71 -2.29 -7.36
C TRP A 28 -11.64 -0.97 -6.58
N ARG A 29 -11.46 -1.12 -5.27
CA ARG A 29 -11.30 -0.01 -4.37
C ARG A 29 -10.41 -0.46 -3.21
N PHE A 30 -9.96 0.50 -2.43
CA PHE A 30 -9.24 0.22 -1.20
C PHE A 30 -9.31 1.42 -0.27
N GLU A 31 -9.24 1.16 1.02
CA GLU A 31 -9.29 2.21 2.00
C GLU A 31 -7.93 2.32 2.67
N LEU A 32 -7.47 3.55 2.80
CA LEU A 32 -6.24 3.83 3.49
C LEU A 32 -6.51 4.40 4.87
N ASN A 33 -5.59 4.15 5.78
CA ASN A 33 -5.57 4.80 7.08
C ASN A 33 -4.86 6.14 6.91
N GLU A 34 -5.60 7.12 6.43
CA GLU A 34 -5.05 8.40 5.98
C GLU A 34 -4.73 9.31 7.14
N ASN A 35 -5.31 9.00 8.30
CA ASN A 35 -4.96 9.62 9.56
C ASN A 35 -3.52 9.26 9.94
N LEU A 36 -3.19 7.98 9.78
CA LEU A 36 -1.87 7.46 10.06
C LEU A 36 -0.87 7.82 8.95
N LEU A 37 -1.37 8.05 7.73
CA LEU A 37 -0.53 8.40 6.58
C LEU A 37 -0.12 9.84 6.59
N ASP A 38 -0.95 10.69 7.18
CA ASP A 38 -0.61 12.09 7.42
C ASP A 38 0.59 12.20 8.34
N GLN A 39 0.56 11.36 9.40
CA GLN A 39 1.63 11.29 10.41
C GLN A 39 2.87 10.61 9.85
N ALA A 40 2.68 9.73 8.86
CA ALA A 40 3.76 9.03 8.19
C ALA A 40 4.64 9.98 7.39
N ASP A 41 3.99 10.86 6.64
CA ASP A 41 4.68 11.82 5.80
C ASP A 41 5.18 13.01 6.63
N LEU A 42 4.49 13.28 7.74
CA LEU A 42 4.90 14.28 8.74
C LEU A 42 6.26 13.92 9.34
N ALA A 43 6.37 12.66 9.78
CA ALA A 43 7.60 12.15 10.38
C ALA A 43 8.71 12.04 9.34
N ALA A 44 8.35 11.68 8.11
CA ALA A 44 9.32 11.55 7.01
C ALA A 44 9.93 12.88 6.59
N GLU A 45 9.13 13.95 6.68
CA GLU A 45 9.61 15.32 6.49
C GLU A 45 10.53 15.75 7.63
N ALA A 46 10.27 15.23 8.83
CA ALA A 46 11.06 15.51 10.03
C ALA A 46 12.31 14.62 10.13
N ASP A 47 12.59 13.83 9.06
CA ASP A 47 13.79 12.97 8.92
C ASP A 47 13.71 11.75 9.88
N GLN A 48 12.50 11.40 10.27
CA GLN A 48 12.26 10.32 11.20
C GLN A 48 11.53 9.18 10.50
N PRO A 49 12.02 7.92 10.61
CA PRO A 49 11.31 6.76 10.09
C PRO A 49 9.98 6.53 10.81
N PHE A 50 8.90 6.45 10.05
CA PHE A 50 7.61 6.18 10.65
C PHE A 50 7.35 4.68 10.59
N ALA A 51 7.05 4.10 11.75
CA ALA A 51 6.71 2.71 11.84
C ALA A 51 5.59 2.52 12.84
N SER A 52 4.47 1.99 12.35
CA SER A 52 3.30 1.78 13.15
C SER A 52 2.83 0.34 13.00
N GLU A 53 2.25 -0.20 14.06
CA GLU A 53 1.73 -1.57 14.04
C GLU A 53 0.24 -1.57 13.72
N ASP A 54 -0.36 -0.39 13.60
CA ASP A 54 -1.76 -0.24 13.23
C ASP A 54 -1.94 -0.53 11.74
N TRP A 55 -3.18 -0.76 11.31
CA TRP A 55 -3.48 -1.07 9.93
C TRP A 55 -3.20 0.15 9.02
N VAL A 56 -3.05 -0.08 7.73
CA VAL A 56 -2.80 1.00 6.79
C VAL A 56 -3.61 0.82 5.49
N LEU A 57 -3.85 -0.42 5.10
CA LEU A 57 -4.45 -0.71 3.82
C LEU A 57 -5.45 -1.85 3.92
N ALA A 58 -6.66 -1.57 3.50
CA ALA A 58 -7.68 -2.58 3.39
C ALA A 58 -8.15 -2.65 1.93
N VAL A 59 -7.77 -3.71 1.25
CA VAL A 59 -8.07 -3.87 -0.18
C VAL A 59 -9.27 -4.79 -0.36
N GLU A 60 -10.26 -4.31 -1.08
CA GLU A 60 -11.48 -5.06 -1.27
C GLU A 60 -11.60 -5.54 -2.72
N SER A 61 -11.57 -6.85 -2.87
CA SER A 61 -11.81 -7.48 -4.14
C SER A 61 -12.98 -8.44 -3.98
N LEU A 62 -13.92 -8.42 -4.91
CA LEU A 62 -14.99 -9.41 -4.91
C LEU A 62 -14.44 -10.74 -5.41
N ASP A 63 -14.28 -11.66 -4.50
CA ASP A 63 -13.75 -12.98 -4.79
C ASP A 63 -14.87 -14.00 -4.67
N GLY A 64 -15.35 -14.45 -5.83
CA GLY A 64 -16.55 -15.26 -5.90
C GLY A 64 -17.78 -14.36 -5.88
N ARG A 65 -18.56 -14.50 -4.83
CA ARG A 65 -19.66 -13.58 -4.56
C ARG A 65 -19.43 -12.87 -3.22
N THR A 66 -18.26 -13.13 -2.66
CA THR A 66 -17.84 -12.59 -1.40
C THR A 66 -17.04 -11.30 -1.60
N ARG A 67 -17.24 -10.32 -0.71
CA ARG A 67 -16.36 -9.14 -0.70
C ARG A 67 -15.20 -9.40 0.24
N ARG A 68 -14.09 -9.78 -0.35
CA ARG A 68 -12.94 -10.24 0.40
C ARG A 68 -11.96 -9.09 0.61
N GLU A 69 -11.69 -8.80 1.86
CA GLU A 69 -10.84 -7.70 2.23
C GLU A 69 -9.58 -8.20 2.90
N TRP A 70 -8.44 -7.67 2.47
CA TRP A 70 -7.18 -7.96 3.10
C TRP A 70 -6.69 -6.73 3.82
N ARG A 71 -6.41 -6.90 5.09
CA ARG A 71 -5.95 -5.81 5.92
C ARG A 71 -4.47 -5.96 6.16
N PHE A 72 -3.75 -4.94 5.83
CA PHE A 72 -2.31 -4.92 5.99
C PHE A 72 -1.93 -3.95 7.06
N SER A 73 -0.99 -4.36 7.89
CA SER A 73 -0.40 -3.51 8.89
C SER A 73 0.56 -2.54 8.21
N TYR A 74 0.85 -1.44 8.88
CA TYR A 74 1.76 -0.42 8.37
C TYR A 74 3.19 -0.97 8.24
N ASN A 75 3.60 -1.80 9.20
CA ASN A 75 4.92 -2.45 9.18
C ASN A 75 4.98 -3.59 8.15
N ALA A 76 3.82 -4.11 7.76
CA ALA A 76 3.73 -5.10 6.70
C ALA A 76 3.93 -4.46 5.32
N VAL A 77 3.43 -3.23 5.17
CA VAL A 77 3.63 -2.42 3.97
C VAL A 77 5.07 -1.86 3.90
N MET A 78 5.71 -1.73 5.06
CA MET A 78 7.12 -1.34 5.14
C MET A 78 8.05 -2.44 4.65
N GLU A 79 7.73 -3.70 4.95
CA GLU A 79 8.57 -4.82 4.55
C GLU A 79 8.19 -5.36 3.15
N ALA A 80 7.30 -4.66 2.46
CA ALA A 80 6.91 -5.02 1.10
C ALA A 80 8.09 -4.93 0.15
N GLU A 81 8.44 -6.09 -0.42
CA GLU A 81 9.61 -6.20 -1.27
C GLU A 81 9.33 -5.70 -2.68
N PRO A 82 10.12 -4.75 -3.20
CA PRO A 82 10.03 -4.34 -4.59
C PRO A 82 10.47 -5.47 -5.51
N GLN A 83 9.63 -5.83 -6.44
CA GLN A 83 9.95 -6.90 -7.38
C GLN A 83 10.82 -6.35 -8.51
N ALA A 84 11.26 -7.22 -9.42
CA ALA A 84 12.17 -6.83 -10.50
C ALA A 84 11.49 -5.97 -11.56
N ASP A 85 10.15 -6.06 -11.64
CA ASP A 85 9.37 -5.20 -12.53
C ASP A 85 9.13 -3.82 -11.90
N GLY A 86 9.25 -3.74 -10.57
CA GLY A 86 9.19 -2.47 -9.85
C GLY A 86 7.79 -2.00 -9.49
N GLU A 87 6.77 -2.60 -10.08
CA GLU A 87 5.39 -2.18 -9.87
C GLU A 87 4.72 -3.08 -8.84
N SER A 88 5.15 -4.34 -8.80
CA SER A 88 4.62 -5.33 -7.88
C SER A 88 5.40 -5.30 -6.57
N TRP A 89 4.67 -5.50 -5.48
CA TRP A 89 5.25 -5.54 -4.15
C TRP A 89 4.87 -6.84 -3.47
N ARG A 90 5.84 -7.54 -2.94
CA ARG A 90 5.58 -8.78 -2.25
C ARG A 90 5.28 -8.50 -0.79
N LEU A 91 4.02 -8.56 -0.45
CA LEU A 91 3.56 -8.32 0.89
C LEU A 91 3.56 -9.62 1.64
N THR A 92 4.58 -9.82 2.42
CA THR A 92 4.69 -11.00 3.24
C THR A 92 4.06 -10.73 4.59
N THR A 93 3.17 -11.60 4.99
CA THR A 93 2.35 -11.41 6.17
C THR A 93 2.42 -12.63 7.08
N GLY A 94 1.60 -12.61 8.14
CA GLY A 94 1.41 -13.79 8.96
C GLY A 94 0.48 -14.80 8.29
N GLU A 95 -0.30 -14.32 7.33
CA GLU A 95 -1.16 -15.15 6.50
C GLU A 95 -0.37 -15.89 5.42
N GLY A 96 0.57 -15.19 4.80
CA GLY A 96 1.35 -15.76 3.72
C GLY A 96 2.00 -14.69 2.87
N ALA A 97 1.62 -14.64 1.59
CA ALA A 97 2.18 -13.68 0.66
C ALA A 97 1.13 -13.19 -0.32
N TYR A 98 1.10 -11.88 -0.50
CA TYR A 98 0.13 -11.20 -1.36
C TYR A 98 0.86 -10.25 -2.27
N GLN A 99 0.60 -10.32 -3.56
CA GLN A 99 1.32 -9.49 -4.50
C GLN A 99 0.51 -8.24 -4.81
N LEU A 100 0.89 -7.13 -4.19
CA LEU A 100 0.19 -5.88 -4.39
C LEU A 100 0.84 -5.10 -5.51
N ARG A 101 0.17 -4.98 -6.63
CA ARG A 101 0.70 -4.20 -7.72
C ARG A 101 -0.16 -2.97 -7.94
N CYS A 102 0.48 -1.82 -7.76
CA CYS A 102 -0.17 -0.52 -7.86
C CYS A 102 -0.25 -0.06 -9.31
N LEU A 103 -1.46 0.24 -9.74
CA LEU A 103 -1.75 0.61 -11.12
C LEU A 103 -2.52 1.91 -11.14
N GLY A 104 -2.09 2.86 -11.94
CA GLY A 104 -2.81 4.12 -12.07
C GLY A 104 -2.51 5.10 -10.95
N ALA A 105 -2.86 6.35 -11.16
CA ALA A 105 -2.59 7.40 -10.20
C ALA A 105 -3.73 8.42 -10.17
N VAL A 106 -4.80 8.07 -9.45
CA VAL A 106 -5.96 8.94 -9.33
C VAL A 106 -6.32 9.08 -7.85
N SER A 107 -5.87 10.21 -7.26
CA SER A 107 -6.28 10.69 -5.93
C SER A 107 -5.98 9.65 -4.82
N ALA A 108 -6.69 9.75 -3.70
CA ALA A 108 -6.62 8.75 -2.64
C ALA A 108 -8.03 8.36 -2.20
N SER A 109 -8.16 7.73 -1.03
CA SER A 109 -9.44 7.22 -0.53
C SER A 109 -10.39 8.38 -0.16
N GLY A 110 -9.94 9.25 0.74
CA GLY A 110 -10.76 10.35 1.23
C GLY A 110 -11.80 9.89 2.24
N GLU A 111 -11.46 8.82 2.97
CA GLU A 111 -12.39 8.17 3.90
C GLU A 111 -12.14 8.63 5.34
N ASP A 112 -11.18 9.52 5.51
CA ASP A 112 -10.87 10.09 6.82
C ASP A 112 -11.81 11.26 7.13
N GLU A 113 -12.18 12.02 6.11
CA GLU A 113 -13.03 13.20 6.27
C GLU A 113 -14.50 12.83 6.14
N GLY A 1 15.97 -9.61 -4.97
CA GLY A 1 16.88 -8.46 -4.77
C GLY A 1 16.30 -7.17 -5.28
N SER A 2 17.10 -6.46 -6.10
CA SER A 2 16.78 -5.10 -6.60
C SER A 2 16.52 -4.13 -5.44
N HIS A 3 17.58 -3.79 -4.71
CA HIS A 3 17.49 -2.85 -3.60
C HIS A 3 17.66 -1.42 -4.09
N MET A 4 16.67 -0.97 -4.83
CA MET A 4 16.64 0.39 -5.36
C MET A 4 15.28 0.97 -5.04
N THR A 5 15.24 1.93 -4.13
CA THR A 5 14.00 2.58 -3.74
C THR A 5 13.57 3.63 -4.75
N THR A 6 14.42 4.66 -4.97
CA THR A 6 14.10 5.84 -5.78
C THR A 6 12.84 6.52 -5.22
N GLN A 7 12.84 6.66 -3.87
CA GLN A 7 11.63 6.83 -3.06
C GLN A 7 10.75 5.58 -3.27
N ARG A 8 9.66 5.70 -4.08
CA ARG A 8 8.83 4.59 -4.61
C ARG A 8 8.76 3.37 -3.71
N TYR A 9 8.22 3.60 -2.53
CA TYR A 9 7.94 2.55 -1.56
C TYR A 9 6.58 2.00 -1.89
N LEU A 10 6.14 0.92 -1.24
CA LEU A 10 4.75 0.50 -1.39
C LEU A 10 3.83 1.50 -0.70
N LEU A 11 4.36 2.15 0.33
CA LEU A 11 3.69 3.25 1.00
C LEU A 11 3.47 4.44 0.06
N ASP A 12 4.49 4.74 -0.74
CA ASP A 12 4.45 5.82 -1.71
C ASP A 12 3.59 5.44 -2.93
N GLU A 13 3.56 4.14 -3.22
CA GLU A 13 2.77 3.58 -4.32
C GLU A 13 1.28 3.65 -4.06
N LEU A 14 0.83 3.36 -2.82
CA LEU A 14 -0.61 3.39 -2.49
C LEU A 14 -1.14 4.83 -2.41
N GLU A 15 -0.22 5.77 -2.15
CA GLU A 15 -0.50 7.20 -2.18
C GLU A 15 -0.82 7.69 -3.60
N THR A 16 -0.26 7.01 -4.58
CA THR A 16 -0.45 7.39 -5.98
C THR A 16 -1.06 6.24 -6.78
N ALA A 17 -1.83 5.37 -6.14
CA ALA A 17 -2.47 4.24 -6.84
C ALA A 17 -3.94 4.51 -7.07
N ASP A 18 -4.47 3.99 -8.18
CA ASP A 18 -5.91 4.05 -8.45
C ASP A 18 -6.52 2.66 -8.34
N MET A 19 -5.83 1.68 -8.90
CA MET A 19 -6.28 0.29 -8.87
C MET A 19 -5.20 -0.58 -8.26
N LEU A 20 -5.57 -1.40 -7.29
CA LEU A 20 -4.63 -2.31 -6.66
C LEU A 20 -5.01 -3.74 -6.95
N GLU A 21 -4.06 -4.51 -7.44
CA GLU A 21 -4.26 -5.94 -7.58
C GLU A 21 -3.52 -6.67 -6.51
N ILE A 22 -4.04 -7.80 -6.09
CA ILE A 22 -3.40 -8.63 -5.12
C ILE A 22 -3.45 -10.11 -5.57
N ASP A 23 -2.28 -10.58 -6.02
CA ASP A 23 -2.10 -11.91 -6.63
C ASP A 23 -2.90 -12.04 -7.94
N GLY A 24 -3.16 -10.90 -8.59
CA GLY A 24 -3.96 -10.87 -9.81
C GLY A 24 -5.41 -10.49 -9.56
N LEU A 25 -5.86 -10.64 -8.31
CA LEU A 25 -7.23 -10.29 -7.92
C LEU A 25 -7.33 -8.78 -7.76
N HIS A 26 -8.02 -8.12 -8.70
CA HIS A 26 -8.09 -6.66 -8.66
C HIS A 26 -9.17 -6.21 -7.67
N ALA A 27 -8.76 -5.36 -6.74
CA ALA A 27 -9.68 -4.74 -5.80
C ALA A 27 -10.49 -3.69 -6.50
N TRP A 28 -11.80 -3.67 -6.24
CA TRP A 28 -12.69 -2.69 -6.84
C TRP A 28 -12.47 -1.33 -6.16
N ARG A 29 -12.06 -1.38 -4.88
CA ARG A 29 -11.78 -0.21 -4.09
C ARG A 29 -10.86 -0.59 -2.93
N PHE A 30 -9.90 0.27 -2.64
CA PHE A 30 -9.08 0.14 -1.46
C PHE A 30 -9.27 1.39 -0.59
N GLU A 31 -8.88 1.28 0.66
CA GLU A 31 -9.03 2.35 1.62
C GLU A 31 -7.70 2.54 2.36
N LEU A 32 -7.30 3.78 2.54
CA LEU A 32 -6.03 4.08 3.17
C LEU A 32 -6.27 4.68 4.55
N ASN A 33 -5.29 4.49 5.45
CA ASN A 33 -5.31 5.15 6.74
C ASN A 33 -4.64 6.51 6.57
N GLU A 34 -5.44 7.49 6.14
CA GLU A 34 -4.98 8.84 5.78
C GLU A 34 -4.52 9.62 6.99
N ASN A 35 -5.04 9.27 8.15
CA ASN A 35 -4.63 9.87 9.41
C ASN A 35 -3.23 9.44 9.82
N LEU A 36 -2.91 8.16 9.58
CA LEU A 36 -1.60 7.60 9.90
C LEU A 36 -0.57 7.97 8.82
N LEU A 37 -1.07 8.26 7.61
CA LEU A 37 -0.23 8.70 6.49
C LEU A 37 0.04 10.19 6.56
N ASP A 38 -0.88 10.92 7.19
CA ASP A 38 -0.69 12.33 7.51
C ASP A 38 0.43 12.47 8.53
N GLN A 39 0.46 11.54 9.49
CA GLN A 39 1.47 11.50 10.54
C GLN A 39 2.77 10.86 10.06
N ALA A 40 2.70 10.10 8.97
CA ALA A 40 3.89 9.51 8.35
C ALA A 40 4.69 10.57 7.61
N ASP A 41 3.98 11.48 6.96
CA ASP A 41 4.59 12.61 6.25
C ASP A 41 5.07 13.68 7.24
N LEU A 42 4.30 13.85 8.32
CA LEU A 42 4.65 14.71 9.47
C LEU A 42 5.99 14.27 10.07
N ALA A 43 6.13 12.96 10.25
CA ALA A 43 7.33 12.36 10.81
C ALA A 43 8.51 12.46 9.86
N ALA A 44 8.25 12.27 8.56
CA ALA A 44 9.28 12.31 7.53
C ALA A 44 9.90 13.71 7.37
N GLU A 45 9.07 14.73 7.58
CA GLU A 45 9.51 16.13 7.59
C GLU A 45 10.24 16.48 8.89
N ALA A 46 9.96 15.71 9.94
CA ALA A 46 10.62 15.88 11.23
C ALA A 46 11.86 14.98 11.36
N ASP A 47 12.27 14.35 10.23
CA ASP A 47 13.49 13.50 10.14
C ASP A 47 13.35 12.21 10.97
N GLN A 48 12.12 11.79 11.17
CA GLN A 48 11.81 10.61 11.97
C GLN A 48 11.32 9.49 11.07
N PRO A 49 11.98 8.31 11.10
CA PRO A 49 11.46 7.10 10.46
C PRO A 49 10.19 6.63 11.18
N PHE A 50 9.13 6.48 10.43
CA PHE A 50 7.82 6.16 10.98
C PHE A 50 7.53 4.68 10.82
N ALA A 51 7.24 4.00 11.92
CA ALA A 51 6.85 2.59 11.88
C ALA A 51 5.69 2.35 12.82
N SER A 52 4.59 1.88 12.28
CA SER A 52 3.37 1.70 13.04
C SER A 52 2.85 0.29 12.86
N GLU A 53 2.21 -0.25 13.90
CA GLU A 53 1.62 -1.57 13.83
C GLU A 53 0.10 -1.48 13.57
N ASP A 54 -0.39 -0.24 13.40
CA ASP A 54 -1.77 0.03 13.03
C ASP A 54 -1.96 -0.30 11.54
N TRP A 55 -3.20 -0.40 11.09
CA TRP A 55 -3.51 -0.70 9.69
C TRP A 55 -3.14 0.50 8.80
N VAL A 56 -2.88 0.25 7.53
CA VAL A 56 -2.64 1.34 6.60
C VAL A 56 -3.42 1.14 5.29
N LEU A 57 -3.77 -0.11 5.00
CA LEU A 57 -4.34 -0.43 3.72
C LEU A 57 -5.37 -1.55 3.84
N ALA A 58 -6.60 -1.21 3.49
CA ALA A 58 -7.68 -2.17 3.40
C ALA A 58 -8.00 -2.39 1.93
N VAL A 59 -7.65 -3.56 1.45
CA VAL A 59 -7.82 -3.91 0.05
C VAL A 59 -9.06 -4.78 -0.04
N GLU A 60 -10.10 -4.35 -0.75
CA GLU A 60 -11.32 -5.12 -0.79
C GLU A 60 -11.71 -5.48 -2.22
N SER A 61 -12.01 -6.75 -2.42
CA SER A 61 -12.42 -7.26 -3.70
C SER A 61 -13.57 -8.26 -3.50
N LEU A 62 -14.34 -8.49 -4.57
CA LEU A 62 -15.41 -9.46 -4.53
C LEU A 62 -15.06 -10.65 -5.44
N ASP A 63 -15.06 -11.85 -4.87
CA ASP A 63 -14.73 -13.05 -5.62
C ASP A 63 -15.97 -13.85 -5.93
N GLY A 64 -16.52 -13.64 -7.12
CA GLY A 64 -17.79 -14.26 -7.50
C GLY A 64 -18.95 -13.57 -6.83
N ARG A 65 -19.30 -14.04 -5.64
CA ARG A 65 -20.36 -13.45 -4.82
C ARG A 65 -19.87 -13.20 -3.38
N THR A 66 -18.65 -13.62 -3.05
CA THR A 66 -18.11 -13.42 -1.71
C THR A 66 -17.27 -12.15 -1.64
N ARG A 67 -16.89 -11.74 -0.44
CA ARG A 67 -16.08 -10.55 -0.25
C ARG A 67 -14.82 -10.89 0.54
N ARG A 68 -13.67 -10.48 0.02
CA ARG A 68 -12.42 -10.65 0.71
C ARG A 68 -11.74 -9.31 0.90
N GLU A 69 -11.52 -8.96 2.16
CA GLU A 69 -10.73 -7.80 2.47
C GLU A 69 -9.39 -8.24 3.08
N TRP A 70 -8.34 -7.66 2.57
CA TRP A 70 -7.02 -7.91 3.10
C TRP A 70 -6.57 -6.65 3.80
N ARG A 71 -6.26 -6.76 5.07
CA ARG A 71 -5.89 -5.58 5.84
C ARG A 71 -4.42 -5.67 6.22
N PHE A 72 -3.65 -4.77 5.67
CA PHE A 72 -2.23 -4.75 5.88
C PHE A 72 -1.86 -3.66 6.83
N SER A 73 -0.99 -4.00 7.77
CA SER A 73 -0.45 -3.04 8.70
C SER A 73 0.58 -2.18 8.01
N TYR A 74 0.85 -1.03 8.63
CA TYR A 74 1.86 -0.11 8.17
C TYR A 74 3.25 -0.78 8.17
N ASN A 75 3.45 -1.66 9.15
CA ASN A 75 4.71 -2.37 9.34
C ASN A 75 4.96 -3.39 8.24
N ALA A 76 3.89 -4.06 7.79
CA ALA A 76 3.98 -5.05 6.71
C ALA A 76 4.22 -4.40 5.35
N VAL A 77 3.68 -3.19 5.17
CA VAL A 77 3.86 -2.38 3.96
C VAL A 77 5.25 -1.73 3.93
N MET A 78 5.85 -1.54 5.11
CA MET A 78 7.24 -1.05 5.24
C MET A 78 8.26 -2.06 4.71
N GLU A 79 8.05 -3.33 5.05
CA GLU A 79 8.99 -4.39 4.69
C GLU A 79 8.63 -5.08 3.36
N ALA A 80 7.68 -4.50 2.63
CA ALA A 80 7.25 -5.02 1.34
C ALA A 80 8.38 -4.99 0.32
N GLU A 81 8.52 -6.11 -0.35
CA GLU A 81 9.67 -6.38 -1.19
C GLU A 81 9.40 -5.98 -2.64
N PRO A 82 10.25 -5.10 -3.23
CA PRO A 82 10.13 -4.74 -4.64
C PRO A 82 10.51 -5.90 -5.54
N GLN A 83 9.55 -6.37 -6.33
CA GLN A 83 9.77 -7.51 -7.19
C GLN A 83 10.45 -7.10 -8.49
N ALA A 84 10.82 -8.11 -9.30
CA ALA A 84 11.49 -7.91 -10.57
C ALA A 84 10.52 -7.36 -11.65
N ASP A 85 9.23 -7.34 -11.32
CA ASP A 85 8.20 -6.77 -12.18
C ASP A 85 8.22 -5.23 -12.13
N GLY A 86 8.75 -4.68 -11.03
CA GLY A 86 8.90 -3.23 -10.88
C GLY A 86 7.63 -2.51 -10.42
N GLU A 87 6.48 -3.16 -10.51
CA GLU A 87 5.22 -2.57 -10.08
C GLU A 87 4.54 -3.43 -9.03
N SER A 88 4.94 -4.71 -8.99
CA SER A 88 4.41 -5.66 -8.03
C SER A 88 5.29 -5.74 -6.79
N TRP A 89 4.64 -5.94 -5.66
CA TRP A 89 5.30 -6.00 -4.37
C TRP A 89 4.94 -7.30 -3.67
N ARG A 90 5.90 -7.90 -3.02
CA ARG A 90 5.65 -9.09 -2.24
C ARG A 90 5.36 -8.71 -0.81
N LEU A 91 4.10 -8.84 -0.44
CA LEU A 91 3.69 -8.62 0.92
C LEU A 91 3.79 -9.93 1.67
N THR A 92 4.87 -10.06 2.40
CA THR A 92 5.08 -11.25 3.17
C THR A 92 4.52 -11.03 4.58
N THR A 93 3.62 -11.92 4.97
CA THR A 93 2.93 -11.82 6.24
C THR A 93 3.16 -13.09 7.05
N GLY A 94 2.44 -13.22 8.18
CA GLY A 94 2.44 -14.46 8.93
C GLY A 94 1.49 -15.50 8.33
N GLU A 95 0.80 -15.11 7.25
CA GLU A 95 -0.10 -16.00 6.52
C GLU A 95 0.64 -16.55 5.30
N GLY A 96 1.27 -15.66 4.53
CA GLY A 96 1.99 -16.08 3.33
C GLY A 96 2.54 -14.92 2.53
N ALA A 97 2.03 -14.77 1.31
CA ALA A 97 2.52 -13.79 0.35
C ALA A 97 1.38 -13.27 -0.53
N TYR A 98 1.34 -11.96 -0.68
CA TYR A 98 0.28 -11.28 -1.41
C TYR A 98 0.93 -10.31 -2.39
N GLN A 99 0.72 -10.54 -3.67
CA GLN A 99 1.37 -9.72 -4.70
C GLN A 99 0.57 -8.44 -4.95
N LEU A 100 1.02 -7.34 -4.38
CA LEU A 100 0.34 -6.07 -4.54
C LEU A 100 0.93 -5.29 -5.70
N ARG A 101 0.16 -5.19 -6.76
CA ARG A 101 0.59 -4.48 -7.94
C ARG A 101 -0.19 -3.20 -8.08
N CYS A 102 0.55 -2.10 -8.07
CA CYS A 102 -0.04 -0.78 -8.06
C CYS A 102 -0.20 -0.24 -9.47
N LEU A 103 -1.44 0.06 -9.82
CA LEU A 103 -1.78 0.56 -11.14
C LEU A 103 -2.46 1.91 -11.03
N GLY A 104 -2.19 2.80 -11.98
CA GLY A 104 -2.85 4.10 -12.01
C GLY A 104 -2.18 5.12 -11.10
N ALA A 105 -2.83 6.29 -10.96
CA ALA A 105 -2.31 7.37 -10.12
C ALA A 105 -3.42 8.32 -9.64
N VAL A 106 -4.39 7.78 -8.92
CA VAL A 106 -5.49 8.60 -8.38
C VAL A 106 -5.78 8.24 -6.92
N SER A 107 -5.15 8.96 -5.98
CA SER A 107 -5.44 8.82 -4.55
C SER A 107 -5.08 10.11 -3.81
N ALA A 108 -6.11 10.83 -3.37
CA ALA A 108 -5.90 12.00 -2.54
C ALA A 108 -5.87 11.58 -1.08
N SER A 109 -4.79 11.89 -0.36
CA SER A 109 -4.61 11.39 1.00
C SER A 109 -4.19 12.51 1.95
N GLY A 110 -4.42 12.31 3.24
CA GLY A 110 -4.11 13.32 4.25
C GLY A 110 -5.36 13.76 4.98
N GLU A 111 -5.21 14.15 6.25
CA GLU A 111 -6.38 14.50 7.07
C GLU A 111 -6.15 15.73 7.93
N ASP A 112 -5.13 15.67 8.81
CA ASP A 112 -4.95 16.58 9.95
C ASP A 112 -6.20 16.58 10.83
N GLU A 113 -6.41 15.49 11.54
CA GLU A 113 -7.58 15.35 12.40
C GLU A 113 -7.26 14.43 13.58
N GLY A 1 25.52 2.06 -0.79
CA GLY A 1 25.00 3.27 -1.49
C GLY A 1 23.57 3.09 -1.93
N SER A 2 22.89 4.20 -2.17
CA SER A 2 21.55 4.20 -2.72
C SER A 2 21.34 5.46 -3.56
N HIS A 3 21.32 5.29 -4.88
CA HIS A 3 21.09 6.41 -5.80
C HIS A 3 19.60 6.77 -5.85
N MET A 4 18.74 5.86 -5.38
CA MET A 4 17.33 6.13 -5.22
C MET A 4 17.15 7.19 -4.13
N THR A 5 16.81 8.38 -4.56
CA THR A 5 16.66 9.51 -3.67
C THR A 5 15.20 9.66 -3.28
N THR A 6 14.32 9.69 -4.27
CA THR A 6 12.92 9.46 -4.04
C THR A 6 12.75 7.95 -3.96
N GLN A 7 12.56 7.48 -2.72
CA GLN A 7 12.51 6.05 -2.39
C GLN A 7 11.49 5.28 -3.20
N ARG A 8 10.23 5.72 -3.07
CA ARG A 8 9.05 5.08 -3.65
C ARG A 8 8.92 3.65 -3.15
N TYR A 9 8.42 3.54 -1.94
CA TYR A 9 8.00 2.28 -1.39
C TYR A 9 6.56 2.04 -1.81
N LEU A 10 5.95 0.99 -1.27
CA LEU A 10 4.54 0.75 -1.47
C LEU A 10 3.70 1.89 -0.85
N LEU A 11 4.27 2.53 0.18
CA LEU A 11 3.72 3.73 0.82
C LEU A 11 3.47 4.87 -0.18
N ASP A 12 4.47 5.17 -1.00
CA ASP A 12 4.39 6.24 -1.99
C ASP A 12 3.51 5.84 -3.16
N GLU A 13 3.46 4.53 -3.42
CA GLU A 13 2.71 3.99 -4.54
C GLU A 13 1.21 3.99 -4.29
N LEU A 14 0.77 3.71 -3.05
CA LEU A 14 -0.65 3.61 -2.72
C LEU A 14 -1.36 4.97 -2.78
N GLU A 15 -0.60 6.03 -2.55
CA GLU A 15 -1.10 7.40 -2.61
C GLU A 15 -1.31 7.87 -4.05
N THR A 16 -0.65 7.22 -5.00
CA THR A 16 -0.70 7.62 -6.40
C THR A 16 -1.27 6.51 -7.30
N ALA A 17 -1.84 5.47 -6.72
CA ALA A 17 -2.39 4.37 -7.50
C ALA A 17 -3.89 4.28 -7.36
N ASP A 18 -4.56 3.98 -8.48
CA ASP A 18 -6.01 3.83 -8.50
C ASP A 18 -6.40 2.36 -8.46
N MET A 19 -5.45 1.54 -8.86
CA MET A 19 -5.65 0.11 -8.94
C MET A 19 -4.69 -0.57 -8.00
N LEU A 20 -5.19 -1.50 -7.22
CA LEU A 20 -4.33 -2.37 -6.46
C LEU A 20 -4.62 -3.80 -6.82
N GLU A 21 -3.62 -4.45 -7.36
CA GLU A 21 -3.72 -5.84 -7.74
C GLU A 21 -3.13 -6.70 -6.64
N ILE A 22 -3.77 -7.83 -6.37
CA ILE A 22 -3.27 -8.82 -5.44
C ILE A 22 -3.23 -10.19 -6.13
N ASP A 23 -2.01 -10.58 -6.52
CA ASP A 23 -1.70 -11.89 -7.15
C ASP A 23 -2.41 -12.11 -8.48
N GLY A 24 -2.69 -11.01 -9.20
CA GLY A 24 -3.43 -11.10 -10.45
C GLY A 24 -4.91 -10.78 -10.29
N LEU A 25 -5.41 -10.89 -9.06
CA LEU A 25 -6.79 -10.57 -8.74
C LEU A 25 -6.88 -9.08 -8.40
N HIS A 26 -7.66 -8.37 -9.18
CA HIS A 26 -7.83 -6.93 -9.00
C HIS A 26 -8.75 -6.60 -7.84
N ALA A 27 -8.25 -5.82 -6.90
CA ALA A 27 -9.06 -5.27 -5.83
C ALA A 27 -9.80 -4.04 -6.35
N TRP A 28 -11.13 -4.11 -6.35
CA TRP A 28 -11.98 -3.05 -6.93
C TRP A 28 -12.09 -1.84 -5.99
N ARG A 29 -11.76 -2.06 -4.72
CA ARG A 29 -11.85 -1.03 -3.70
C ARG A 29 -10.76 -1.26 -2.67
N PHE A 30 -10.11 -0.17 -2.28
CA PHE A 30 -9.16 -0.18 -1.20
C PHE A 30 -9.31 1.07 -0.36
N GLU A 31 -8.79 1.04 0.85
CA GLU A 31 -8.82 2.18 1.72
C GLU A 31 -7.45 2.37 2.34
N LEU A 32 -7.03 3.61 2.39
CA LEU A 32 -5.75 3.97 2.99
C LEU A 32 -6.03 4.63 4.33
N ASN A 33 -5.24 4.32 5.36
CA ASN A 33 -5.39 4.97 6.67
C ASN A 33 -4.78 6.37 6.60
N GLU A 34 -5.66 7.35 6.41
CA GLU A 34 -5.27 8.73 6.08
C GLU A 34 -4.68 9.45 7.27
N ASN A 35 -5.23 9.20 8.45
CA ASN A 35 -4.76 9.76 9.70
C ASN A 35 -3.33 9.31 10.01
N LEU A 36 -3.04 8.04 9.72
CA LEU A 36 -1.73 7.45 9.95
C LEU A 36 -0.72 7.89 8.90
N LEU A 37 -1.20 8.18 7.68
CA LEU A 37 -0.33 8.66 6.59
C LEU A 37 0.03 10.12 6.73
N ASP A 38 -0.80 10.85 7.48
CA ASP A 38 -0.52 12.24 7.84
C ASP A 38 0.66 12.30 8.80
N GLN A 39 0.70 11.32 9.72
CA GLN A 39 1.79 11.20 10.71
C GLN A 39 3.04 10.60 10.08
N ALA A 40 2.84 9.80 9.03
CA ALA A 40 3.95 9.21 8.27
C ALA A 40 4.74 10.26 7.52
N ASP A 41 4.01 11.23 6.96
CA ASP A 41 4.60 12.36 6.25
C ASP A 41 5.16 13.39 7.23
N LEU A 42 4.53 13.48 8.41
CA LEU A 42 4.94 14.37 9.48
C LEU A 42 6.32 13.98 10.00
N ALA A 43 6.50 12.68 10.23
CA ALA A 43 7.77 12.15 10.72
C ALA A 43 8.81 12.12 9.62
N ALA A 44 8.40 11.92 8.37
CA ALA A 44 9.31 11.93 7.23
C ALA A 44 9.92 13.32 7.00
N GLU A 45 9.09 14.36 7.12
CA GLU A 45 9.55 15.75 7.05
C GLU A 45 10.36 16.15 8.29
N ALA A 46 10.19 15.40 9.38
CA ALA A 46 10.97 15.62 10.60
C ALA A 46 12.27 14.83 10.61
N ASP A 47 12.47 14.02 9.55
CA ASP A 47 13.68 13.16 9.34
C ASP A 47 13.74 12.00 10.38
N GLN A 48 12.58 11.66 10.91
CA GLN A 48 12.45 10.60 11.90
C GLN A 48 11.77 9.39 11.25
N PRO A 49 12.26 8.15 11.47
CA PRO A 49 11.66 6.94 10.88
C PRO A 49 10.27 6.66 11.42
N PHE A 50 9.29 6.52 10.53
CA PHE A 50 7.92 6.28 10.97
C PHE A 50 7.64 4.79 11.04
N ALA A 51 7.30 4.36 12.24
CA ALA A 51 6.93 2.98 12.50
C ALA A 51 5.52 2.93 13.06
N SER A 52 4.70 2.04 12.50
CA SER A 52 3.36 1.81 12.97
C SER A 52 2.98 0.38 12.65
N GLU A 53 2.32 -0.28 13.57
CA GLU A 53 1.89 -1.65 13.36
C GLU A 53 0.38 -1.72 13.28
N ASP A 54 -0.25 -0.55 13.12
CA ASP A 54 -1.68 -0.45 12.88
C ASP A 54 -1.97 -0.69 11.40
N TRP A 55 -3.24 -0.68 11.02
CA TRP A 55 -3.64 -0.93 9.64
C TRP A 55 -3.29 0.28 8.77
N VAL A 56 -3.00 0.04 7.51
CA VAL A 56 -2.81 1.11 6.54
C VAL A 56 -3.58 0.81 5.23
N LEU A 57 -3.89 -0.47 5.01
CA LEU A 57 -4.55 -0.89 3.80
C LEU A 57 -5.72 -1.81 4.10
N ALA A 58 -6.86 -1.52 3.49
CA ALA A 58 -7.99 -2.41 3.51
C ALA A 58 -8.46 -2.66 2.09
N VAL A 59 -8.05 -3.78 1.54
CA VAL A 59 -8.38 -4.14 0.16
C VAL A 59 -9.48 -5.17 0.13
N GLU A 60 -10.65 -4.76 -0.30
CA GLU A 60 -11.76 -5.67 -0.40
C GLU A 60 -11.93 -6.12 -1.85
N SER A 61 -12.07 -7.40 -2.00
CA SER A 61 -12.25 -8.00 -3.30
C SER A 61 -13.41 -8.97 -3.26
N LEU A 62 -14.39 -8.72 -4.11
CA LEU A 62 -15.49 -9.64 -4.28
C LEU A 62 -15.33 -10.32 -5.62
N ASP A 63 -14.88 -11.56 -5.60
CA ASP A 63 -14.75 -12.33 -6.83
C ASP A 63 -15.91 -13.30 -6.89
N GLY A 64 -16.92 -12.91 -7.64
CA GLY A 64 -18.18 -13.62 -7.62
C GLY A 64 -19.03 -13.14 -6.46
N ARG A 65 -19.06 -13.94 -5.41
CA ARG A 65 -19.76 -13.58 -4.17
C ARG A 65 -18.95 -13.99 -2.95
N THR A 66 -17.66 -13.70 -2.98
CA THR A 66 -16.83 -13.90 -1.80
C THR A 66 -16.48 -12.54 -1.18
N ARG A 67 -16.77 -12.42 0.11
CA ARG A 67 -16.38 -11.25 0.88
C ARG A 67 -15.02 -11.48 1.52
N ARG A 68 -13.98 -10.97 0.88
CA ARG A 68 -12.63 -11.10 1.41
C ARG A 68 -11.94 -9.75 1.41
N GLU A 69 -11.54 -9.31 2.59
CA GLU A 69 -10.78 -8.09 2.74
C GLU A 69 -9.48 -8.38 3.45
N TRP A 70 -8.38 -7.99 2.83
CA TRP A 70 -7.09 -8.09 3.46
C TRP A 70 -6.75 -6.77 4.09
N ARG A 71 -6.45 -6.79 5.37
CA ARG A 71 -6.05 -5.59 6.04
C ARG A 71 -4.58 -5.67 6.38
N PHE A 72 -3.79 -4.84 5.73
CA PHE A 72 -2.35 -4.90 5.85
C PHE A 72 -1.89 -3.80 6.78
N SER A 73 -0.91 -4.12 7.60
CA SER A 73 -0.36 -3.18 8.54
C SER A 73 0.66 -2.27 7.86
N TYR A 74 0.96 -1.15 8.53
CA TYR A 74 1.89 -0.15 8.03
C TYR A 74 3.30 -0.71 7.91
N ASN A 75 3.72 -1.51 8.89
CA ASN A 75 5.05 -2.10 8.92
C ASN A 75 5.22 -3.19 7.87
N ALA A 76 4.12 -3.86 7.51
CA ALA A 76 4.12 -4.85 6.42
C ALA A 76 4.27 -4.19 5.04
N VAL A 77 3.80 -2.94 4.95
CA VAL A 77 3.93 -2.10 3.75
C VAL A 77 5.34 -1.46 3.65
N MET A 78 5.99 -1.26 4.79
CA MET A 78 7.35 -0.73 4.83
C MET A 78 8.39 -1.80 4.51
N GLU A 79 8.08 -3.06 4.87
CA GLU A 79 8.95 -4.18 4.54
C GLU A 79 8.58 -4.81 3.20
N ALA A 80 7.60 -4.23 2.50
CA ALA A 80 7.14 -4.72 1.21
C ALA A 80 8.27 -4.68 0.19
N GLU A 81 8.61 -5.87 -0.30
CA GLU A 81 9.80 -6.06 -1.09
C GLU A 81 9.51 -5.77 -2.56
N PRO A 82 10.33 -4.93 -3.23
CA PRO A 82 10.15 -4.68 -4.67
C PRO A 82 10.47 -5.92 -5.51
N GLN A 83 9.46 -6.39 -6.22
CA GLN A 83 9.60 -7.57 -7.06
C GLN A 83 10.13 -7.16 -8.43
N ALA A 84 10.33 -8.14 -9.31
CA ALA A 84 11.06 -7.94 -10.58
C ALA A 84 10.28 -7.15 -11.64
N ASP A 85 9.00 -6.87 -11.38
CA ASP A 85 8.19 -6.05 -12.26
C ASP A 85 8.42 -4.56 -11.99
N GLY A 86 8.89 -4.26 -10.78
CA GLY A 86 9.08 -2.87 -10.33
C GLY A 86 7.80 -2.22 -9.83
N GLU A 87 6.68 -2.82 -10.14
CA GLU A 87 5.38 -2.30 -9.75
C GLU A 87 4.79 -3.20 -8.67
N SER A 88 5.20 -4.46 -8.69
CA SER A 88 4.76 -5.47 -7.74
C SER A 88 5.57 -5.41 -6.47
N TRP A 89 4.88 -5.60 -5.36
CA TRP A 89 5.50 -5.64 -4.05
C TRP A 89 5.10 -6.92 -3.35
N ARG A 90 6.01 -7.52 -2.62
CA ARG A 90 5.69 -8.67 -1.82
C ARG A 90 5.23 -8.21 -0.46
N LEU A 91 3.95 -8.42 -0.20
CA LEU A 91 3.38 -8.09 1.08
C LEU A 91 3.36 -9.34 1.94
N THR A 92 4.33 -9.42 2.84
CA THR A 92 4.41 -10.53 3.75
C THR A 92 3.50 -10.30 4.94
N THR A 93 2.64 -11.27 5.18
CA THR A 93 1.65 -11.21 6.24
C THR A 93 1.68 -12.48 7.08
N GLY A 94 0.79 -12.55 8.07
CA GLY A 94 0.59 -13.79 8.81
C GLY A 94 -0.26 -14.78 8.02
N GLU A 95 -0.91 -14.28 6.98
CA GLU A 95 -1.63 -15.11 6.01
C GLU A 95 -0.65 -15.74 5.01
N GLY A 96 0.42 -15.02 4.69
CA GLY A 96 1.45 -15.53 3.80
C GLY A 96 2.22 -14.44 3.08
N ALA A 97 2.00 -14.34 1.78
CA ALA A 97 2.62 -13.33 0.94
C ALA A 97 1.66 -13.00 -0.19
N TYR A 98 1.48 -11.72 -0.45
CA TYR A 98 0.54 -11.25 -1.46
C TYR A 98 1.23 -10.30 -2.41
N GLN A 99 0.97 -10.44 -3.69
CA GLN A 99 1.61 -9.57 -4.68
C GLN A 99 0.76 -8.32 -4.87
N LEU A 100 1.18 -7.24 -4.22
CA LEU A 100 0.47 -5.97 -4.34
C LEU A 100 1.11 -5.12 -5.42
N ARG A 101 0.40 -4.97 -6.53
CA ARG A 101 0.93 -4.22 -7.65
C ARG A 101 0.09 -2.98 -7.90
N CYS A 102 0.77 -1.84 -7.92
CA CYS A 102 0.12 -0.55 -8.06
C CYS A 102 0.04 -0.12 -9.51
N LEU A 103 -1.19 0.10 -9.98
CA LEU A 103 -1.44 0.50 -11.36
C LEU A 103 -2.28 1.78 -11.37
N GLY A 104 -2.44 2.35 -12.56
CA GLY A 104 -3.15 3.60 -12.67
C GLY A 104 -3.97 3.67 -13.94
N ALA A 105 -5.08 2.95 -13.95
CA ALA A 105 -5.89 2.82 -15.17
C ALA A 105 -7.21 3.58 -15.04
N VAL A 106 -7.32 4.35 -13.96
CA VAL A 106 -8.54 5.08 -13.67
C VAL A 106 -8.29 6.58 -13.70
N SER A 107 -7.17 6.95 -13.09
CA SER A 107 -6.75 8.33 -12.80
C SER A 107 -7.78 9.04 -11.92
N ALA A 108 -7.54 9.00 -10.61
CA ALA A 108 -8.44 9.62 -9.63
C ALA A 108 -8.19 11.13 -9.52
N SER A 109 -8.75 11.86 -10.47
CA SER A 109 -8.76 13.32 -10.47
C SER A 109 -10.09 13.79 -11.07
N GLY A 110 -11.14 13.72 -10.28
CA GLY A 110 -12.49 13.95 -10.78
C GLY A 110 -13.02 15.35 -10.55
N GLU A 111 -14.28 15.41 -10.16
CA GLU A 111 -14.99 16.68 -9.99
C GLU A 111 -15.37 16.94 -8.53
N ASP A 112 -14.77 16.15 -7.63
CA ASP A 112 -15.07 16.22 -6.21
C ASP A 112 -14.43 17.47 -5.58
N GLU A 113 -15.27 18.17 -4.79
CA GLU A 113 -14.98 19.48 -4.15
C GLU A 113 -14.85 20.59 -5.18
N GLY A 1 26.77 9.03 -6.25
CA GLY A 1 25.92 8.59 -7.38
C GLY A 1 24.45 8.82 -7.09
N SER A 2 23.95 8.13 -6.07
CA SER A 2 22.54 8.21 -5.71
C SER A 2 22.27 9.43 -4.83
N HIS A 3 21.89 10.51 -5.47
CA HIS A 3 21.38 11.69 -4.77
C HIS A 3 19.86 11.65 -4.75
N MET A 4 19.32 10.71 -5.52
CA MET A 4 17.90 10.42 -5.51
C MET A 4 17.55 9.74 -4.20
N THR A 5 16.53 10.26 -3.54
CA THR A 5 16.00 9.69 -2.31
C THR A 5 15.42 8.30 -2.55
N THR A 6 14.82 8.16 -3.72
CA THR A 6 14.26 6.92 -4.22
C THR A 6 13.15 6.42 -3.29
N GLN A 7 12.15 7.28 -3.12
CA GLN A 7 10.90 6.86 -2.52
C GLN A 7 10.06 6.12 -3.54
N ARG A 8 10.42 4.87 -3.76
CA ARG A 8 9.63 3.97 -4.58
C ARG A 8 9.23 2.83 -3.69
N TYR A 9 8.46 3.16 -2.66
CA TYR A 9 7.93 2.18 -1.72
C TYR A 9 6.50 1.89 -2.09
N LEU A 10 5.90 0.85 -1.52
CA LEU A 10 4.48 0.56 -1.73
C LEU A 10 3.62 1.66 -1.11
N LEU A 11 4.14 2.27 -0.05
CA LEU A 11 3.50 3.40 0.61
C LEU A 11 3.46 4.64 -0.30
N ASP A 12 4.47 4.77 -1.15
CA ASP A 12 4.54 5.86 -2.11
C ASP A 12 3.69 5.55 -3.35
N GLU A 13 3.59 4.26 -3.66
CA GLU A 13 2.85 3.78 -4.82
C GLU A 13 1.33 3.91 -4.66
N LEU A 14 0.81 3.68 -3.44
CA LEU A 14 -0.65 3.73 -3.17
C LEU A 14 -1.17 5.17 -3.21
N GLU A 15 -0.27 6.12 -3.04
CA GLU A 15 -0.55 7.55 -3.18
C GLU A 15 -0.88 7.94 -4.61
N THR A 16 -0.44 7.14 -5.57
CA THR A 16 -0.70 7.37 -6.98
C THR A 16 -1.31 6.14 -7.65
N ALA A 17 -1.90 5.25 -6.85
CA ALA A 17 -2.52 4.05 -7.41
C ALA A 17 -4.03 4.16 -7.37
N ASP A 18 -4.66 3.69 -8.42
CA ASP A 18 -6.12 3.67 -8.52
C ASP A 18 -6.62 2.24 -8.34
N MET A 19 -5.96 1.32 -9.02
CA MET A 19 -6.26 -0.10 -8.89
C MET A 19 -5.10 -0.80 -8.19
N LEU A 20 -5.38 -1.58 -7.17
CA LEU A 20 -4.33 -2.34 -6.53
C LEU A 20 -4.67 -3.82 -6.60
N GLU A 21 -3.74 -4.59 -7.10
CA GLU A 21 -3.93 -6.00 -7.30
C GLU A 21 -3.30 -6.77 -6.15
N ILE A 22 -3.81 -7.95 -5.85
CA ILE A 22 -3.22 -8.80 -4.84
C ILE A 22 -3.12 -10.27 -5.35
N ASP A 23 -1.87 -10.69 -5.63
CA ASP A 23 -1.50 -12.06 -6.04
C ASP A 23 -2.31 -12.54 -7.29
N GLY A 24 -2.47 -11.63 -8.27
CA GLY A 24 -3.18 -11.96 -9.51
C GLY A 24 -4.65 -11.54 -9.50
N LEU A 25 -5.19 -11.29 -8.32
CA LEU A 25 -6.59 -10.92 -8.15
C LEU A 25 -6.68 -9.43 -7.94
N HIS A 26 -7.29 -8.72 -8.86
CA HIS A 26 -7.42 -7.27 -8.71
C HIS A 26 -8.50 -6.95 -7.67
N ALA A 27 -8.18 -6.06 -6.74
CA ALA A 27 -9.16 -5.56 -5.79
C ALA A 27 -10.01 -4.51 -6.46
N TRP A 28 -11.29 -4.45 -6.09
CA TRP A 28 -12.19 -3.47 -6.67
C TRP A 28 -11.97 -2.11 -5.99
N ARG A 29 -11.44 -2.14 -4.77
CA ARG A 29 -11.23 -0.96 -3.95
C ARG A 29 -10.11 -1.20 -2.94
N PHE A 30 -9.34 -0.17 -2.65
CA PHE A 30 -8.46 -0.19 -1.50
C PHE A 30 -8.66 1.09 -0.69
N GLU A 31 -8.42 0.97 0.61
CA GLU A 31 -8.64 2.09 1.51
C GLU A 31 -7.35 2.42 2.24
N LEU A 32 -7.15 3.72 2.49
CA LEU A 32 -5.96 4.20 3.14
C LEU A 32 -6.29 4.79 4.51
N ASN A 33 -5.41 4.52 5.48
CA ASN A 33 -5.51 5.16 6.79
C ASN A 33 -4.86 6.54 6.70
N GLU A 34 -5.66 7.55 6.38
CA GLU A 34 -5.17 8.90 6.11
C GLU A 34 -4.77 9.65 7.38
N ASN A 35 -5.33 9.23 8.50
CA ASN A 35 -4.94 9.73 9.83
C ASN A 35 -3.52 9.28 10.18
N LEU A 36 -3.19 8.03 9.84
CA LEU A 36 -1.87 7.46 10.10
C LEU A 36 -0.86 7.93 9.05
N LEU A 37 -1.36 8.29 7.86
CA LEU A 37 -0.51 8.82 6.79
C LEU A 37 -0.22 10.30 6.99
N ASP A 38 -1.04 10.94 7.81
CA ASP A 38 -0.79 12.31 8.26
C ASP A 38 0.40 12.30 9.20
N GLN A 39 0.43 11.28 10.07
CA GLN A 39 1.52 11.09 11.04
C GLN A 39 2.77 10.53 10.36
N ALA A 40 2.59 9.87 9.21
CA ALA A 40 3.71 9.39 8.39
C ALA A 40 4.48 10.55 7.76
N ASP A 41 3.73 11.55 7.29
CA ASP A 41 4.32 12.75 6.71
C ASP A 41 4.90 13.64 7.83
N LEU A 42 4.26 13.59 9.01
CA LEU A 42 4.67 14.34 10.21
C LEU A 42 6.07 13.90 10.66
N ALA A 43 6.28 12.58 10.75
CA ALA A 43 7.56 12.01 11.17
C ALA A 43 8.65 12.29 10.14
N ALA A 44 8.28 12.28 8.87
CA ALA A 44 9.22 12.54 7.77
C ALA A 44 9.65 14.03 7.75
N GLU A 45 8.79 14.91 8.28
CA GLU A 45 9.12 16.32 8.49
C GLU A 45 10.01 16.51 9.72
N ALA A 46 10.03 15.51 10.60
CA ALA A 46 10.88 15.53 11.78
C ALA A 46 12.16 14.69 11.58
N ASP A 47 12.43 14.34 10.27
CA ASP A 47 13.64 13.61 9.82
C ASP A 47 13.56 12.08 10.14
N GLN A 48 12.49 11.67 10.78
CA GLN A 48 12.35 10.31 11.27
C GLN A 48 11.62 9.43 10.25
N PRO A 49 12.00 8.12 10.14
CA PRO A 49 11.17 7.14 9.43
C PRO A 49 9.97 6.75 10.26
N PHE A 50 8.77 6.86 9.70
CA PHE A 50 7.58 6.48 10.42
C PHE A 50 7.41 4.97 10.41
N ALA A 51 7.14 4.42 11.57
CA ALA A 51 6.90 3.01 11.74
C ALA A 51 5.71 2.79 12.65
N SER A 52 4.70 2.15 12.12
CA SER A 52 3.50 1.86 12.88
C SER A 52 3.08 0.42 12.59
N GLU A 53 2.45 -0.23 13.55
CA GLU A 53 1.95 -1.57 13.35
C GLU A 53 0.42 -1.58 13.27
N ASP A 54 -0.16 -0.38 13.15
CA ASP A 54 -1.59 -0.22 12.88
C ASP A 54 -1.81 -0.42 11.39
N TRP A 55 -3.06 -0.65 10.99
CA TRP A 55 -3.41 -0.89 9.59
C TRP A 55 -3.16 0.38 8.75
N VAL A 56 -2.85 0.19 7.47
CA VAL A 56 -2.74 1.34 6.57
C VAL A 56 -3.40 1.04 5.20
N LEU A 57 -3.53 -0.24 4.88
CA LEU A 57 -3.99 -0.63 3.56
C LEU A 57 -4.99 -1.77 3.68
N ALA A 58 -6.19 -1.54 3.16
CA ALA A 58 -7.23 -2.55 3.13
C ALA A 58 -7.72 -2.77 1.71
N VAL A 59 -7.43 -3.92 1.15
CA VAL A 59 -7.83 -4.24 -0.21
C VAL A 59 -9.06 -5.14 -0.22
N GLU A 60 -10.20 -4.57 -0.60
CA GLU A 60 -11.43 -5.32 -0.71
C GLU A 60 -11.69 -5.66 -2.17
N SER A 61 -11.98 -6.93 -2.39
CA SER A 61 -12.31 -7.46 -3.68
C SER A 61 -13.72 -8.03 -3.65
N LEU A 62 -14.33 -8.17 -4.81
CA LEU A 62 -15.60 -8.85 -4.92
C LEU A 62 -15.49 -10.00 -5.90
N ASP A 63 -15.46 -11.21 -5.34
CA ASP A 63 -15.42 -12.42 -6.12
C ASP A 63 -16.81 -13.05 -6.13
N GLY A 64 -17.56 -12.72 -7.18
CA GLY A 64 -18.98 -12.95 -7.18
C GLY A 64 -19.64 -11.81 -6.42
N ARG A 65 -20.41 -12.17 -5.42
CA ARG A 65 -20.87 -11.21 -4.43
C ARG A 65 -20.33 -11.62 -3.08
N THR A 66 -19.05 -11.34 -2.92
CA THR A 66 -18.26 -11.78 -1.79
C THR A 66 -17.29 -10.67 -1.41
N ARG A 67 -17.55 -10.03 -0.27
CA ARG A 67 -16.70 -8.95 0.26
C ARG A 67 -15.47 -9.55 0.90
N ARG A 68 -14.38 -9.55 0.17
CA ARG A 68 -13.17 -10.22 0.60
C ARG A 68 -12.06 -9.20 0.79
N GLU A 69 -11.63 -9.01 2.03
CA GLU A 69 -10.70 -7.94 2.34
C GLU A 69 -9.45 -8.46 3.03
N TRP A 70 -8.31 -7.96 2.58
CA TRP A 70 -7.04 -8.22 3.23
C TRP A 70 -6.54 -6.92 3.83
N ARG A 71 -6.25 -6.94 5.12
CA ARG A 71 -5.74 -5.76 5.79
C ARG A 71 -4.28 -5.95 6.15
N PHE A 72 -3.48 -4.99 5.76
CA PHE A 72 -2.06 -5.02 5.99
C PHE A 72 -1.66 -3.87 6.87
N SER A 73 -0.74 -4.15 7.80
CA SER A 73 -0.21 -3.15 8.71
C SER A 73 0.71 -2.20 7.97
N TYR A 74 0.97 -1.04 8.57
CA TYR A 74 1.88 -0.04 8.05
C TYR A 74 3.30 -0.63 7.93
N ASN A 75 3.67 -1.43 8.92
CA ASN A 75 4.95 -2.15 8.93
C ASN A 75 5.04 -3.14 7.77
N ALA A 76 3.94 -3.85 7.51
CA ALA A 76 3.88 -4.86 6.44
C ALA A 76 3.97 -4.21 5.04
N VAL A 77 3.36 -3.03 4.89
CA VAL A 77 3.39 -2.26 3.63
C VAL A 77 4.75 -1.55 3.41
N MET A 78 5.45 -1.23 4.49
CA MET A 78 6.81 -0.68 4.42
C MET A 78 7.83 -1.75 4.04
N GLU A 79 7.65 -2.98 4.53
CA GLU A 79 8.60 -4.06 4.32
C GLU A 79 8.32 -4.86 3.05
N ALA A 80 7.29 -4.41 2.30
CA ALA A 80 6.89 -5.05 1.06
C ALA A 80 8.04 -5.10 0.06
N GLU A 81 8.31 -6.31 -0.41
CA GLU A 81 9.49 -6.60 -1.20
C GLU A 81 9.30 -6.18 -2.66
N PRO A 82 10.19 -5.31 -3.20
CA PRO A 82 10.14 -4.93 -4.61
C PRO A 82 10.49 -6.11 -5.52
N GLN A 83 9.58 -6.42 -6.42
CA GLN A 83 9.80 -7.48 -7.39
C GLN A 83 10.47 -6.90 -8.64
N ALA A 84 10.76 -7.76 -9.61
CA ALA A 84 11.42 -7.35 -10.85
C ALA A 84 10.47 -6.57 -11.78
N ASP A 85 9.17 -6.68 -11.51
CA ASP A 85 8.13 -5.94 -12.24
C ASP A 85 8.13 -4.45 -11.87
N GLY A 86 8.64 -4.13 -10.67
CA GLY A 86 8.80 -2.75 -10.21
C GLY A 86 7.52 -2.11 -9.66
N GLU A 87 6.37 -2.69 -9.98
CA GLU A 87 5.11 -2.26 -9.41
C GLU A 87 4.52 -3.37 -8.55
N SER A 88 5.12 -4.54 -8.62
CA SER A 88 4.68 -5.68 -7.84
C SER A 88 5.45 -5.74 -6.54
N TRP A 89 4.72 -5.99 -5.45
CA TRP A 89 5.30 -6.05 -4.12
C TRP A 89 4.91 -7.33 -3.44
N ARG A 90 5.88 -8.09 -2.96
CA ARG A 90 5.55 -9.26 -2.17
C ARG A 90 5.27 -8.84 -0.75
N LEU A 91 4.00 -8.91 -0.38
CA LEU A 91 3.60 -8.61 0.96
C LEU A 91 3.64 -9.90 1.75
N THR A 92 4.71 -10.09 2.48
CA THR A 92 4.85 -11.25 3.30
C THR A 92 4.36 -10.94 4.69
N THR A 93 3.48 -11.78 5.17
CA THR A 93 2.84 -11.61 6.44
C THR A 93 3.07 -12.84 7.30
N GLY A 94 2.40 -12.89 8.46
CA GLY A 94 2.38 -14.08 9.28
C GLY A 94 1.43 -15.14 8.71
N GLU A 95 0.55 -14.70 7.80
CA GLU A 95 -0.41 -15.56 7.14
C GLU A 95 0.20 -16.19 5.86
N GLY A 96 0.82 -15.37 5.01
CA GLY A 96 1.41 -15.88 3.78
C GLY A 96 2.11 -14.83 2.93
N ALA A 97 1.76 -14.79 1.65
CA ALA A 97 2.41 -13.94 0.65
C ALA A 97 1.39 -13.44 -0.38
N TYR A 98 1.28 -12.13 -0.49
CA TYR A 98 0.26 -11.47 -1.31
C TYR A 98 0.90 -10.42 -2.20
N GLN A 99 0.88 -10.60 -3.52
CA GLN A 99 1.61 -9.69 -4.39
C GLN A 99 0.76 -8.46 -4.77
N LEU A 100 1.06 -7.33 -4.14
CA LEU A 100 0.31 -6.12 -4.37
C LEU A 100 0.94 -5.36 -5.50
N ARG A 101 0.24 -5.32 -6.63
CA ARG A 101 0.73 -4.62 -7.78
C ARG A 101 -0.10 -3.37 -8.03
N CYS A 102 0.56 -2.23 -7.92
CA CYS A 102 -0.09 -0.94 -8.04
C CYS A 102 -0.23 -0.54 -9.50
N LEU A 103 -1.47 -0.24 -9.87
CA LEU A 103 -1.85 0.08 -11.24
C LEU A 103 -2.64 1.38 -11.25
N GLY A 104 -2.62 2.10 -12.36
CA GLY A 104 -3.31 3.38 -12.44
C GLY A 104 -2.41 4.53 -12.03
N ALA A 105 -2.94 5.74 -12.08
CA ALA A 105 -2.18 6.94 -11.72
C ALA A 105 -3.05 7.94 -10.98
N VAL A 106 -4.10 7.47 -10.33
CA VAL A 106 -5.08 8.33 -9.69
C VAL A 106 -5.21 7.95 -8.24
N SER A 107 -4.72 8.84 -7.39
CA SER A 107 -4.81 8.76 -5.91
C SER A 107 -6.19 8.31 -5.40
N ALA A 108 -6.23 7.15 -4.74
CA ALA A 108 -7.47 6.63 -4.18
C ALA A 108 -7.51 6.77 -2.66
N SER A 109 -8.24 7.78 -2.19
CA SER A 109 -8.41 8.02 -0.76
C SER A 109 -9.84 8.45 -0.49
N GLY A 110 -10.43 7.97 0.61
CA GLY A 110 -11.84 8.20 0.85
C GLY A 110 -12.14 9.20 1.95
N GLU A 111 -12.67 8.71 3.07
CA GLU A 111 -13.19 9.56 4.15
C GLU A 111 -13.33 8.76 5.44
N ASP A 112 -13.91 7.56 5.32
CA ASP A 112 -14.19 6.68 6.44
C ASP A 112 -14.60 5.32 5.87
N GLU A 113 -15.76 5.30 5.22
CA GLU A 113 -16.23 4.16 4.45
C GLU A 113 -16.99 4.67 3.23
N GLY A 1 4.26 2.91 -11.24
CA GLY A 1 5.48 3.23 -12.01
C GLY A 1 6.61 2.29 -11.68
N SER A 2 7.35 1.83 -12.69
CA SER A 2 8.39 0.82 -12.48
C SER A 2 9.76 1.26 -12.96
N HIS A 3 9.84 2.07 -14.03
CA HIS A 3 11.12 2.38 -14.66
C HIS A 3 11.90 3.47 -13.93
N MET A 4 11.18 4.44 -13.37
CA MET A 4 11.79 5.41 -12.48
C MET A 4 11.92 4.77 -11.13
N THR A 5 13.13 4.73 -10.60
CA THR A 5 13.38 4.07 -9.36
C THR A 5 12.95 4.96 -8.21
N THR A 6 13.60 6.14 -8.07
CA THR A 6 13.19 7.21 -7.12
C THR A 6 13.06 6.72 -5.66
N GLN A 7 13.87 5.70 -5.31
CA GLN A 7 13.65 4.81 -4.14
C GLN A 7 12.34 4.05 -4.29
N ARG A 8 11.21 4.73 -3.96
CA ARG A 8 9.84 4.23 -4.06
C ARG A 8 9.58 3.13 -3.07
N TYR A 9 8.88 3.49 -2.07
CA TYR A 9 8.28 2.54 -1.19
C TYR A 9 6.87 2.28 -1.70
N LEU A 10 6.20 1.27 -1.16
CA LEU A 10 4.81 0.98 -1.48
C LEU A 10 3.91 2.14 -1.00
N LEU A 11 4.38 2.87 0.01
CA LEU A 11 3.72 4.05 0.54
C LEU A 11 3.66 5.21 -0.48
N ASP A 12 4.64 5.29 -1.37
CA ASP A 12 4.65 6.30 -2.42
C ASP A 12 3.76 5.85 -3.58
N GLU A 13 3.75 4.55 -3.84
CA GLU A 13 3.04 3.96 -4.98
C GLU A 13 1.52 3.92 -4.77
N LEU A 14 1.05 3.80 -3.52
CA LEU A 14 -0.38 3.73 -3.22
C LEU A 14 -1.09 5.09 -3.36
N GLU A 15 -0.30 6.17 -3.27
CA GLU A 15 -0.81 7.54 -3.43
C GLU A 15 -1.19 7.83 -4.89
N THR A 16 -0.48 7.19 -5.81
CA THR A 16 -0.70 7.38 -7.23
C THR A 16 -1.45 6.21 -7.87
N ALA A 17 -1.84 5.22 -7.06
CA ALA A 17 -2.54 4.03 -7.56
C ALA A 17 -4.03 4.31 -7.76
N ASP A 18 -4.52 3.95 -8.94
CA ASP A 18 -5.95 4.04 -9.27
C ASP A 18 -6.62 2.72 -8.94
N MET A 19 -5.91 1.65 -9.23
CA MET A 19 -6.35 0.30 -8.96
C MET A 19 -5.26 -0.45 -8.20
N LEU A 20 -5.66 -1.27 -7.24
CA LEU A 20 -4.72 -2.12 -6.55
C LEU A 20 -5.05 -3.57 -6.82
N GLU A 21 -4.03 -4.29 -7.20
CA GLU A 21 -4.12 -5.71 -7.44
C GLU A 21 -3.46 -6.44 -6.27
N ILE A 22 -3.98 -7.59 -5.92
CA ILE A 22 -3.32 -8.43 -4.95
C ILE A 22 -3.32 -9.90 -5.42
N ASP A 23 -2.11 -10.39 -5.68
CA ASP A 23 -1.83 -11.80 -6.07
C ASP A 23 -2.50 -12.16 -7.42
N GLY A 24 -2.74 -11.15 -8.25
CA GLY A 24 -3.39 -11.38 -9.53
C GLY A 24 -4.88 -11.02 -9.52
N LEU A 25 -5.46 -10.93 -8.33
CA LEU A 25 -6.87 -10.58 -8.19
C LEU A 25 -7.01 -9.08 -7.99
N HIS A 26 -7.83 -8.46 -8.81
CA HIS A 26 -7.98 -7.00 -8.80
C HIS A 26 -9.04 -6.58 -7.79
N ALA A 27 -8.64 -5.72 -6.87
CA ALA A 27 -9.54 -5.19 -5.85
C ALA A 27 -10.23 -3.93 -6.36
N TRP A 28 -11.55 -3.87 -6.21
CA TRP A 28 -12.35 -2.74 -6.71
C TRP A 28 -12.22 -1.54 -5.78
N ARG A 29 -11.99 -1.81 -4.50
CA ARG A 29 -11.87 -0.80 -3.49
C ARG A 29 -10.65 -1.10 -2.62
N PHE A 30 -9.90 -0.07 -2.39
CA PHE A 30 -8.84 -0.09 -1.43
C PHE A 30 -8.95 1.15 -0.58
N GLU A 31 -8.48 1.08 0.63
CA GLU A 31 -8.58 2.20 1.52
C GLU A 31 -7.23 2.46 2.12
N LEU A 32 -6.86 3.73 2.11
CA LEU A 32 -5.65 4.18 2.72
C LEU A 32 -5.99 4.79 4.06
N ASN A 33 -5.20 4.49 5.09
CA ASN A 33 -5.40 5.09 6.40
C ASN A 33 -4.83 6.50 6.40
N GLU A 34 -5.69 7.47 6.06
CA GLU A 34 -5.29 8.89 5.83
C GLU A 34 -4.80 9.55 7.10
N ASN A 35 -5.45 9.19 8.21
CA ASN A 35 -5.04 9.61 9.55
C ASN A 35 -3.59 9.25 9.83
N LEU A 36 -3.25 7.97 9.58
CA LEU A 36 -1.92 7.44 9.88
C LEU A 36 -0.89 7.87 8.83
N LEU A 37 -1.36 8.18 7.61
CA LEU A 37 -0.46 8.61 6.53
C LEU A 37 -0.15 10.08 6.60
N ASP A 38 -1.03 10.83 7.27
CA ASP A 38 -0.78 12.22 7.58
C ASP A 38 0.35 12.29 8.60
N GLN A 39 0.33 11.33 9.53
CA GLN A 39 1.36 11.19 10.57
C GLN A 39 2.66 10.61 10.02
N ALA A 40 2.54 9.79 8.97
CA ALA A 40 3.70 9.14 8.34
C ALA A 40 4.55 10.12 7.56
N ASP A 41 3.87 11.01 6.83
CA ASP A 41 4.54 12.07 6.06
C ASP A 41 5.10 13.14 6.99
N LEU A 42 4.36 13.41 8.07
CA LEU A 42 4.75 14.36 9.11
C LEU A 42 6.02 13.92 9.85
N ALA A 43 6.15 12.62 10.05
CA ALA A 43 7.32 12.03 10.69
C ALA A 43 8.51 12.02 9.74
N ALA A 44 8.26 11.64 8.49
CA ALA A 44 9.30 11.57 7.45
C ALA A 44 9.92 12.94 7.16
N GLU A 45 9.09 13.99 7.20
CA GLU A 45 9.57 15.37 6.98
C GLU A 45 10.35 15.91 8.18
N ALA A 46 10.25 15.24 9.32
CA ALA A 46 11.03 15.60 10.51
C ALA A 46 12.21 14.63 10.71
N ASP A 47 12.48 13.81 9.67
CA ASP A 47 13.60 12.81 9.60
C ASP A 47 13.34 11.55 10.46
N GLN A 48 12.22 11.54 11.18
CA GLN A 48 11.89 10.45 12.10
C GLN A 48 11.32 9.25 11.32
N PRO A 49 11.92 8.04 11.45
CA PRO A 49 11.35 6.84 10.82
C PRO A 49 10.06 6.41 11.51
N PHE A 50 8.99 6.32 10.73
CA PHE A 50 7.65 6.13 11.28
C PHE A 50 7.33 4.66 11.42
N ALA A 51 7.08 4.24 12.65
CA ALA A 51 6.70 2.87 12.92
C ALA A 51 5.33 2.83 13.58
N SER A 52 4.42 2.11 12.95
CA SER A 52 3.10 1.89 13.50
C SER A 52 2.60 0.50 13.14
N GLU A 53 2.07 -0.19 14.14
CA GLU A 53 1.48 -1.52 13.96
C GLU A 53 -0.04 -1.45 13.71
N ASP A 54 -0.53 -0.27 13.33
CA ASP A 54 -1.93 -0.10 12.90
C ASP A 54 -2.03 -0.46 11.43
N TRP A 55 -3.25 -0.52 10.90
CA TRP A 55 -3.46 -0.87 9.50
C TRP A 55 -3.13 0.34 8.60
N VAL A 56 -2.80 0.08 7.35
CA VAL A 56 -2.57 1.14 6.38
C VAL A 56 -3.32 0.85 5.05
N LEU A 57 -3.52 -0.43 4.76
CA LEU A 57 -4.06 -0.84 3.49
C LEU A 57 -5.21 -1.82 3.72
N ALA A 58 -6.35 -1.53 3.13
CA ALA A 58 -7.48 -2.44 3.15
C ALA A 58 -8.00 -2.65 1.73
N VAL A 59 -7.65 -3.78 1.15
CA VAL A 59 -8.08 -4.12 -0.20
C VAL A 59 -9.22 -5.11 -0.12
N GLU A 60 -10.38 -4.69 -0.59
CA GLU A 60 -11.53 -5.56 -0.63
C GLU A 60 -11.92 -5.84 -2.07
N SER A 61 -12.20 -7.10 -2.33
CA SER A 61 -12.49 -7.54 -3.66
C SER A 61 -13.72 -8.44 -3.65
N LEU A 62 -14.67 -8.14 -4.52
CA LEU A 62 -15.88 -8.93 -4.61
C LEU A 62 -15.69 -10.10 -5.56
N ASP A 63 -15.60 -11.30 -4.99
CA ASP A 63 -15.34 -12.50 -5.77
C ASP A 63 -16.54 -13.41 -5.67
N GLY A 64 -17.37 -13.35 -6.70
CA GLY A 64 -18.63 -14.04 -6.69
C GLY A 64 -19.68 -13.28 -5.93
N ARG A 65 -19.77 -13.55 -4.62
CA ARG A 65 -20.75 -12.91 -3.75
C ARG A 65 -20.14 -12.61 -2.37
N THR A 66 -18.85 -12.34 -2.31
CA THR A 66 -18.21 -12.08 -1.03
C THR A 66 -17.17 -10.95 -1.11
N ARG A 67 -17.05 -10.18 -0.03
CA ARG A 67 -15.94 -9.26 0.11
C ARG A 67 -14.78 -10.02 0.71
N ARG A 68 -13.82 -10.35 -0.13
CA ARG A 68 -12.59 -10.93 0.33
C ARG A 68 -11.63 -9.76 0.62
N GLU A 69 -11.26 -9.60 1.88
CA GLU A 69 -10.57 -8.38 2.32
C GLU A 69 -9.25 -8.69 2.98
N TRP A 70 -8.21 -8.05 2.49
CA TRP A 70 -6.89 -8.18 3.05
C TRP A 70 -6.48 -6.87 3.67
N ARG A 71 -6.12 -6.89 4.93
CA ARG A 71 -5.68 -5.67 5.59
C ARG A 71 -4.26 -5.82 6.08
N PHE A 72 -3.45 -4.85 5.73
CA PHE A 72 -2.03 -4.88 6.03
C PHE A 72 -1.66 -3.79 6.99
N SER A 73 -0.71 -4.09 7.86
CA SER A 73 -0.17 -3.12 8.79
C SER A 73 0.79 -2.18 8.08
N TYR A 74 1.04 -1.02 8.68
CA TYR A 74 1.89 0.01 8.10
C TYR A 74 3.34 -0.46 7.92
N ASN A 75 3.87 -1.13 8.94
CA ASN A 75 5.25 -1.61 8.92
C ASN A 75 5.42 -2.85 8.04
N ALA A 76 4.32 -3.55 7.78
CA ALA A 76 4.28 -4.62 6.77
C ALA A 76 4.46 -4.04 5.36
N VAL A 77 3.83 -2.89 5.11
CA VAL A 77 4.01 -2.12 3.88
C VAL A 77 5.42 -1.48 3.80
N MET A 78 6.02 -1.18 4.96
CA MET A 78 7.38 -0.66 5.02
C MET A 78 8.41 -1.70 4.59
N GLU A 79 8.21 -2.95 4.99
CA GLU A 79 9.14 -4.02 4.65
C GLU A 79 8.75 -4.75 3.36
N ALA A 80 7.69 -4.29 2.69
CA ALA A 80 7.22 -4.87 1.44
C ALA A 80 8.26 -4.73 0.34
N GLU A 81 8.67 -5.87 -0.19
CA GLU A 81 9.83 -5.96 -1.07
C GLU A 81 9.45 -5.67 -2.52
N PRO A 82 10.20 -4.75 -3.19
CA PRO A 82 9.99 -4.48 -4.62
C PRO A 82 10.34 -5.67 -5.49
N GLN A 83 9.39 -6.09 -6.31
CA GLN A 83 9.57 -7.23 -7.19
C GLN A 83 10.24 -6.80 -8.49
N ALA A 84 10.49 -7.78 -9.37
CA ALA A 84 11.13 -7.55 -10.67
C ALA A 84 10.20 -6.79 -11.64
N ASP A 85 8.90 -6.84 -11.35
CA ASP A 85 7.88 -6.08 -12.07
C ASP A 85 7.96 -4.58 -11.73
N GLY A 86 8.51 -4.28 -10.55
CA GLY A 86 8.74 -2.90 -10.12
C GLY A 86 7.52 -2.20 -9.54
N GLU A 87 6.33 -2.73 -9.77
CA GLU A 87 5.10 -2.17 -9.23
C GLU A 87 4.42 -3.18 -8.33
N SER A 88 4.88 -4.43 -8.40
CA SER A 88 4.44 -5.47 -7.50
C SER A 88 5.28 -5.47 -6.23
N TRP A 89 4.64 -5.74 -5.11
CA TRP A 89 5.31 -5.74 -3.81
C TRP A 89 4.97 -7.02 -3.07
N ARG A 90 5.99 -7.66 -2.52
CA ARG A 90 5.81 -8.90 -1.78
C ARG A 90 5.47 -8.59 -0.34
N LEU A 91 4.20 -8.78 0.00
CA LEU A 91 3.73 -8.63 1.37
C LEU A 91 3.81 -9.98 2.05
N THR A 92 4.85 -10.16 2.85
CA THR A 92 5.04 -11.41 3.56
C THR A 92 4.36 -11.36 4.93
N THR A 93 3.45 -12.29 5.12
CA THR A 93 2.65 -12.37 6.34
C THR A 93 2.87 -13.74 6.98
N GLY A 94 2.08 -14.05 8.02
CA GLY A 94 2.09 -15.38 8.62
C GLY A 94 1.31 -16.40 7.80
N GLU A 95 0.58 -15.91 6.79
CA GLU A 95 -0.16 -16.76 5.87
C GLU A 95 0.73 -17.14 4.69
N GLY A 96 1.35 -16.12 4.08
CA GLY A 96 2.17 -16.35 2.91
C GLY A 96 2.64 -15.05 2.30
N ALA A 97 2.30 -14.85 1.02
CA ALA A 97 2.76 -13.71 0.26
C ALA A 97 1.65 -13.19 -0.64
N TYR A 98 1.35 -11.92 -0.46
CA TYR A 98 0.33 -11.24 -1.24
C TYR A 98 1.00 -10.21 -2.12
N GLN A 99 0.81 -10.31 -3.42
CA GLN A 99 1.48 -9.42 -4.36
C GLN A 99 0.63 -8.16 -4.59
N LEU A 100 1.01 -7.05 -3.97
CA LEU A 100 0.28 -5.81 -4.16
C LEU A 100 0.90 -5.04 -5.29
N ARG A 101 0.18 -4.94 -6.39
CA ARG A 101 0.67 -4.24 -7.54
C ARG A 101 -0.17 -2.99 -7.79
N CYS A 102 0.53 -1.86 -7.91
CA CYS A 102 -0.09 -0.59 -8.17
C CYS A 102 -0.34 -0.39 -9.65
N LEU A 103 -1.62 -0.26 -9.97
CA LEU A 103 -2.09 -0.17 -11.35
C LEU A 103 -2.78 1.14 -11.58
N GLY A 104 -2.80 1.58 -12.83
CA GLY A 104 -3.46 2.81 -13.17
C GLY A 104 -4.67 2.60 -14.03
N ALA A 105 -5.13 3.71 -14.63
CA ALA A 105 -6.15 3.73 -15.70
C ALA A 105 -7.56 3.33 -15.22
N VAL A 106 -7.79 3.49 -13.93
CA VAL A 106 -9.12 3.34 -13.35
C VAL A 106 -9.49 4.67 -12.71
N SER A 107 -10.12 5.53 -13.52
CA SER A 107 -10.33 6.94 -13.19
C SER A 107 -8.97 7.64 -13.04
N ALA A 108 -8.94 8.80 -12.40
CA ALA A 108 -7.68 9.46 -12.08
C ALA A 108 -7.84 10.28 -10.82
N SER A 109 -8.86 11.14 -10.83
CA SER A 109 -9.22 11.90 -9.65
C SER A 109 -10.26 11.15 -8.83
N GLY A 110 -9.78 10.17 -8.07
CA GLY A 110 -10.61 9.43 -7.14
C GLY A 110 -10.22 9.72 -5.71
N GLU A 111 -9.45 10.79 -5.53
CA GLU A 111 -8.96 11.17 -4.23
C GLU A 111 -9.93 12.14 -3.58
N ASP A 112 -11.03 11.59 -3.07
CA ASP A 112 -12.07 12.38 -2.44
C ASP A 112 -11.70 12.63 -0.99
N GLU A 113 -10.98 13.72 -0.76
CA GLU A 113 -10.50 14.05 0.55
C GLU A 113 -11.18 15.35 1.01
#